data_6HJ3
#
_entry.id   6HJ3
#
_cell.length_a   181.510
_cell.length_b   132.650
_cell.length_c   159.860
_cell.angle_alpha   90.00
_cell.angle_beta   102.08
_cell.angle_gamma   90.00
#
_symmetry.space_group_name_H-M   'C 1 2 1'
#
loop_
_entity.id
_entity.type
_entity.pdbx_description
1 polymer 'Proton-gated ion channel'
2 non-polymer 'DIUNDECYL PHOSPHATIDYL CHOLINE'
3 non-polymer 'CHLORIDE ION'
4 non-polymer 'SODIUM ION'
5 non-polymer DODECYL-BETA-D-MALTOSIDE
6 non-polymer 'FUMARIC ACID'
7 water water
#
_entity_poly.entity_id   1
_entity_poly.type   'polypeptide(L)'
_entity_poly.pdbx_seq_one_letter_code
;GQDMVSPPPPIADEPLTVNTGIYLIECYSLDDKAETFKVNAFLSLSWKDRRLAFDPVRSGVRVKTYEPEAIWIPEIRFVN
VENARDADVVDISVSPDGTVQYLERFSARVLSPLDFRRYPFDSQTLHIYLIVRSVDTRNIVLAVDLEKVGKNDDVFLTGW
DIESFTAVVKPANFALEDRLESKLDYQLRISRQYFSYIPNIILPMLFILFISWTAFWSTSYEANVTLVVSTLIAHIAFNI
LVETNLPKTPYMTYTGAIIFMIYLFYFVAVIEVTVQHYLKVESQPARAASITRASRIAFPVVFLLANIILAFLFFGF
;
_entity_poly.pdbx_strand_id   A,B,C,D,E
#
loop_
_chem_comp.id
_chem_comp.type
_chem_comp.name
_chem_comp.formula
CL non-polymer 'CHLORIDE ION' 'Cl -1'
FUM non-polymer 'FUMARIC ACID' 'C4 H4 O4'
LMT D-saccharide DODECYL-BETA-D-MALTOSIDE 'C24 H46 O11'
NA non-polymer 'SODIUM ION' 'Na 1'
PLC non-polymer 'DIUNDECYL PHOSPHATIDYL CHOLINE' 'C32 H65 N O8 P 1'
#
# COMPACT_ATOMS: atom_id res chain seq x y z
N VAL A 5 -9.15 -23.49 -37.26
CA VAL A 5 -9.00 -22.04 -37.20
C VAL A 5 -7.54 -21.62 -37.45
N SER A 6 -7.35 -20.96 -38.59
CA SER A 6 -6.09 -20.45 -39.14
C SER A 6 -6.40 -19.07 -39.78
N PRO A 7 -5.42 -18.23 -40.15
CA PRO A 7 -5.76 -16.91 -40.70
C PRO A 7 -6.46 -16.94 -42.05
N PRO A 8 -7.34 -15.96 -42.39
CA PRO A 8 -7.99 -15.97 -43.71
C PRO A 8 -6.97 -15.90 -44.84
N PRO A 9 -7.09 -16.73 -45.90
CA PRO A 9 -6.09 -16.71 -46.97
C PRO A 9 -6.22 -15.50 -47.90
N PRO A 10 -5.07 -14.97 -48.40
CA PRO A 10 -5.14 -13.78 -49.28
C PRO A 10 -5.59 -14.09 -50.69
N ILE A 11 -6.41 -13.18 -51.26
CA ILE A 11 -6.88 -13.27 -52.65
C ILE A 11 -5.69 -13.13 -53.61
N ALA A 12 -4.77 -12.20 -53.30
CA ALA A 12 -3.53 -11.96 -54.05
C ALA A 12 -2.35 -12.31 -53.13
N ASP A 13 -1.65 -11.27 -52.62
CA ASP A 13 -0.53 -11.36 -51.69
C ASP A 13 -0.59 -10.15 -50.73
N GLU A 14 -1.78 -9.50 -50.69
CA GLU A 14 -2.05 -8.33 -49.86
C GLU A 14 -2.08 -8.69 -48.35
N PRO A 15 -1.66 -7.77 -47.45
CA PRO A 15 -1.73 -8.09 -46.02
C PRO A 15 -3.18 -7.97 -45.52
N LEU A 16 -3.48 -8.64 -44.40
CA LEU A 16 -4.82 -8.59 -43.81
C LEU A 16 -4.96 -7.33 -42.94
N THR A 17 -5.94 -6.47 -43.26
CA THR A 17 -6.21 -5.22 -42.56
C THR A 17 -7.22 -5.43 -41.40
N VAL A 18 -6.77 -5.19 -40.16
CA VAL A 18 -7.63 -5.26 -38.98
C VAL A 18 -7.99 -3.83 -38.58
N ASN A 19 -9.25 -3.44 -38.80
CA ASN A 19 -9.74 -2.12 -38.41
C ASN A 19 -10.01 -2.13 -36.91
N THR A 20 -9.49 -1.11 -36.22
CA THR A 20 -9.56 -1.00 -34.78
C THR A 20 -10.26 0.27 -34.33
N GLY A 21 -10.73 0.23 -33.09
CA GLY A 21 -11.38 1.33 -32.38
C GLY A 21 -11.38 1.14 -30.87
N ILE A 22 -11.03 2.18 -30.14
CA ILE A 22 -11.04 2.20 -28.66
C ILE A 22 -12.04 3.27 -28.24
N TYR A 23 -13.02 2.88 -27.41
CA TYR A 23 -14.02 3.78 -26.85
C TYR A 23 -13.85 3.75 -25.33
N LEU A 24 -13.26 4.84 -24.72
CA LEU A 24 -13.02 4.93 -23.27
C LEU A 24 -14.32 5.04 -22.49
N ILE A 25 -14.44 4.20 -21.46
CA ILE A 25 -15.58 4.18 -20.54
C ILE A 25 -15.14 4.82 -19.22
N GLU A 26 -14.05 4.28 -18.63
CA GLU A 26 -13.45 4.79 -17.40
C GLU A 26 -11.97 5.08 -17.58
N CYS A 27 -11.54 6.24 -17.11
CA CYS A 27 -10.14 6.65 -17.05
C CYS A 27 -9.91 7.06 -15.64
N TYR A 28 -8.96 6.40 -14.98
CA TYR A 28 -8.71 6.60 -13.55
C TYR A 28 -7.23 6.35 -13.14
N SER A 29 -6.97 6.42 -11.82
CA SER A 29 -5.71 6.17 -11.13
C SER A 29 -4.42 6.55 -11.93
N LEU A 30 -4.33 7.87 -12.29
CA LEU A 30 -3.14 8.42 -12.91
C LEU A 30 -2.10 8.68 -11.78
N ASP A 31 -1.15 7.77 -11.64
CA ASP A 31 -0.05 7.79 -10.68
C ASP A 31 1.15 8.54 -11.31
N ASP A 32 1.46 9.75 -10.81
CA ASP A 32 2.58 10.56 -11.29
C ASP A 32 3.95 9.91 -11.00
N LYS A 33 4.11 9.37 -9.80
CA LYS A 33 5.34 8.71 -9.38
C LYS A 33 5.62 7.48 -10.23
N ALA A 34 4.58 6.68 -10.49
CA ALA A 34 4.65 5.43 -11.27
C ALA A 34 4.59 5.62 -12.78
N GLU A 35 4.09 6.81 -13.23
CA GLU A 35 3.85 7.21 -14.60
C GLU A 35 2.96 6.17 -15.26
N THR A 36 1.87 5.80 -14.55
CA THR A 36 0.85 4.85 -15.01
C THR A 36 -0.55 5.42 -14.83
N PHE A 37 -1.49 4.86 -15.57
CA PHE A 37 -2.92 5.17 -15.51
C PHE A 37 -3.72 3.89 -15.79
N LYS A 38 -4.89 3.80 -15.21
CA LYS A 38 -5.73 2.64 -15.42
C LYS A 38 -6.81 3.04 -16.43
N VAL A 39 -7.23 2.09 -17.24
CA VAL A 39 -8.22 2.33 -18.28
C VAL A 39 -9.21 1.17 -18.36
N ASN A 40 -10.49 1.50 -18.62
CA ASN A 40 -11.60 0.59 -18.85
C ASN A 40 -12.27 1.09 -20.16
N ALA A 41 -12.21 0.28 -21.25
CA ALA A 41 -12.67 0.71 -22.56
C ALA A 41 -13.21 -0.41 -23.42
N PHE A 42 -13.85 -0.02 -24.55
CA PHE A 42 -14.30 -0.97 -25.55
C PHE A 42 -13.20 -1.06 -26.59
N LEU A 43 -12.90 -2.27 -27.05
CA LEU A 43 -11.96 -2.51 -28.14
C LEU A 43 -12.80 -3.14 -29.20
N SER A 44 -12.84 -2.51 -30.37
CA SER A 44 -13.58 -3.00 -31.50
C SER A 44 -12.62 -3.40 -32.61
N LEU A 45 -12.78 -4.61 -33.16
CA LEU A 45 -11.95 -5.14 -34.25
C LEU A 45 -12.81 -5.58 -35.41
N SER A 46 -12.30 -5.40 -36.66
CA SER A 46 -13.02 -5.75 -37.88
C SER A 46 -12.07 -6.13 -39.01
N TRP A 47 -12.32 -7.27 -39.63
CA TRP A 47 -11.50 -7.80 -40.72
C TRP A 47 -12.39 -8.67 -41.61
N LYS A 48 -11.98 -8.87 -42.89
CA LYS A 48 -12.73 -9.71 -43.83
C LYS A 48 -12.16 -11.16 -43.82
N ASP A 49 -13.01 -12.15 -43.47
CA ASP A 49 -12.67 -13.56 -43.52
C ASP A 49 -13.60 -14.17 -44.58
N ARG A 50 -13.13 -14.24 -45.85
CA ARG A 50 -13.91 -14.74 -46.99
C ARG A 50 -14.50 -16.14 -46.77
N ARG A 51 -13.82 -17.01 -46.00
CA ARG A 51 -14.27 -18.36 -45.60
C ARG A 51 -15.60 -18.32 -44.82
N LEU A 52 -15.87 -17.20 -44.12
CA LEU A 52 -17.04 -16.94 -43.27
C LEU A 52 -18.24 -16.33 -44.01
N ALA A 53 -18.05 -15.90 -45.29
CA ALA A 53 -19.08 -15.34 -46.16
C ALA A 53 -20.21 -16.34 -46.40
N PHE A 54 -21.41 -15.80 -46.73
CA PHE A 54 -22.64 -16.56 -46.96
C PHE A 54 -23.63 -15.78 -47.82
N ASP A 55 -24.73 -16.44 -48.25
CA ASP A 55 -25.79 -15.82 -49.02
C ASP A 55 -26.93 -15.52 -48.02
N PRO A 56 -27.34 -14.24 -47.85
CA PRO A 56 -28.40 -13.94 -46.87
C PRO A 56 -29.79 -14.44 -47.29
N VAL A 57 -29.93 -14.84 -48.58
CA VAL A 57 -31.14 -15.37 -49.20
C VAL A 57 -31.33 -16.84 -48.74
N ARG A 58 -30.36 -17.73 -49.07
CA ARG A 58 -30.30 -19.16 -48.74
C ARG A 58 -30.41 -19.42 -47.25
N SER A 59 -29.53 -18.80 -46.46
CA SER A 59 -29.45 -18.94 -45.01
C SER A 59 -30.64 -18.29 -44.30
N GLY A 60 -31.14 -17.19 -44.86
CA GLY A 60 -32.27 -16.48 -44.28
C GLY A 60 -31.89 -15.39 -43.30
N VAL A 61 -30.65 -15.40 -42.80
CA VAL A 61 -30.13 -14.40 -41.83
C VAL A 61 -29.19 -13.40 -42.49
N ARG A 62 -29.22 -12.13 -42.04
CA ARG A 62 -28.36 -11.10 -42.62
C ARG A 62 -27.14 -10.85 -41.75
N VAL A 63 -27.03 -11.60 -40.64
CA VAL A 63 -25.97 -11.55 -39.64
C VAL A 63 -25.74 -12.93 -39.03
N LYS A 64 -24.49 -13.26 -38.71
CA LYS A 64 -24.18 -14.52 -38.05
C LYS A 64 -23.34 -14.25 -36.79
N THR A 65 -23.81 -14.75 -35.64
CA THR A 65 -23.11 -14.61 -34.36
C THR A 65 -22.31 -15.89 -34.05
N TYR A 66 -20.98 -15.76 -33.84
CA TYR A 66 -20.08 -16.86 -33.52
C TYR A 66 -19.45 -16.65 -32.15
N GLU A 67 -18.99 -17.74 -31.52
CA GLU A 67 -18.26 -17.75 -30.25
C GLU A 67 -16.77 -17.59 -30.58
N PRO A 68 -15.93 -16.97 -29.70
CA PRO A 68 -14.51 -16.76 -30.06
C PRO A 68 -13.76 -17.98 -30.63
N GLU A 69 -13.99 -19.16 -30.04
CA GLU A 69 -13.39 -20.45 -30.43
C GLU A 69 -13.76 -20.89 -31.83
N ALA A 70 -15.03 -20.69 -32.22
CA ALA A 70 -15.59 -21.05 -33.52
C ALA A 70 -14.86 -20.43 -34.72
N ILE A 71 -14.33 -19.20 -34.58
CA ILE A 71 -13.68 -18.50 -35.70
C ILE A 71 -12.26 -18.03 -35.38
N TRP A 72 -11.51 -17.64 -36.44
CA TRP A 72 -10.17 -17.11 -36.29
C TRP A 72 -10.27 -15.67 -35.82
N ILE A 73 -9.54 -15.35 -34.75
CA ILE A 73 -9.49 -14.01 -34.17
C ILE A 73 -8.03 -13.56 -34.07
N PRO A 74 -7.71 -12.35 -34.58
CA PRO A 74 -6.31 -11.88 -34.50
C PRO A 74 -5.84 -11.63 -33.07
N GLU A 75 -4.61 -12.10 -32.74
CA GLU A 75 -3.97 -11.91 -31.43
C GLU A 75 -3.49 -10.46 -31.35
N ILE A 76 -4.35 -9.60 -30.77
CA ILE A 76 -4.12 -8.17 -30.56
C ILE A 76 -3.63 -7.95 -29.12
N ARG A 77 -2.58 -7.17 -28.95
CA ARG A 77 -2.01 -6.84 -27.64
C ARG A 77 -1.75 -5.36 -27.54
N PHE A 78 -1.49 -4.91 -26.31
CA PHE A 78 -1.08 -3.54 -25.99
C PHE A 78 0.39 -3.58 -25.71
N VAL A 79 1.11 -2.59 -26.23
CA VAL A 79 2.55 -2.56 -26.02
C VAL A 79 2.88 -2.13 -24.57
N ASN A 80 2.42 -0.94 -24.16
CA ASN A 80 2.74 -0.29 -22.92
C ASN A 80 1.80 -0.63 -21.75
N VAL A 81 1.70 -1.91 -21.44
CA VAL A 81 0.89 -2.41 -20.33
C VAL A 81 1.77 -3.11 -19.32
N GLU A 82 1.30 -3.15 -18.07
CA GLU A 82 1.96 -3.82 -16.96
C GLU A 82 1.81 -5.34 -17.20
N ASN A 83 0.55 -5.78 -17.23
CA ASN A 83 0.16 -7.15 -17.50
C ASN A 83 -0.83 -7.10 -18.64
N ALA A 84 -1.09 -8.24 -19.29
CA ALA A 84 -2.07 -8.31 -20.37
C ALA A 84 -3.45 -7.89 -19.85
N ARG A 85 -4.18 -7.11 -20.67
CA ARG A 85 -5.51 -6.60 -20.39
C ARG A 85 -6.46 -7.70 -19.94
N ASP A 86 -7.35 -7.34 -19.03
CA ASP A 86 -8.38 -8.22 -18.55
C ASP A 86 -9.55 -7.88 -19.50
N ALA A 87 -9.86 -8.79 -20.45
CA ALA A 87 -10.90 -8.59 -21.47
C ALA A 87 -12.01 -9.59 -21.39
N ASP A 88 -13.20 -9.17 -21.77
CA ASP A 88 -14.42 -9.96 -21.87
C ASP A 88 -15.08 -9.60 -23.19
N VAL A 89 -15.23 -10.60 -24.10
CA VAL A 89 -15.84 -10.42 -25.41
C VAL A 89 -17.33 -10.07 -25.21
N VAL A 90 -17.78 -8.98 -25.87
CA VAL A 90 -19.15 -8.49 -25.84
C VAL A 90 -19.95 -9.12 -27.02
N ASP A 91 -19.38 -9.08 -28.24
CA ASP A 91 -20.05 -9.58 -29.43
C ASP A 91 -19.10 -9.83 -30.59
N ILE A 92 -19.45 -10.86 -31.40
CA ILE A 92 -18.80 -11.27 -32.65
C ILE A 92 -19.94 -11.47 -33.66
N SER A 93 -19.95 -10.67 -34.75
CA SER A 93 -20.97 -10.67 -35.78
C SER A 93 -20.37 -10.72 -37.21
N VAL A 94 -20.91 -11.58 -38.09
CA VAL A 94 -20.43 -11.73 -39.48
C VAL A 94 -21.52 -11.31 -40.45
N SER A 95 -21.15 -10.45 -41.40
CA SER A 95 -22.03 -9.97 -42.46
C SER A 95 -21.91 -10.92 -43.65
N PRO A 96 -22.90 -10.98 -44.59
CA PRO A 96 -22.80 -11.92 -45.72
C PRO A 96 -21.44 -11.97 -46.44
N ASP A 97 -20.75 -10.83 -46.60
CA ASP A 97 -19.43 -10.74 -47.27
C ASP A 97 -18.26 -11.31 -46.44
N GLY A 98 -18.54 -11.79 -45.24
CA GLY A 98 -17.50 -12.33 -44.37
C GLY A 98 -16.77 -11.28 -43.57
N THR A 99 -17.37 -10.09 -43.40
CA THR A 99 -16.78 -9.00 -42.60
C THR A 99 -17.14 -9.24 -41.15
N VAL A 100 -16.12 -9.59 -40.35
CA VAL A 100 -16.24 -9.87 -38.93
C VAL A 100 -16.25 -8.55 -38.15
N GLN A 101 -17.16 -8.46 -37.15
CA GLN A 101 -17.27 -7.33 -36.24
C GLN A 101 -17.21 -7.82 -34.81
N TYR A 102 -15.99 -7.67 -34.25
CA TYR A 102 -15.59 -8.06 -32.90
C TYR A 102 -15.70 -6.87 -31.94
N LEU A 103 -16.14 -7.15 -30.70
CA LEU A 103 -16.21 -6.16 -29.63
C LEU A 103 -15.92 -6.81 -28.29
N GLU A 104 -15.05 -6.18 -27.51
CA GLU A 104 -14.68 -6.62 -26.17
C GLU A 104 -14.61 -5.43 -25.27
N ARG A 105 -14.82 -5.64 -23.98
CA ARG A 105 -14.61 -4.60 -22.99
C ARG A 105 -13.40 -5.04 -22.16
N PHE A 106 -12.38 -4.18 -22.09
CA PHE A 106 -11.16 -4.51 -21.37
C PHE A 106 -10.86 -3.47 -20.28
N SER A 107 -9.89 -3.82 -19.43
CA SER A 107 -9.31 -2.98 -18.39
C SER A 107 -7.82 -3.27 -18.32
N ALA A 108 -6.98 -2.22 -18.37
CA ALA A 108 -5.54 -2.38 -18.32
C ALA A 108 -4.86 -1.23 -17.59
N ARG A 109 -3.68 -1.50 -16.99
CA ARG A 109 -2.81 -0.50 -16.35
C ARG A 109 -1.73 -0.23 -17.39
N VAL A 110 -1.77 0.99 -17.93
CA VAL A 110 -0.95 1.50 -19.01
C VAL A 110 0.27 2.27 -18.47
N LEU A 111 1.47 1.97 -18.96
CA LEU A 111 2.67 2.69 -18.57
C LEU A 111 2.94 3.69 -19.65
N SER A 112 2.69 4.97 -19.40
CA SER A 112 2.98 6.03 -20.35
C SER A 112 3.73 7.12 -19.58
N PRO A 113 5.00 7.44 -20.00
CA PRO A 113 5.79 8.46 -19.29
C PRO A 113 5.26 9.89 -19.37
N LEU A 114 5.58 10.66 -18.33
CA LEU A 114 5.13 12.05 -18.15
C LEU A 114 6.29 13.02 -18.11
N ASP A 115 6.06 14.25 -18.66
CA ASP A 115 7.03 15.34 -18.69
C ASP A 115 6.73 16.39 -17.59
N PHE A 116 7.44 16.25 -16.48
CA PHE A 116 7.23 17.05 -15.29
C PHE A 116 7.89 18.44 -15.27
N ARG A 117 8.62 18.81 -16.35
CA ARG A 117 9.31 20.10 -16.50
C ARG A 117 8.45 21.35 -16.09
N ARG A 118 7.19 21.42 -16.52
CA ARG A 118 6.30 22.57 -16.23
C ARG A 118 5.36 22.35 -15.03
N TYR A 119 5.57 21.27 -14.28
CA TYR A 119 4.74 20.92 -13.13
C TYR A 119 4.62 22.07 -12.09
N PRO A 120 3.39 22.36 -11.56
CA PRO A 120 2.10 21.72 -11.85
C PRO A 120 1.27 22.36 -12.97
N PHE A 121 1.90 23.12 -13.93
CA PHE A 121 1.23 23.79 -15.07
C PHE A 121 1.48 23.02 -16.36
N ASP A 122 1.63 21.71 -16.23
CA ASP A 122 1.96 20.80 -17.31
C ASP A 122 0.79 20.12 -17.94
N SER A 123 1.02 19.70 -19.19
CA SER A 123 0.08 18.93 -20.01
C SER A 123 0.80 17.67 -20.45
N GLN A 124 0.02 16.60 -20.69
CA GLN A 124 0.56 15.30 -21.08
C GLN A 124 -0.19 14.72 -22.25
N THR A 125 0.52 13.85 -23.01
CA THR A 125 -0.06 13.03 -24.07
C THR A 125 0.11 11.59 -23.61
N LEU A 126 -0.95 11.01 -23.09
CA LEU A 126 -0.92 9.62 -22.68
C LEU A 126 -1.04 8.73 -23.95
N HIS A 127 -0.32 7.60 -23.98
CA HIS A 127 -0.39 6.71 -25.14
C HIS A 127 -0.92 5.34 -24.81
N ILE A 128 -1.65 4.77 -25.75
CA ILE A 128 -2.16 3.40 -25.70
C ILE A 128 -1.74 2.83 -27.04
N TYR A 129 -0.73 1.95 -27.03
CA TYR A 129 -0.24 1.37 -28.27
C TYR A 129 -0.81 0.01 -28.53
N LEU A 130 -1.63 -0.10 -29.59
CA LEU A 130 -2.23 -1.35 -30.08
C LEU A 130 -1.22 -2.01 -31.02
N ILE A 131 -1.01 -3.32 -30.90
CA ILE A 131 -0.07 -4.04 -31.76
C ILE A 131 -0.63 -5.42 -32.23
N VAL A 132 -0.19 -5.85 -33.43
CA VAL A 132 -0.51 -7.15 -34.01
C VAL A 132 0.75 -7.78 -34.58
N ARG A 133 0.94 -9.06 -34.31
CA ARG A 133 2.10 -9.77 -34.85
C ARG A 133 1.68 -10.62 -36.05
N SER A 134 2.32 -10.38 -37.22
CA SER A 134 2.06 -11.15 -38.45
C SER A 134 2.40 -12.63 -38.27
N VAL A 135 1.57 -13.48 -38.86
CA VAL A 135 1.76 -14.92 -38.85
C VAL A 135 2.57 -15.38 -40.08
N ASP A 136 3.02 -16.65 -40.05
CA ASP A 136 3.82 -17.24 -41.14
C ASP A 136 3.06 -17.29 -42.46
N THR A 137 1.77 -17.62 -42.37
CA THR A 137 0.85 -17.76 -43.51
C THR A 137 0.59 -16.38 -44.16
N ARG A 138 0.29 -15.32 -43.37
CA ARG A 138 0.13 -13.98 -43.95
C ARG A 138 0.35 -12.84 -42.93
N ASN A 139 0.68 -11.67 -43.50
CA ASN A 139 0.99 -10.44 -42.81
C ASN A 139 -0.23 -9.65 -42.41
N ILE A 140 -0.26 -9.22 -41.13
CA ILE A 140 -1.39 -8.49 -40.55
C ILE A 140 -1.02 -7.03 -40.26
N VAL A 141 -1.88 -6.12 -40.73
CA VAL A 141 -1.74 -4.68 -40.64
C VAL A 141 -2.96 -4.05 -39.96
N LEU A 142 -2.71 -3.13 -39.01
CA LEU A 142 -3.74 -2.43 -38.25
C LEU A 142 -4.22 -1.14 -38.92
N ALA A 143 -5.50 -0.81 -38.75
CA ALA A 143 -6.12 0.38 -39.29
C ALA A 143 -7.00 1.01 -38.24
N VAL A 144 -7.32 2.31 -38.40
CA VAL A 144 -8.16 3.05 -37.48
C VAL A 144 -9.50 3.32 -38.13
N ASP A 145 -10.58 2.83 -37.51
CA ASP A 145 -11.96 3.11 -37.90
C ASP A 145 -12.36 4.29 -36.99
N LEU A 146 -12.23 5.54 -37.50
CA LEU A 146 -12.50 6.77 -36.71
C LEU A 146 -13.91 6.84 -36.14
N GLU A 147 -14.84 6.15 -36.78
CA GLU A 147 -16.24 6.02 -36.41
C GLU A 147 -16.40 5.26 -35.08
N LYS A 148 -15.38 4.48 -34.68
CA LYS A 148 -15.39 3.62 -33.50
C LYS A 148 -14.33 4.00 -32.43
N VAL A 149 -13.75 5.21 -32.57
CA VAL A 149 -12.79 5.79 -31.64
C VAL A 149 -13.50 6.96 -30.92
N GLY A 150 -13.50 6.92 -29.60
CA GLY A 150 -14.14 7.93 -28.77
C GLY A 150 -14.00 7.68 -27.29
N LYS A 151 -14.85 8.36 -26.47
CA LYS A 151 -14.89 8.30 -25.01
C LYS A 151 -16.23 8.87 -24.52
N ASN A 152 -16.75 8.41 -23.36
CA ASN A 152 -18.01 9.03 -22.94
C ASN A 152 -17.78 10.27 -22.13
N ASP A 153 -18.86 11.07 -21.98
CA ASP A 153 -18.88 12.35 -21.27
C ASP A 153 -18.47 12.19 -19.79
N ASP A 154 -18.97 11.13 -19.13
CA ASP A 154 -18.67 10.70 -17.76
C ASP A 154 -17.15 10.51 -17.47
N VAL A 155 -16.30 10.22 -18.51
CA VAL A 155 -14.85 9.99 -18.35
C VAL A 155 -14.22 11.19 -17.62
N PHE A 156 -13.83 10.92 -16.36
CA PHE A 156 -13.25 11.87 -15.42
C PHE A 156 -11.94 11.36 -14.88
N LEU A 157 -10.88 12.15 -15.01
CA LEU A 157 -9.58 11.81 -14.46
C LEU A 157 -9.34 12.88 -13.39
N THR A 158 -9.35 12.47 -12.10
CA THR A 158 -9.19 13.32 -10.90
C THR A 158 -7.94 14.19 -11.03
N GLY A 159 -8.13 15.52 -10.91
CA GLY A 159 -7.05 16.50 -10.98
C GLY A 159 -6.49 16.78 -12.36
N TRP A 160 -7.20 16.34 -13.39
CA TRP A 160 -6.83 16.51 -14.79
C TRP A 160 -8.02 16.90 -15.63
N ASP A 161 -7.76 17.62 -16.73
CA ASP A 161 -8.75 18.01 -17.73
C ASP A 161 -8.47 17.15 -18.96
N ILE A 162 -9.49 16.41 -19.44
CA ILE A 162 -9.33 15.55 -20.64
C ILE A 162 -9.61 16.40 -21.86
N GLU A 163 -8.56 16.64 -22.66
CA GLU A 163 -8.64 17.47 -23.86
C GLU A 163 -9.16 16.75 -25.12
N SER A 164 -8.52 15.62 -25.48
CA SER A 164 -8.81 14.86 -26.68
C SER A 164 -8.46 13.39 -26.47
N PHE A 165 -8.99 12.54 -27.36
CA PHE A 165 -8.67 11.12 -27.50
C PHE A 165 -8.79 10.84 -28.99
N THR A 166 -7.61 10.74 -29.64
CA THR A 166 -7.50 10.49 -31.08
C THR A 166 -6.46 9.40 -31.34
N ALA A 167 -6.53 8.82 -32.56
CA ALA A 167 -5.58 7.81 -33.00
C ALA A 167 -4.76 8.33 -34.18
N VAL A 168 -3.47 7.96 -34.18
CA VAL A 168 -2.55 8.27 -35.27
C VAL A 168 -2.85 7.13 -36.25
N VAL A 169 -3.68 7.48 -37.26
CA VAL A 169 -4.29 6.64 -38.32
C VAL A 169 -3.30 5.76 -39.11
N LYS A 170 -2.07 6.26 -39.35
CA LYS A 170 -1.03 5.52 -40.09
C LYS A 170 -0.25 4.66 -39.07
N PRO A 171 -0.35 3.31 -39.15
CA PRO A 171 0.39 2.46 -38.20
C PRO A 171 1.90 2.51 -38.42
N ALA A 172 2.68 2.30 -37.37
CA ALA A 172 4.13 2.27 -37.45
C ALA A 172 4.54 0.81 -37.61
N ASN A 173 4.53 0.30 -38.87
CA ASN A 173 4.89 -1.09 -39.20
C ASN A 173 6.39 -1.29 -39.04
N PHE A 174 6.86 -2.46 -38.55
CA PHE A 174 8.29 -2.74 -38.32
C PHE A 174 8.58 -4.21 -38.14
N ALA A 175 9.83 -4.60 -38.32
CA ALA A 175 10.26 -5.97 -38.14
C ALA A 175 10.79 -6.17 -36.73
N LEU A 176 10.31 -7.24 -36.09
CA LEU A 176 10.77 -7.69 -34.79
C LEU A 176 10.82 -9.22 -34.81
N GLU A 177 12.04 -9.77 -34.69
CA GLU A 177 12.37 -11.19 -34.72
C GLU A 177 11.87 -11.85 -36.02
N ASP A 178 12.30 -11.30 -37.17
CA ASP A 178 12.00 -11.74 -38.54
C ASP A 178 10.49 -11.74 -38.90
N ARG A 179 9.62 -11.18 -38.03
CA ARG A 179 8.19 -11.04 -38.29
C ARG A 179 7.74 -9.59 -38.20
N LEU A 180 6.76 -9.28 -38.99
CA LEU A 180 6.21 -7.95 -39.08
C LEU A 180 5.26 -7.70 -37.95
N GLU A 181 5.30 -6.45 -37.44
CA GLU A 181 4.44 -5.97 -36.38
C GLU A 181 3.84 -4.65 -36.80
N SER A 182 2.52 -4.48 -36.64
CA SER A 182 1.80 -3.26 -37.00
C SER A 182 1.33 -2.58 -35.71
N LYS A 183 1.85 -1.37 -35.43
CA LYS A 183 1.59 -0.64 -34.19
C LYS A 183 0.71 0.60 -34.39
N LEU A 184 -0.27 0.82 -33.51
CA LEU A 184 -1.15 1.99 -33.56
C LEU A 184 -1.03 2.85 -32.31
N ASP A 185 -1.01 4.17 -32.51
CA ASP A 185 -0.89 5.12 -31.42
C ASP A 185 -2.20 5.82 -31.10
N TYR A 186 -2.79 5.44 -29.95
CA TYR A 186 -4.00 6.08 -29.42
C TYR A 186 -3.49 7.08 -28.38
N GLN A 187 -3.68 8.38 -28.68
CA GLN A 187 -3.22 9.48 -27.84
C GLN A 187 -4.32 10.16 -27.08
N LEU A 188 -4.24 10.10 -25.74
CA LEU A 188 -5.17 10.75 -24.82
C LEU A 188 -4.50 12.02 -24.24
N ARG A 189 -4.97 13.18 -24.72
CA ARG A 189 -4.42 14.49 -24.33
C ARG A 189 -5.10 15.05 -23.10
N ILE A 190 -4.29 15.34 -22.08
CA ILE A 190 -4.76 15.81 -20.78
C ILE A 190 -3.92 17.00 -20.29
N SER A 191 -4.54 17.88 -19.48
CA SER A 191 -3.82 19.00 -18.86
C SER A 191 -4.18 19.10 -17.37
N ARG A 192 -3.15 19.27 -16.53
CA ARG A 192 -3.27 19.29 -15.08
C ARG A 192 -4.08 20.47 -14.57
N GLN A 193 -4.94 20.18 -13.57
CA GLN A 193 -5.76 21.15 -12.86
C GLN A 193 -4.87 21.69 -11.75
N TYR A 194 -4.14 22.76 -12.11
CA TYR A 194 -3.15 23.43 -11.28
C TYR A 194 -3.72 24.23 -10.08
N PHE A 195 -5.05 24.55 -10.06
CA PHE A 195 -5.75 25.34 -9.02
C PHE A 195 -5.27 25.07 -7.59
N SER A 196 -5.51 23.84 -7.08
CA SER A 196 -5.19 23.35 -5.74
C SER A 196 -3.83 23.75 -5.25
N TYR A 197 -2.80 23.62 -6.10
CA TYR A 197 -1.41 23.93 -5.77
C TYR A 197 -1.18 25.34 -5.23
N ILE A 198 -1.96 26.34 -5.71
CA ILE A 198 -1.87 27.74 -5.30
C ILE A 198 -2.22 27.89 -3.78
N PRO A 199 -3.43 27.57 -3.27
CA PRO A 199 -3.66 27.71 -1.80
C PRO A 199 -2.97 26.64 -0.92
N ASN A 200 -2.56 25.56 -1.53
CA ASN A 200 -2.02 24.40 -0.82
C ASN A 200 -0.55 24.40 -0.56
N ILE A 201 0.20 24.88 -1.58
CA ILE A 201 1.66 24.84 -1.61
C ILE A 201 2.26 26.18 -1.93
N ILE A 202 1.92 26.80 -3.08
CA ILE A 202 2.55 28.04 -3.56
C ILE A 202 2.36 29.18 -2.57
N LEU A 203 1.14 29.61 -2.28
CA LEU A 203 0.95 30.73 -1.36
C LEU A 203 1.45 30.44 0.07
N PRO A 204 1.16 29.27 0.73
CA PRO A 204 1.80 29.01 2.03
C PRO A 204 3.31 29.24 2.01
N MET A 205 3.98 28.70 0.98
CA MET A 205 5.42 28.82 0.78
C MET A 205 5.91 30.26 0.65
N LEU A 206 5.15 31.11 -0.08
CA LEU A 206 5.47 32.54 -0.24
C LEU A 206 5.27 33.31 1.04
N PHE A 207 4.18 33.00 1.79
CA PHE A 207 3.89 33.62 3.10
C PHE A 207 4.99 33.41 4.12
N ILE A 208 5.51 32.16 4.26
CA ILE A 208 6.60 31.88 5.20
C ILE A 208 7.86 32.65 4.76
N LEU A 209 8.17 32.70 3.46
CA LEU A 209 9.33 33.44 2.91
C LEU A 209 9.22 34.95 3.26
N PHE A 210 8.03 35.54 3.05
CA PHE A 210 7.77 36.93 3.39
C PHE A 210 7.87 37.17 4.87
N ILE A 211 7.41 36.22 5.72
CA ILE A 211 7.57 36.29 7.19
C ILE A 211 9.07 36.39 7.53
N SER A 212 9.92 35.58 6.87
CA SER A 212 11.38 35.62 7.11
C SER A 212 11.96 37.01 6.82
N TRP A 213 11.37 37.74 5.85
CA TRP A 213 11.85 39.07 5.44
C TRP A 213 11.54 40.18 6.44
N THR A 214 10.69 39.90 7.44
CA THR A 214 10.42 40.87 8.51
C THR A 214 11.68 41.08 9.37
N ALA A 215 12.70 40.19 9.28
CA ALA A 215 13.97 40.29 10.00
C ALA A 215 14.76 41.52 9.52
N PHE A 216 14.40 42.04 8.32
CA PHE A 216 15.04 43.24 7.76
C PHE A 216 14.51 44.53 8.41
N TRP A 217 13.52 44.43 9.30
CA TRP A 217 12.95 45.55 10.05
C TRP A 217 13.16 45.30 11.56
N SER A 218 14.17 44.45 11.89
CA SER A 218 14.53 44.06 13.26
C SER A 218 16.03 44.13 13.48
N THR A 219 16.39 44.65 14.67
CA THR A 219 17.77 44.80 15.17
C THR A 219 18.13 43.67 16.15
N SER A 220 17.11 42.86 16.58
CA SER A 220 17.22 41.73 17.48
C SER A 220 17.75 40.46 16.80
N TYR A 221 19.06 40.15 16.96
CA TYR A 221 19.68 38.94 16.43
C TYR A 221 18.98 37.68 16.86
N GLU A 222 18.63 37.59 18.14
CA GLU A 222 17.97 36.41 18.69
C GLU A 222 16.61 36.16 17.99
N ALA A 223 15.81 37.24 17.80
CA ALA A 223 14.51 37.15 17.09
C ALA A 223 14.69 36.80 15.60
N ASN A 224 15.67 37.41 14.93
CA ASN A 224 15.98 37.21 13.51
C ASN A 224 16.37 35.78 13.25
N VAL A 225 17.20 35.21 14.13
CA VAL A 225 17.65 33.81 14.05
C VAL A 225 16.41 32.91 14.10
N THR A 226 15.50 33.16 15.05
CA THR A 226 14.26 32.43 15.28
C THR A 226 13.37 32.49 14.04
N LEU A 227 13.23 33.70 13.47
CA LEU A 227 12.43 33.95 12.28
C LEU A 227 12.92 33.20 11.07
N VAL A 228 14.20 33.33 10.74
CA VAL A 228 14.78 32.77 9.52
C VAL A 228 15.03 31.24 9.62
N VAL A 229 15.27 30.74 10.82
CA VAL A 229 15.51 29.32 11.01
C VAL A 229 14.18 28.53 11.03
N SER A 230 13.14 29.17 11.56
CA SER A 230 11.84 28.55 11.67
C SER A 230 11.15 28.46 10.36
N THR A 231 11.16 29.57 9.60
CA THR A 231 10.57 29.64 8.25
C THR A 231 11.33 28.67 7.34
N LEU A 232 12.68 28.54 7.50
CA LEU A 232 13.46 27.56 6.75
C LEU A 232 12.98 26.14 6.99
N ILE A 233 12.67 25.81 8.24
CA ILE A 233 12.17 24.49 8.61
C ILE A 233 10.83 24.23 7.95
N ALA A 234 9.92 25.23 8.02
CA ALA A 234 8.59 25.16 7.37
C ALA A 234 8.75 24.98 5.85
N HIS A 235 9.75 25.62 5.24
CA HIS A 235 10.04 25.46 3.83
C HIS A 235 10.52 24.02 3.52
N ILE A 236 11.40 23.44 4.36
CA ILE A 236 11.87 22.05 4.19
C ILE A 236 10.65 21.09 4.18
N ALA A 237 9.64 21.35 5.07
CA ALA A 237 8.38 20.60 5.17
C ALA A 237 7.61 20.57 3.84
N PHE A 238 7.51 21.75 3.17
CA PHE A 238 6.85 21.85 1.86
C PHE A 238 7.65 21.14 0.78
N ASN A 239 8.99 21.31 0.79
CA ASN A 239 9.90 20.62 -0.15
C ASN A 239 9.70 19.09 -0.08
N ILE A 240 9.77 18.51 1.17
CA ILE A 240 9.57 17.08 1.34
C ILE A 240 8.20 16.64 0.83
N LEU A 241 7.12 17.38 1.21
CA LEU A 241 5.73 17.12 0.76
C LEU A 241 5.66 17.03 -0.76
N VAL A 242 6.24 18.06 -1.43
CA VAL A 242 6.26 18.13 -2.90
C VAL A 242 7.03 16.95 -3.49
N GLU A 243 8.22 16.63 -2.95
CA GLU A 243 9.02 15.58 -3.54
C GLU A 243 8.43 14.21 -3.29
N THR A 244 7.51 14.04 -2.29
CA THR A 244 6.79 12.76 -2.10
C THR A 244 5.71 12.55 -3.18
N ASN A 245 5.11 13.63 -3.73
CA ASN A 245 4.07 13.60 -4.79
C ASN A 245 4.65 13.44 -6.21
N LEU A 246 5.97 13.46 -6.36
CA LEU A 246 6.63 13.46 -7.67
C LEU A 246 7.71 12.41 -7.83
N PRO A 247 7.97 11.93 -9.06
CA PRO A 247 9.12 11.02 -9.24
C PRO A 247 10.46 11.80 -9.34
N LYS A 248 11.58 11.07 -9.19
CA LYS A 248 12.91 11.61 -9.32
C LYS A 248 13.25 11.73 -10.85
N THR A 249 13.23 12.98 -11.34
CA THR A 249 13.51 13.34 -12.72
C THR A 249 14.99 13.68 -12.97
N PRO A 250 15.56 13.30 -14.15
CA PRO A 250 16.97 13.69 -14.44
C PRO A 250 17.09 15.14 -14.93
N TYR A 251 16.01 15.93 -14.74
CA TYR A 251 15.88 17.32 -15.13
C TYR A 251 15.24 18.10 -14.01
N MET A 252 15.28 19.41 -14.10
CA MET A 252 14.64 20.28 -13.11
C MET A 252 13.20 20.51 -13.51
N THR A 253 12.31 20.52 -12.54
CA THR A 253 10.91 20.85 -12.76
C THR A 253 10.71 22.30 -12.32
N TYR A 254 9.59 22.89 -12.71
CA TYR A 254 9.33 24.28 -12.40
C TYR A 254 9.26 24.56 -10.91
N THR A 255 8.43 23.78 -10.21
CA THR A 255 8.21 23.81 -8.76
C THR A 255 9.50 23.48 -8.02
N GLY A 256 10.24 22.50 -8.54
CA GLY A 256 11.50 22.06 -7.99
C GLY A 256 12.52 23.17 -7.93
N ALA A 257 12.65 23.92 -9.06
CA ALA A 257 13.55 25.07 -9.22
C ALA A 257 13.21 26.24 -8.27
N ILE A 258 11.91 26.65 -8.23
CA ILE A 258 11.40 27.66 -7.31
C ILE A 258 11.78 27.24 -5.90
N ILE A 259 11.37 26.00 -5.48
CA ILE A 259 11.69 25.48 -4.15
C ILE A 259 13.17 25.56 -3.87
N PHE A 260 14.03 25.16 -4.84
CA PHE A 260 15.50 25.18 -4.66
C PHE A 260 16.06 26.60 -4.44
N MET A 261 15.63 27.54 -5.28
CA MET A 261 16.00 28.93 -5.25
C MET A 261 15.67 29.59 -3.90
N ILE A 262 14.50 29.25 -3.31
CA ILE A 262 14.08 29.79 -2.01
C ILE A 262 15.08 29.39 -0.91
N TYR A 263 15.73 28.20 -1.01
CA TYR A 263 16.79 27.80 -0.05
C TYR A 263 17.90 28.86 -0.06
N LEU A 264 18.33 29.31 -1.29
CA LEU A 264 19.39 30.30 -1.47
C LEU A 264 19.02 31.64 -0.82
N PHE A 265 17.75 32.08 -0.98
CA PHE A 265 17.21 33.29 -0.33
C PHE A 265 17.32 33.19 1.19
N TYR A 266 16.99 32.00 1.78
CA TYR A 266 17.09 31.76 3.23
C TYR A 266 18.54 31.80 3.69
N PHE A 267 19.43 31.23 2.88
CA PHE A 267 20.85 31.20 3.15
C PHE A 267 21.42 32.61 3.20
N VAL A 268 21.13 33.44 2.17
CA VAL A 268 21.59 34.83 2.12
C VAL A 268 20.97 35.67 3.28
N ALA A 269 19.69 35.48 3.61
CA ALA A 269 19.09 36.19 4.75
C ALA A 269 19.79 35.81 6.07
N VAL A 270 20.25 34.55 6.23
CA VAL A 270 21.02 34.18 7.41
C VAL A 270 22.34 34.97 7.40
N ILE A 271 23.05 35.05 6.22
CA ILE A 271 24.28 35.85 6.08
C ILE A 271 23.98 37.31 6.47
N GLU A 272 22.89 37.91 5.96
CA GLU A 272 22.52 39.29 6.26
C GLU A 272 22.32 39.53 7.76
N VAL A 273 21.50 38.70 8.38
CA VAL A 273 21.21 38.73 9.81
C VAL A 273 22.51 38.63 10.67
N THR A 274 23.46 37.79 10.23
CA THR A 274 24.76 37.53 10.86
C THR A 274 25.64 38.78 10.73
N VAL A 275 25.74 39.33 9.51
CA VAL A 275 26.52 40.52 9.17
C VAL A 275 26.04 41.72 10.00
N GLN A 276 24.72 41.98 10.02
CA GLN A 276 24.09 43.05 10.79
C GLN A 276 24.46 42.95 12.28
N HIS A 277 24.42 41.75 12.88
CA HIS A 277 24.76 41.53 14.30
C HIS A 277 26.24 41.80 14.59
N TYR A 278 27.12 41.21 13.76
CA TYR A 278 28.57 41.32 13.88
C TYR A 278 28.98 42.81 13.92
N LEU A 279 28.48 43.61 12.95
CA LEU A 279 28.75 45.05 12.83
C LEU A 279 28.27 45.77 14.05
N LYS A 280 27.02 45.57 14.45
CA LYS A 280 26.41 46.13 15.66
C LYS A 280 27.32 45.87 16.91
N VAL A 281 27.78 44.61 17.08
CA VAL A 281 28.69 44.22 18.16
C VAL A 281 30.11 44.90 18.02
N GLU A 282 30.60 45.10 16.76
CA GLU A 282 31.88 45.72 16.39
C GLU A 282 31.77 47.24 16.50
N SER A 283 30.64 47.70 17.06
CA SER A 283 30.26 49.08 17.28
C SER A 283 30.20 49.90 16.01
N GLN A 284 29.65 49.31 14.93
CA GLN A 284 29.41 50.06 13.70
C GLN A 284 27.97 49.78 13.20
N PRO A 285 26.96 50.30 13.95
CA PRO A 285 25.55 50.11 13.55
C PRO A 285 25.16 50.95 12.35
N ALA A 286 25.99 51.88 11.93
CA ALA A 286 25.69 52.71 10.77
C ALA A 286 25.82 51.87 9.49
N ARG A 287 26.83 50.96 9.40
CA ARG A 287 27.06 50.08 8.24
C ARG A 287 25.94 49.02 8.20
N ALA A 288 25.67 48.40 9.38
CA ALA A 288 24.66 47.41 9.57
C ALA A 288 23.32 47.97 9.13
N ALA A 289 23.03 49.23 9.51
CA ALA A 289 21.79 49.93 9.16
C ALA A 289 21.60 50.12 7.69
N SER A 290 22.69 50.39 6.96
CA SER A 290 22.60 50.64 5.51
C SER A 290 22.44 49.35 4.72
N ILE A 291 23.01 48.24 5.24
CA ILE A 291 22.90 46.91 4.65
C ILE A 291 21.45 46.42 4.80
N THR A 292 20.90 46.55 6.01
CA THR A 292 19.53 46.13 6.36
C THR A 292 18.51 46.91 5.53
N ARG A 293 18.75 48.22 5.32
CA ARG A 293 17.89 49.08 4.52
C ARG A 293 17.87 48.66 3.04
N ALA A 294 19.05 48.24 2.52
CA ALA A 294 19.21 47.75 1.15
C ALA A 294 18.49 46.40 0.99
N SER A 295 18.66 45.49 1.99
CA SER A 295 18.06 44.17 2.04
C SER A 295 16.55 44.22 1.88
N ARG A 296 15.91 45.22 2.53
CA ARG A 296 14.46 45.48 2.48
C ARG A 296 13.93 45.58 1.06
N ILE A 297 14.72 46.18 0.15
CA ILE A 297 14.37 46.31 -1.28
C ILE A 297 14.95 45.15 -2.08
N ALA A 298 16.28 44.90 -1.96
CA ALA A 298 17.02 43.86 -2.70
C ALA A 298 16.39 42.46 -2.65
N PHE A 299 16.06 41.95 -1.44
CA PHE A 299 15.43 40.63 -1.29
C PHE A 299 14.14 40.49 -2.12
N PRO A 300 13.08 41.34 -1.94
CA PRO A 300 11.90 41.22 -2.83
C PRO A 300 12.19 41.45 -4.33
N VAL A 301 13.03 42.46 -4.68
CA VAL A 301 13.33 42.79 -6.08
C VAL A 301 14.00 41.61 -6.80
N VAL A 302 15.06 41.06 -6.18
CA VAL A 302 15.82 39.90 -6.71
C VAL A 302 14.92 38.69 -6.76
N PHE A 303 14.06 38.53 -5.77
CA PHE A 303 13.12 37.40 -5.76
C PHE A 303 12.19 37.46 -6.96
N LEU A 304 11.54 38.62 -7.16
CA LEU A 304 10.63 38.91 -8.26
C LEU A 304 11.33 38.74 -9.62
N LEU A 305 12.56 39.26 -9.79
CA LEU A 305 13.30 39.10 -11.07
C LEU A 305 13.69 37.66 -11.37
N ALA A 306 14.26 36.95 -10.37
CA ALA A 306 14.68 35.54 -10.46
C ALA A 306 13.51 34.65 -10.92
N ASN A 307 12.32 34.92 -10.35
CA ASN A 307 11.09 34.22 -10.69
C ASN A 307 10.66 34.48 -12.13
N ILE A 308 10.78 35.75 -12.61
CA ILE A 308 10.47 36.13 -14.00
C ILE A 308 11.41 35.36 -14.91
N ILE A 309 12.74 35.40 -14.63
CA ILE A 309 13.75 34.65 -15.37
C ILE A 309 13.41 33.16 -15.42
N LEU A 310 13.05 32.55 -14.25
CA LEU A 310 12.66 31.13 -14.14
C LEU A 310 11.46 30.78 -15.01
N ALA A 311 10.33 31.52 -14.83
CA ALA A 311 9.08 31.37 -15.58
C ALA A 311 9.34 31.52 -17.05
N PHE A 312 10.21 32.48 -17.41
CA PHE A 312 10.58 32.69 -18.79
C PHE A 312 11.26 31.45 -19.33
N LEU A 313 12.23 30.88 -18.59
CA LEU A 313 12.94 29.66 -19.00
C LEU A 313 12.04 28.44 -19.13
N PHE A 314 11.07 28.29 -18.24
CA PHE A 314 10.17 27.14 -18.30
C PHE A 314 8.95 27.29 -19.22
N PHE A 315 8.46 28.52 -19.52
CA PHE A 315 7.25 28.69 -20.35
C PHE A 315 7.38 29.73 -21.44
N VAL B 5 -27.22 -21.63 -27.69
CA VAL B 5 -27.64 -20.52 -26.85
C VAL B 5 -27.50 -19.18 -27.61
N SER B 6 -28.65 -18.57 -27.92
CA SER B 6 -28.86 -17.31 -28.64
C SER B 6 -30.03 -16.56 -27.95
N PRO B 7 -30.31 -15.27 -28.22
CA PRO B 7 -31.40 -14.60 -27.48
C PRO B 7 -32.81 -15.10 -27.77
N PRO B 8 -33.75 -15.03 -26.80
CA PRO B 8 -35.12 -15.50 -27.08
C PRO B 8 -35.78 -14.70 -28.20
N PRO B 9 -36.50 -15.38 -29.13
CA PRO B 9 -37.10 -14.67 -30.26
C PRO B 9 -38.34 -13.87 -29.87
N PRO B 10 -38.57 -12.69 -30.51
CA PRO B 10 -39.75 -11.88 -30.15
C PRO B 10 -41.05 -12.41 -30.72
N ILE B 11 -42.13 -12.34 -29.91
CA ILE B 11 -43.48 -12.75 -30.32
C ILE B 11 -43.98 -11.81 -31.43
N ALA B 12 -43.71 -10.49 -31.28
CA ALA B 12 -44.05 -9.44 -32.25
C ALA B 12 -42.72 -8.87 -32.80
N ASP B 13 -42.39 -7.65 -32.37
CA ASP B 13 -41.16 -6.92 -32.71
C ASP B 13 -40.71 -6.10 -31.47
N GLU B 14 -41.27 -6.46 -30.30
CA GLU B 14 -41.00 -5.82 -29.02
C GLU B 14 -39.55 -6.10 -28.53
N PRO B 15 -38.91 -5.14 -27.81
CA PRO B 15 -37.58 -5.42 -27.26
C PRO B 15 -37.70 -6.36 -26.07
N LEU B 16 -36.61 -7.09 -25.72
CA LEU B 16 -36.61 -7.98 -24.56
C LEU B 16 -36.37 -7.18 -23.27
N THR B 17 -37.32 -7.26 -22.33
CA THR B 17 -37.26 -6.57 -21.04
C THR B 17 -36.59 -7.43 -19.97
N VAL B 18 -35.43 -6.94 -19.46
CA VAL B 18 -34.71 -7.58 -18.37
C VAL B 18 -34.98 -6.78 -17.10
N ASN B 19 -35.77 -7.38 -16.19
CA ASN B 19 -36.09 -6.77 -14.90
C ASN B 19 -34.90 -7.01 -13.97
N THR B 20 -34.45 -5.91 -13.35
CA THR B 20 -33.27 -5.90 -12.50
C THR B 20 -33.58 -5.47 -11.08
N GLY B 21 -32.65 -5.83 -10.19
CA GLY B 21 -32.67 -5.50 -8.77
C GLY B 21 -31.31 -5.67 -8.12
N ILE B 22 -30.92 -4.68 -7.31
CA ILE B 22 -29.65 -4.71 -6.55
C ILE B 22 -30.04 -4.64 -5.07
N TYR B 23 -29.56 -5.60 -4.27
CA TYR B 23 -29.78 -5.61 -2.83
C TYR B 23 -28.39 -5.56 -2.18
N LEU B 24 -28.01 -4.40 -1.58
CA LEU B 24 -26.70 -4.21 -0.92
C LEU B 24 -26.55 -5.03 0.35
N ILE B 25 -25.46 -5.77 0.44
CA ILE B 25 -25.12 -6.58 1.61
C ILE B 25 -24.01 -5.86 2.41
N GLU B 26 -22.91 -5.55 1.72
CA GLU B 26 -21.77 -4.85 2.30
C GLU B 26 -21.41 -3.63 1.46
N CYS B 27 -21.16 -2.53 2.15
CA CYS B 27 -20.72 -1.27 1.57
C CYS B 27 -19.55 -0.89 2.40
N TYR B 28 -18.40 -0.74 1.76
CA TYR B 28 -17.14 -0.47 2.44
C TYR B 28 -16.15 0.35 1.57
N SER B 29 -14.92 0.55 2.12
CA SER B 29 -13.78 1.22 1.53
C SER B 29 -14.12 2.41 0.58
N LEU B 30 -14.86 3.42 1.13
CA LEU B 30 -15.12 4.67 0.44
C LEU B 30 -13.84 5.54 0.55
N ASP B 31 -13.02 5.52 -0.52
CA ASP B 31 -11.78 6.25 -0.70
C ASP B 31 -12.10 7.65 -1.28
N ASP B 32 -11.91 8.70 -0.45
CA ASP B 32 -12.14 10.09 -0.85
C ASP B 32 -11.17 10.57 -1.95
N LYS B 33 -9.88 10.20 -1.78
CA LYS B 33 -8.82 10.57 -2.69
C LYS B 33 -9.07 9.93 -4.06
N ALA B 34 -9.46 8.64 -4.06
CA ALA B 34 -9.70 7.84 -5.27
C ALA B 34 -11.09 8.02 -5.87
N GLU B 35 -12.03 8.56 -5.07
CA GLU B 35 -13.44 8.73 -5.41
C GLU B 35 -14.05 7.39 -5.84
N THR B 36 -13.77 6.37 -5.03
CA THR B 36 -14.25 5.00 -5.23
C THR B 36 -14.81 4.44 -3.93
N PHE B 37 -15.60 3.37 -4.07
CA PHE B 37 -16.19 2.59 -2.98
C PHE B 37 -16.32 1.15 -3.41
N LYS B 38 -16.24 0.23 -2.47
CA LYS B 38 -16.34 -1.18 -2.77
C LYS B 38 -17.75 -1.60 -2.37
N VAL B 39 -18.34 -2.51 -3.15
CA VAL B 39 -19.72 -2.94 -2.91
C VAL B 39 -19.84 -4.45 -3.07
N ASN B 40 -20.63 -5.07 -2.18
CA ASN B 40 -20.95 -6.51 -2.17
C ASN B 40 -22.46 -6.59 -2.11
N ALA B 41 -23.10 -7.10 -3.19
CA ALA B 41 -24.55 -7.08 -3.31
C ALA B 41 -25.14 -8.22 -4.10
N PHE B 42 -26.48 -8.34 -4.04
CA PHE B 42 -27.21 -9.32 -4.86
C PHE B 42 -27.63 -8.61 -6.11
N LEU B 43 -27.48 -9.27 -7.25
CA LEU B 43 -27.97 -8.77 -8.53
C LEU B 43 -29.00 -9.79 -8.98
N SER B 44 -30.23 -9.34 -9.15
CA SER B 44 -31.31 -10.20 -9.56
C SER B 44 -31.78 -9.81 -10.95
N LEU B 45 -31.89 -10.80 -11.86
CA LEU B 45 -32.33 -10.56 -13.22
C LEU B 45 -33.51 -11.45 -13.55
N SER B 46 -34.44 -10.95 -14.39
CA SER B 46 -35.63 -11.68 -14.81
C SER B 46 -36.10 -11.30 -16.21
N TRP B 47 -36.22 -12.32 -17.06
CA TRP B 47 -36.66 -12.21 -18.46
C TRP B 47 -37.44 -13.46 -18.86
N LYS B 48 -38.23 -13.38 -19.96
CA LYS B 48 -38.98 -14.54 -20.48
C LYS B 48 -38.22 -15.12 -21.67
N ASP B 49 -37.99 -16.43 -21.64
CA ASP B 49 -37.39 -17.21 -22.72
C ASP B 49 -38.34 -18.39 -22.98
N ARG B 50 -39.39 -18.17 -23.82
CA ARG B 50 -40.41 -19.18 -24.17
C ARG B 50 -39.81 -20.54 -24.63
N ARG B 51 -38.59 -20.54 -25.22
CA ARG B 51 -37.89 -21.77 -25.61
C ARG B 51 -37.59 -22.70 -24.42
N LEU B 52 -37.60 -22.14 -23.20
CA LEU B 52 -37.35 -22.89 -21.95
C LEU B 52 -38.64 -23.40 -21.29
N ALA B 53 -39.81 -23.15 -21.94
CA ALA B 53 -41.12 -23.55 -21.43
C ALA B 53 -41.22 -25.05 -21.30
N PHE B 54 -41.89 -25.49 -20.23
CA PHE B 54 -42.05 -26.92 -19.95
C PHE B 54 -43.41 -27.24 -19.30
N ASP B 55 -43.80 -28.53 -19.34
CA ASP B 55 -45.00 -29.05 -18.70
C ASP B 55 -44.52 -29.72 -17.40
N PRO B 56 -44.96 -29.23 -16.21
CA PRO B 56 -44.51 -29.85 -14.95
C PRO B 56 -45.06 -31.26 -14.73
N VAL B 57 -46.14 -31.59 -15.47
CA VAL B 57 -46.79 -32.91 -15.48
C VAL B 57 -45.78 -33.89 -16.08
N ARG B 58 -45.20 -33.49 -17.22
CA ARG B 58 -44.22 -34.28 -17.93
C ARG B 58 -42.83 -34.21 -17.26
N SER B 59 -42.31 -32.99 -16.97
CA SER B 59 -40.99 -32.78 -16.37
C SER B 59 -40.86 -33.23 -14.91
N GLY B 60 -41.98 -33.39 -14.21
CA GLY B 60 -42.02 -33.83 -12.82
C GLY B 60 -41.75 -32.76 -11.77
N VAL B 61 -41.26 -31.57 -12.18
CA VAL B 61 -40.97 -30.48 -11.27
C VAL B 61 -41.67 -29.18 -11.72
N ARG B 62 -42.20 -28.42 -10.74
CA ARG B 62 -42.94 -27.17 -10.91
C ARG B 62 -42.07 -26.01 -11.37
N VAL B 63 -40.79 -26.03 -10.98
CA VAL B 63 -39.77 -25.03 -11.31
C VAL B 63 -38.50 -25.80 -11.69
N LYS B 64 -37.85 -25.42 -12.80
CA LYS B 64 -36.61 -26.03 -13.26
C LYS B 64 -35.43 -25.18 -12.84
N THR B 65 -34.27 -25.82 -12.59
CA THR B 65 -33.01 -25.17 -12.25
C THR B 65 -32.01 -25.44 -13.36
N TYR B 66 -31.35 -24.38 -13.86
CA TYR B 66 -30.37 -24.52 -14.93
C TYR B 66 -29.01 -24.00 -14.51
N GLU B 67 -27.93 -24.49 -15.16
CA GLU B 67 -26.57 -24.00 -14.92
C GLU B 67 -26.38 -22.86 -15.93
N PRO B 68 -25.58 -21.80 -15.62
CA PRO B 68 -25.46 -20.66 -16.55
C PRO B 68 -25.19 -20.99 -18.02
N GLU B 69 -24.31 -21.97 -18.28
CA GLU B 69 -23.90 -22.45 -19.59
C GLU B 69 -25.05 -23.07 -20.39
N ALA B 70 -25.92 -23.84 -19.70
CA ALA B 70 -27.08 -24.52 -20.27
C ALA B 70 -28.08 -23.60 -20.97
N ILE B 71 -28.25 -22.35 -20.49
CA ILE B 71 -29.24 -21.43 -21.07
C ILE B 71 -28.65 -20.07 -21.49
N TRP B 72 -29.44 -19.27 -22.27
CA TRP B 72 -29.08 -17.93 -22.68
C TRP B 72 -29.25 -17.00 -21.49
N ILE B 73 -28.19 -16.24 -21.16
CA ILE B 73 -28.19 -15.27 -20.09
C ILE B 73 -27.74 -13.91 -20.65
N PRO B 74 -28.50 -12.81 -20.37
CA PRO B 74 -28.11 -11.50 -20.92
C PRO B 74 -26.80 -10.99 -20.35
N GLU B 75 -25.93 -10.44 -21.24
CA GLU B 75 -24.62 -9.87 -20.87
C GLU B 75 -24.89 -8.52 -20.26
N ILE B 76 -24.99 -8.51 -18.91
CA ILE B 76 -25.21 -7.34 -18.06
C ILE B 76 -23.85 -6.91 -17.49
N ARG B 77 -23.57 -5.60 -17.56
CA ARG B 77 -22.33 -5.03 -17.04
C ARG B 77 -22.65 -3.79 -16.24
N PHE B 78 -21.63 -3.31 -15.50
CA PHE B 78 -21.67 -2.07 -14.76
C PHE B 78 -20.85 -1.07 -15.55
N VAL B 79 -21.35 0.17 -15.66
CA VAL B 79 -20.62 1.20 -16.39
C VAL B 79 -19.39 1.68 -15.60
N ASN B 80 -19.63 2.22 -14.39
CA ASN B 80 -18.63 2.86 -13.55
C ASN B 80 -17.89 1.94 -12.59
N VAL B 81 -17.26 0.93 -13.14
CA VAL B 81 -16.43 -0.01 -12.39
C VAL B 81 -15.00 0.07 -12.84
N GLU B 82 -14.09 -0.31 -11.94
CA GLU B 82 -12.66 -0.39 -12.20
C GLU B 82 -12.43 -1.59 -13.15
N ASN B 83 -12.80 -2.77 -12.68
CA ASN B 83 -12.71 -4.02 -13.39
C ASN B 83 -14.08 -4.64 -13.33
N ALA B 84 -14.32 -5.65 -14.19
CA ALA B 84 -15.61 -6.34 -14.20
C ALA B 84 -15.82 -7.00 -12.83
N ARG B 85 -17.07 -6.89 -12.31
CA ARG B 85 -17.52 -7.46 -11.04
C ARG B 85 -17.14 -8.94 -10.91
N ASP B 86 -16.81 -9.32 -9.69
CA ASP B 86 -16.47 -10.66 -9.31
C ASP B 86 -17.85 -11.19 -8.86
N ALA B 87 -18.49 -12.03 -9.69
CA ALA B 87 -19.82 -12.58 -9.44
C ALA B 87 -19.81 -14.09 -9.28
N ASP B 88 -20.73 -14.57 -8.44
CA ASP B 88 -20.98 -15.97 -8.21
C ASP B 88 -22.49 -16.13 -8.28
N VAL B 89 -22.98 -16.94 -9.25
CA VAL B 89 -24.40 -17.22 -9.45
C VAL B 89 -24.91 -18.02 -8.25
N VAL B 90 -26.01 -17.52 -7.65
CA VAL B 90 -26.69 -18.13 -6.50
C VAL B 90 -27.77 -19.10 -7.01
N ASP B 91 -28.61 -18.65 -7.98
CA ASP B 91 -29.69 -19.47 -8.51
C ASP B 91 -30.21 -18.98 -9.86
N ILE B 92 -30.63 -19.95 -10.71
CA ILE B 92 -31.29 -19.77 -11.99
C ILE B 92 -32.51 -20.71 -11.93
N SER B 93 -33.69 -20.10 -11.88
CA SER B 93 -34.96 -20.79 -11.74
C SER B 93 -35.91 -20.47 -12.89
N VAL B 94 -36.26 -21.51 -13.68
CA VAL B 94 -37.14 -21.40 -14.83
C VAL B 94 -38.56 -21.93 -14.48
N SER B 95 -39.58 -21.10 -14.75
CA SER B 95 -40.97 -21.46 -14.50
C SER B 95 -41.60 -21.96 -15.83
N PRO B 96 -42.70 -22.80 -15.80
CA PRO B 96 -43.24 -23.40 -17.05
C PRO B 96 -43.53 -22.49 -18.25
N ASP B 97 -43.75 -21.19 -18.05
CA ASP B 97 -44.02 -20.24 -19.13
C ASP B 97 -42.76 -19.77 -19.86
N GLY B 98 -41.62 -20.06 -19.26
CA GLY B 98 -40.32 -19.66 -19.77
C GLY B 98 -39.72 -18.49 -19.02
N THR B 99 -40.33 -18.04 -17.87
CA THR B 99 -39.79 -16.94 -17.06
C THR B 99 -38.58 -17.36 -16.24
N VAL B 100 -37.42 -16.77 -16.60
CA VAL B 100 -36.12 -17.00 -15.97
C VAL B 100 -35.92 -16.03 -14.77
N GLN B 101 -35.59 -16.61 -13.58
CA GLN B 101 -35.26 -15.87 -12.36
C GLN B 101 -33.82 -16.18 -11.97
N TYR B 102 -32.94 -15.21 -12.31
CA TYR B 102 -31.52 -15.22 -12.10
C TYR B 102 -31.15 -14.46 -10.83
N LEU B 103 -30.18 -14.99 -10.08
CA LEU B 103 -29.63 -14.34 -8.89
C LEU B 103 -28.14 -14.62 -8.74
N GLU B 104 -27.37 -13.57 -8.52
CA GLU B 104 -25.94 -13.67 -8.30
C GLU B 104 -25.55 -12.79 -7.18
N ARG B 105 -24.45 -13.11 -6.51
CA ARG B 105 -23.87 -12.21 -5.52
C ARG B 105 -22.56 -11.71 -6.10
N PHE B 106 -22.40 -10.41 -6.20
CA PHE B 106 -21.19 -9.81 -6.78
C PHE B 106 -20.48 -8.89 -5.80
N SER B 107 -19.27 -8.47 -6.17
CA SER B 107 -18.43 -7.49 -5.50
C SER B 107 -17.70 -6.68 -6.58
N ALA B 108 -17.77 -5.35 -6.47
CA ALA B 108 -17.11 -4.48 -7.44
C ALA B 108 -16.57 -3.20 -6.78
N ARG B 109 -15.52 -2.58 -7.38
CA ARG B 109 -15.00 -1.26 -6.97
C ARG B 109 -15.58 -0.26 -7.96
N VAL B 110 -16.52 0.53 -7.47
CA VAL B 110 -17.27 1.49 -8.21
C VAL B 110 -16.59 2.86 -8.19
N LEU B 111 -16.45 3.51 -9.37
CA LEU B 111 -15.88 4.85 -9.50
C LEU B 111 -17.04 5.81 -9.60
N SER B 112 -17.33 6.51 -8.52
CA SER B 112 -18.36 7.51 -8.52
C SER B 112 -17.76 8.80 -7.91
N PRO B 113 -17.72 9.92 -8.70
CA PRO B 113 -17.13 11.19 -8.20
C PRO B 113 -17.86 11.85 -7.03
N LEU B 114 -17.09 12.59 -6.23
CA LEU B 114 -17.54 13.27 -5.02
C LEU B 114 -17.36 14.78 -5.09
N ASP B 115 -18.28 15.53 -4.42
CA ASP B 115 -18.27 16.99 -4.35
C ASP B 115 -17.79 17.46 -2.96
N PHE B 116 -16.48 17.80 -2.85
CA PHE B 116 -15.86 18.16 -1.58
C PHE B 116 -16.04 19.62 -1.12
N ARG B 117 -16.75 20.46 -1.92
CA ARG B 117 -17.01 21.87 -1.62
C ARG B 117 -17.41 22.16 -0.14
N ARG B 118 -18.29 21.35 0.44
CA ARG B 118 -18.79 21.55 1.80
C ARG B 118 -18.06 20.69 2.85
N TYR B 119 -16.98 19.99 2.43
CA TYR B 119 -16.22 19.11 3.30
C TYR B 119 -15.74 19.79 4.60
N PRO B 120 -15.89 19.13 5.78
CA PRO B 120 -16.44 17.79 6.01
C PRO B 120 -17.94 17.74 6.34
N PHE B 121 -18.73 18.77 5.97
CA PHE B 121 -20.20 18.82 6.22
C PHE B 121 -20.97 18.52 4.92
N ASP B 122 -20.39 17.67 4.05
CA ASP B 122 -20.86 17.31 2.72
C ASP B 122 -21.64 16.01 2.67
N SER B 123 -22.48 15.92 1.62
CA SER B 123 -23.31 14.77 1.31
C SER B 123 -23.02 14.37 -0.15
N GLN B 124 -23.21 13.08 -0.46
CA GLN B 124 -22.90 12.52 -1.77
C GLN B 124 -24.01 11.65 -2.27
N THR B 125 -24.14 11.55 -3.62
CA THR B 125 -25.02 10.59 -4.30
C THR B 125 -24.10 9.66 -5.06
N LEU B 126 -23.88 8.49 -4.50
CA LEU B 126 -23.08 7.47 -5.16
C LEU B 126 -23.93 6.80 -6.27
N HIS B 127 -23.32 6.47 -7.42
CA HIS B 127 -24.07 5.82 -8.49
C HIS B 127 -23.51 4.46 -8.83
N ILE B 128 -24.41 3.56 -9.24
CA ILE B 128 -24.11 2.22 -9.74
C ILE B 128 -24.92 2.15 -11.00
N TYR B 129 -24.25 2.22 -12.16
CA TYR B 129 -24.95 2.16 -13.44
C TYR B 129 -24.92 0.80 -14.04
N LEU B 130 -26.11 0.19 -14.16
CA LEU B 130 -26.34 -1.11 -14.81
C LEU B 130 -26.54 -0.88 -16.28
N ILE B 131 -25.89 -1.68 -17.15
CA ILE B 131 -26.05 -1.52 -18.61
C ILE B 131 -26.21 -2.89 -19.34
N VAL B 132 -26.91 -2.85 -20.49
CA VAL B 132 -27.09 -3.99 -21.39
C VAL B 132 -26.90 -3.52 -22.83
N ARG B 133 -26.11 -4.25 -23.61
CA ARG B 133 -25.95 -3.90 -25.01
C ARG B 133 -26.82 -4.86 -25.86
N SER B 134 -27.71 -4.26 -26.69
CA SER B 134 -28.61 -4.98 -27.59
C SER B 134 -27.84 -5.81 -28.61
N VAL B 135 -28.38 -6.99 -28.94
CA VAL B 135 -27.80 -7.88 -29.92
C VAL B 135 -28.40 -7.62 -31.31
N ASP B 136 -27.76 -8.20 -32.35
CA ASP B 136 -28.22 -8.03 -33.73
C ASP B 136 -29.62 -8.59 -33.98
N THR B 137 -29.90 -9.74 -33.35
CA THR B 137 -31.16 -10.47 -33.44
C THR B 137 -32.30 -9.66 -32.79
N ARG B 138 -32.11 -9.13 -31.55
CA ARG B 138 -33.12 -8.27 -30.94
C ARG B 138 -32.56 -7.32 -29.86
N ASN B 139 -33.30 -6.23 -29.65
CA ASN B 139 -33.01 -5.16 -28.74
C ASN B 139 -33.38 -5.49 -27.32
N ILE B 140 -32.44 -5.20 -26.37
CA ILE B 140 -32.61 -5.48 -24.94
C ILE B 140 -32.73 -4.21 -24.15
N VAL B 141 -33.75 -4.18 -23.31
CA VAL B 141 -34.14 -3.06 -22.47
C VAL B 141 -34.14 -3.47 -20.98
N LEU B 142 -33.62 -2.60 -20.13
CA LEU B 142 -33.58 -2.83 -18.69
C LEU B 142 -34.78 -2.21 -17.99
N ALA B 143 -35.22 -2.87 -16.91
CA ALA B 143 -36.34 -2.45 -16.08
C ALA B 143 -35.94 -2.61 -14.61
N VAL B 144 -36.64 -1.89 -13.73
CA VAL B 144 -36.40 -1.95 -12.29
C VAL B 144 -37.59 -2.66 -11.63
N ASP B 145 -37.31 -3.78 -10.94
CA ASP B 145 -38.28 -4.51 -10.14
C ASP B 145 -38.03 -3.96 -8.71
N LEU B 146 -38.83 -2.95 -8.29
CA LEU B 146 -38.69 -2.27 -6.99
C LEU B 146 -38.76 -3.20 -5.78
N GLU B 147 -39.42 -4.33 -5.95
CA GLU B 147 -39.57 -5.39 -4.97
C GLU B 147 -38.22 -6.07 -4.66
N LYS B 148 -37.24 -5.93 -5.57
CA LYS B 148 -35.93 -6.59 -5.49
C LYS B 148 -34.74 -5.60 -5.38
N VAL B 149 -35.06 -4.32 -5.07
CA VAL B 149 -34.09 -3.25 -4.84
C VAL B 149 -34.14 -2.88 -3.33
N GLY B 150 -33.00 -2.94 -2.67
CA GLY B 150 -32.87 -2.66 -1.25
C GLY B 150 -31.45 -2.79 -0.71
N LYS B 151 -31.31 -2.89 0.63
CA LYS B 151 -30.04 -3.00 1.38
C LYS B 151 -30.32 -3.52 2.79
N ASN B 152 -29.38 -4.25 3.42
CA ASN B 152 -29.71 -4.69 4.78
C ASN B 152 -29.32 -3.63 5.79
N ASP B 153 -29.88 -3.75 7.00
CA ASP B 153 -29.70 -2.81 8.11
C ASP B 153 -28.23 -2.77 8.62
N ASP B 154 -27.52 -3.93 8.57
CA ASP B 154 -26.09 -4.11 8.86
C ASP B 154 -25.17 -3.20 8.00
N VAL B 155 -25.60 -2.82 6.75
CA VAL B 155 -24.81 -2.00 5.80
C VAL B 155 -24.30 -0.75 6.50
N PHE B 156 -22.98 -0.73 6.75
CA PHE B 156 -22.25 0.31 7.47
C PHE B 156 -21.10 0.82 6.61
N LEU B 157 -21.07 2.11 6.40
CA LEU B 157 -19.96 2.74 5.68
C LEU B 157 -19.31 3.64 6.72
N THR B 158 -18.06 3.27 7.15
CA THR B 158 -17.26 3.94 8.17
C THR B 158 -17.16 5.44 7.88
N GLY B 159 -17.56 6.28 8.84
CA GLY B 159 -17.52 7.72 8.73
C GLY B 159 -18.61 8.36 7.88
N TRP B 160 -19.63 7.57 7.52
CA TRP B 160 -20.75 8.02 6.71
C TRP B 160 -22.06 7.53 7.25
N ASP B 161 -23.13 8.27 6.93
CA ASP B 161 -24.51 7.90 7.26
C ASP B 161 -25.18 7.51 5.94
N ILE B 162 -25.74 6.30 5.84
CA ILE B 162 -26.42 5.84 4.62
C ILE B 162 -27.86 6.31 4.68
N GLU B 163 -28.23 7.21 3.81
CA GLU B 163 -29.57 7.81 3.76
C GLU B 163 -30.61 7.00 3.00
N SER B 164 -30.29 6.60 1.74
CA SER B 164 -31.20 5.91 0.85
C SER B 164 -30.44 5.12 -0.24
N PHE B 165 -31.13 4.12 -0.82
CA PHE B 165 -30.66 3.35 -1.97
C PHE B 165 -31.89 3.11 -2.81
N THR B 166 -31.98 3.84 -3.91
CA THR B 166 -33.11 3.78 -4.85
C THR B 166 -32.62 3.71 -6.30
N ALA B 167 -33.48 3.27 -7.21
CA ALA B 167 -33.19 3.21 -8.63
C ALA B 167 -34.09 4.18 -9.41
N VAL B 168 -33.48 4.83 -10.42
CA VAL B 168 -34.14 5.69 -11.39
C VAL B 168 -34.70 4.67 -12.40
N VAL B 169 -36.00 4.36 -12.21
CA VAL B 169 -36.83 3.37 -12.89
C VAL B 169 -36.83 3.45 -14.42
N LYS B 170 -36.76 4.66 -14.99
CA LYS B 170 -36.76 4.89 -16.45
C LYS B 170 -35.29 4.77 -16.93
N PRO B 171 -34.97 3.73 -17.76
CA PRO B 171 -33.60 3.59 -18.25
C PRO B 171 -33.21 4.64 -19.27
N ALA B 172 -31.90 4.87 -19.41
CA ALA B 172 -31.34 5.75 -20.43
C ALA B 172 -31.04 4.88 -21.67
N ASN B 173 -31.91 4.92 -22.68
CA ASN B 173 -31.70 4.14 -23.90
C ASN B 173 -31.04 5.02 -24.95
N PHE B 174 -29.85 4.62 -25.41
CA PHE B 174 -29.04 5.42 -26.33
C PHE B 174 -28.26 4.55 -27.28
N ALA B 175 -27.79 5.15 -28.37
CA ALA B 175 -27.00 4.45 -29.38
C ALA B 175 -25.53 4.62 -29.11
N LEU B 176 -24.78 3.52 -29.18
CA LEU B 176 -23.34 3.52 -29.03
C LEU B 176 -22.77 2.46 -29.94
N GLU B 177 -21.95 2.89 -30.92
CA GLU B 177 -21.24 2.06 -31.89
C GLU B 177 -22.20 1.15 -32.64
N ASP B 178 -23.18 1.79 -33.31
CA ASP B 178 -24.20 1.17 -34.18
C ASP B 178 -25.16 0.20 -33.46
N ARG B 179 -25.20 0.24 -32.12
CA ARG B 179 -26.10 -0.61 -31.34
C ARG B 179 -26.71 0.15 -30.18
N LEU B 180 -27.79 -0.39 -29.64
CA LEU B 180 -28.56 0.20 -28.56
C LEU B 180 -28.09 -0.29 -27.21
N GLU B 181 -28.03 0.65 -26.24
CA GLU B 181 -27.69 0.41 -24.85
C GLU B 181 -28.78 0.94 -23.95
N SER B 182 -29.13 0.14 -22.92
CA SER B 182 -30.15 0.45 -21.92
C SER B 182 -29.43 0.56 -20.57
N LYS B 183 -29.40 1.79 -20.00
CA LYS B 183 -28.66 2.10 -18.77
C LYS B 183 -29.59 2.38 -17.59
N LEU B 184 -29.28 1.83 -16.41
CA LEU B 184 -30.03 2.08 -15.19
C LEU B 184 -29.21 2.77 -14.09
N ASP B 185 -29.84 3.75 -13.41
CA ASP B 185 -29.17 4.50 -12.35
C ASP B 185 -29.60 4.09 -10.96
N TYR B 186 -28.71 3.36 -10.26
CA TYR B 186 -28.92 2.99 -8.87
C TYR B 186 -28.16 4.03 -8.04
N GLN B 187 -28.91 4.84 -7.28
CA GLN B 187 -28.39 5.94 -6.47
C GLN B 187 -28.36 5.66 -4.97
N LEU B 188 -27.13 5.63 -4.40
CA LEU B 188 -26.89 5.44 -2.98
C LEU B 188 -26.55 6.79 -2.31
N ARG B 189 -27.52 7.34 -1.55
CA ARG B 189 -27.39 8.64 -0.88
C ARG B 189 -26.75 8.52 0.50
N ILE B 190 -25.65 9.24 0.70
CA ILE B 190 -24.89 9.20 1.93
C ILE B 190 -24.52 10.61 2.41
N SER B 191 -24.33 10.79 3.73
CA SER B 191 -23.88 12.06 4.31
C SER B 191 -22.80 11.82 5.35
N ARG B 192 -21.73 12.62 5.26
CA ARG B 192 -20.54 12.49 6.09
C ARG B 192 -20.79 12.74 7.57
N GLN B 193 -20.17 11.89 8.43
CA GLN B 193 -20.19 12.01 9.88
C GLN B 193 -19.05 12.96 10.22
N TYR B 194 -19.42 14.26 10.25
CA TYR B 194 -18.53 15.38 10.50
C TYR B 194 -17.97 15.50 11.94
N PHE B 195 -18.57 14.80 12.96
CA PHE B 195 -18.20 14.84 14.39
C PHE B 195 -16.69 14.91 14.64
N SER B 196 -15.97 13.83 14.29
CA SER B 196 -14.53 13.62 14.47
C SER B 196 -13.68 14.81 14.15
N TYR B 197 -13.98 15.47 13.02
CA TYR B 197 -13.25 16.67 12.53
C TYR B 197 -13.14 17.80 13.53
N ILE B 198 -14.19 18.02 14.36
CA ILE B 198 -14.24 19.07 15.37
C ILE B 198 -13.12 18.87 16.47
N PRO B 199 -13.08 17.77 17.27
CA PRO B 199 -11.97 17.62 18.22
C PRO B 199 -10.59 17.25 17.61
N ASN B 200 -10.56 16.71 16.37
CA ASN B 200 -9.33 16.21 15.75
C ASN B 200 -8.53 17.21 14.94
N ILE B 201 -9.25 18.18 14.32
CA ILE B 201 -8.69 19.15 13.39
C ILE B 201 -9.14 20.56 13.70
N ILE B 202 -10.48 20.85 13.68
CA ILE B 202 -11.00 22.20 13.83
C ILE B 202 -10.60 22.85 15.15
N LEU B 203 -10.99 22.31 16.31
CA LEU B 203 -10.63 22.92 17.60
C LEU B 203 -9.11 22.95 17.85
N PRO B 204 -8.31 21.87 17.64
CA PRO B 204 -6.85 22.04 17.77
C PRO B 204 -6.31 23.25 16.99
N MET B 205 -6.74 23.40 15.75
CA MET B 205 -6.37 24.51 14.86
C MET B 205 -6.76 25.88 15.37
N LEU B 206 -7.95 26.01 16.01
CA LEU B 206 -8.42 27.26 16.60
C LEU B 206 -7.65 27.61 17.85
N PHE B 207 -7.34 26.60 18.69
CA PHE B 207 -6.55 26.76 19.91
C PHE B 207 -5.16 27.31 19.63
N ILE B 208 -4.45 26.77 18.60
CA ILE B 208 -3.12 27.29 18.25
C ILE B 208 -3.23 28.75 17.76
N LEU B 209 -4.25 29.05 16.94
CA LEU B 209 -4.49 30.41 16.43
C LEU B 209 -4.70 31.41 17.59
N PHE B 210 -5.54 31.03 18.58
CA PHE B 210 -5.80 31.83 19.77
C PHE B 210 -4.55 31.99 20.63
N ILE B 211 -3.69 30.95 20.72
CA ILE B 211 -2.38 31.01 21.40
C ILE B 211 -1.54 32.11 20.74
N SER B 212 -1.49 32.14 19.40
CA SER B 212 -0.75 33.17 18.66
C SER B 212 -1.22 34.59 19.03
N TRP B 213 -2.52 34.77 19.36
CA TRP B 213 -3.11 36.08 19.69
C TRP B 213 -2.71 36.61 21.07
N THR B 214 -2.07 35.78 21.90
CA THR B 214 -1.57 36.22 23.20
C THR B 214 -0.39 37.19 23.02
N ALA B 215 0.21 37.26 21.80
CA ALA B 215 1.29 38.19 21.46
C ALA B 215 0.77 39.63 21.50
N PHE B 216 -0.57 39.82 21.44
CA PHE B 216 -1.18 41.15 21.50
C PHE B 216 -1.22 41.70 22.95
N TRP B 217 -0.82 40.89 23.95
CA TRP B 217 -0.73 41.26 25.36
C TRP B 217 0.74 41.14 25.82
N SER B 218 1.68 41.21 24.85
CA SER B 218 3.12 41.12 25.07
C SER B 218 3.90 42.21 24.32
N THR B 219 4.90 42.76 24.99
CA THR B 219 5.82 43.80 24.52
C THR B 219 7.17 43.19 24.13
N SER B 220 7.37 41.87 24.45
CA SER B 220 8.56 41.10 24.13
C SER B 220 8.59 40.59 22.67
N TYR B 221 9.34 41.27 21.78
CA TYR B 221 9.47 40.86 20.37
C TYR B 221 9.98 39.43 20.24
N GLU B 222 11.00 39.07 21.03
CA GLU B 222 11.61 37.73 20.96
C GLU B 222 10.56 36.64 21.29
N ALA B 223 9.73 36.87 22.35
CA ALA B 223 8.65 35.97 22.72
C ALA B 223 7.54 35.90 21.65
N ASN B 224 7.13 37.06 21.12
CA ASN B 224 6.08 37.18 20.09
C ASN B 224 6.45 36.45 18.83
N VAL B 225 7.72 36.57 18.41
CA VAL B 225 8.27 35.88 17.24
C VAL B 225 8.13 34.37 17.46
N THR B 226 8.51 33.87 18.65
CA THR B 226 8.43 32.46 19.04
C THR B 226 6.99 31.96 19.00
N LEU B 227 6.07 32.78 19.53
CA LEU B 227 4.65 32.48 19.58
C LEU B 227 4.02 32.33 18.22
N VAL B 228 4.20 33.34 17.36
CA VAL B 228 3.56 33.39 16.04
C VAL B 228 4.23 32.48 15.01
N VAL B 229 5.50 32.22 15.17
CA VAL B 229 6.21 31.35 14.22
C VAL B 229 5.93 29.89 14.54
N SER B 230 5.80 29.58 15.83
CA SER B 230 5.60 28.20 16.27
C SER B 230 4.20 27.74 16.00
N THR B 231 3.20 28.60 16.28
CA THR B 231 1.79 28.29 16.00
C THR B 231 1.60 28.16 14.50
N LEU B 232 2.31 29.00 13.69
CA LEU B 232 2.27 28.89 12.24
C LEU B 232 2.77 27.51 11.77
N ILE B 233 3.85 27.01 12.39
CA ILE B 233 4.38 25.70 12.05
C ILE B 233 3.35 24.59 12.35
N ALA B 234 2.71 24.69 13.57
CA ALA B 234 1.66 23.74 13.99
C ALA B 234 0.49 23.78 13.01
N HIS B 235 0.20 24.95 12.43
CA HIS B 235 -0.88 25.08 11.45
C HIS B 235 -0.50 24.41 10.11
N ILE B 236 0.77 24.57 9.73
CA ILE B 236 1.25 23.92 8.50
C ILE B 236 1.06 22.40 8.63
N ALA B 237 1.35 21.81 9.83
CA ALA B 237 1.19 20.39 10.18
C ALA B 237 -0.26 19.92 9.97
N PHE B 238 -1.24 20.72 10.43
CA PHE B 238 -2.67 20.41 10.24
C PHE B 238 -3.05 20.50 8.78
N ASN B 239 -2.58 21.55 8.08
CA ASN B 239 -2.83 21.75 6.64
C ASN B 239 -2.34 20.52 5.83
N ILE B 240 -1.07 20.10 6.04
CA ILE B 240 -0.55 18.91 5.36
C ILE B 240 -1.40 17.69 5.64
N LEU B 241 -1.75 17.44 6.95
CA LEU B 241 -2.61 16.32 7.40
C LEU B 241 -3.91 16.30 6.61
N VAL B 242 -4.59 17.47 6.59
CA VAL B 242 -5.87 17.61 5.87
C VAL B 242 -5.70 17.32 4.38
N GLU B 243 -4.67 17.91 3.73
CA GLU B 243 -4.53 17.74 2.29
C GLU B 243 -4.10 16.32 1.93
N THR B 244 -3.55 15.52 2.88
CA THR B 244 -3.26 14.09 2.62
C THR B 244 -4.55 13.26 2.59
N ASN B 245 -5.60 13.64 3.35
CA ASN B 245 -6.91 12.94 3.41
C ASN B 245 -7.87 13.32 2.26
N LEU B 246 -7.47 14.27 1.40
CA LEU B 246 -8.36 14.79 0.34
C LEU B 246 -7.73 14.79 -1.02
N PRO B 247 -8.55 14.68 -2.11
CA PRO B 247 -7.96 14.82 -3.45
C PRO B 247 -7.77 16.30 -3.83
N LYS B 248 -6.97 16.53 -4.87
CA LYS B 248 -6.69 17.85 -5.42
C LYS B 248 -7.90 18.28 -6.26
N THR B 249 -8.72 19.19 -5.72
CA THR B 249 -9.92 19.70 -6.38
C THR B 249 -9.66 20.99 -7.21
N PRO B 250 -10.32 21.14 -8.39
CA PRO B 250 -10.16 22.39 -9.17
C PRO B 250 -10.99 23.56 -8.60
N TYR B 251 -11.49 23.40 -7.37
CA TYR B 251 -12.32 24.34 -6.64
C TYR B 251 -11.86 24.41 -5.19
N MET B 252 -12.37 25.38 -4.45
CA MET B 252 -12.03 25.50 -3.03
C MET B 252 -13.02 24.70 -2.21
N THR B 253 -12.54 24.05 -1.16
CA THR B 253 -13.39 23.32 -0.23
C THR B 253 -13.54 24.20 1.00
N TYR B 254 -14.52 23.87 1.84
CA TYR B 254 -14.83 24.66 3.02
C TYR B 254 -13.64 24.73 4.00
N THR B 255 -13.14 23.55 4.39
CA THR B 255 -11.99 23.35 5.26
C THR B 255 -10.75 23.98 4.64
N GLY B 256 -10.62 23.86 3.34
CA GLY B 256 -9.50 24.42 2.60
C GLY B 256 -9.46 25.92 2.68
N ALA B 257 -10.64 26.58 2.52
CA ALA B 257 -10.83 28.04 2.59
C ALA B 257 -10.38 28.54 3.96
N ILE B 258 -10.99 27.99 5.04
CA ILE B 258 -10.68 28.28 6.45
C ILE B 258 -9.20 28.15 6.71
N ILE B 259 -8.64 26.96 6.41
CA ILE B 259 -7.21 26.67 6.56
C ILE B 259 -6.36 27.73 5.85
N PHE B 260 -6.74 28.13 4.61
CA PHE B 260 -5.97 29.15 3.85
C PHE B 260 -6.05 30.57 4.49
N MET B 261 -7.27 31.00 4.85
CA MET B 261 -7.56 32.28 5.48
C MET B 261 -6.75 32.46 6.77
N ILE B 262 -6.64 31.38 7.58
CA ILE B 262 -5.87 31.43 8.83
C ILE B 262 -4.40 31.83 8.54
N TYR B 263 -3.81 31.43 7.35
CA TYR B 263 -2.43 31.82 6.98
C TYR B 263 -2.32 33.33 6.87
N LEU B 264 -3.37 33.98 6.34
CA LEU B 264 -3.41 35.43 6.22
C LEU B 264 -3.41 36.08 7.60
N PHE B 265 -4.16 35.50 8.56
CA PHE B 265 -4.19 35.94 9.96
C PHE B 265 -2.80 35.85 10.60
N TYR B 266 -2.05 34.73 10.37
CA TYR B 266 -0.68 34.51 10.86
C TYR B 266 0.27 35.52 10.27
N PHE B 267 0.10 35.82 8.96
CA PHE B 267 0.91 36.77 8.22
C PHE B 267 0.74 38.18 8.79
N VAL B 268 -0.53 38.64 8.95
CA VAL B 268 -0.82 39.94 9.53
C VAL B 268 -0.34 40.05 11.00
N ALA B 269 -0.49 39.00 11.82
CA ALA B 269 0.04 39.02 13.18
C ALA B 269 1.58 39.18 13.19
N VAL B 270 2.28 38.58 12.20
CA VAL B 270 3.73 38.80 12.11
C VAL B 270 3.99 40.29 11.78
N ILE B 271 3.23 40.88 10.82
CA ILE B 271 3.33 42.31 10.51
C ILE B 271 3.11 43.14 11.79
N GLU B 272 2.04 42.84 12.56
CA GLU B 272 1.70 43.57 13.77
C GLU B 272 2.84 43.53 14.79
N VAL B 273 3.32 42.34 15.10
CA VAL B 273 4.44 42.07 16.02
C VAL B 273 5.72 42.86 15.61
N THR B 274 5.98 42.95 14.29
CA THR B 274 7.12 43.64 13.67
C THR B 274 6.95 45.15 13.84
N VAL B 275 5.75 45.67 13.49
CA VAL B 275 5.39 47.09 13.59
C VAL B 275 5.54 47.58 15.03
N GLN B 276 4.95 46.84 15.99
CA GLN B 276 5.03 47.13 17.41
C GLN B 276 6.49 47.25 17.90
N HIS B 277 7.38 46.34 17.49
CA HIS B 277 8.80 46.34 17.87
C HIS B 277 9.55 47.53 17.28
N TYR B 278 9.38 47.76 15.97
CA TYR B 278 10.01 48.85 15.24
C TYR B 278 9.73 50.20 15.93
N LEU B 279 8.43 50.48 16.24
CA LEU B 279 8.00 51.71 16.89
C LEU B 279 8.63 51.84 18.26
N LYS B 280 8.54 50.80 19.09
CA LYS B 280 9.16 50.70 20.42
C LYS B 280 10.67 51.06 20.33
N VAL B 281 11.40 50.49 19.35
CA VAL B 281 12.82 50.76 19.12
C VAL B 281 13.05 52.22 18.66
N GLU B 282 12.12 52.80 17.84
CA GLU B 282 12.12 54.16 17.28
C GLU B 282 11.68 55.17 18.35
N SER B 283 11.54 54.66 19.60
CA SER B 283 11.16 55.38 20.79
C SER B 283 9.77 56.02 20.69
N GLN B 284 8.81 55.28 20.11
CA GLN B 284 7.41 55.71 20.09
C GLN B 284 6.50 54.53 20.54
N PRO B 285 6.58 54.14 21.85
CA PRO B 285 5.75 53.04 22.35
C PRO B 285 4.29 53.42 22.51
N ALA B 286 3.95 54.70 22.39
CA ALA B 286 2.57 55.14 22.48
C ALA B 286 1.81 54.71 21.23
N ARG B 287 2.43 54.78 20.02
CA ARG B 287 1.80 54.36 18.75
C ARG B 287 1.67 52.84 18.74
N ALA B 288 2.76 52.16 19.11
CA ALA B 288 2.85 50.73 19.18
C ALA B 288 1.76 50.21 20.10
N ALA B 289 1.59 50.87 21.26
CA ALA B 289 0.58 50.51 22.27
C ALA B 289 -0.85 50.62 21.75
N SER B 290 -1.13 51.62 20.89
CA SER B 290 -2.49 51.82 20.40
C SER B 290 -2.83 50.84 19.30
N ILE B 291 -1.81 50.41 18.52
CA ILE B 291 -1.94 49.42 17.45
C ILE B 291 -2.23 48.05 18.09
N THR B 292 -1.44 47.68 19.11
CA THR B 292 -1.54 46.41 19.87
C THR B 292 -2.90 46.31 20.56
N ARG B 293 -3.39 47.43 21.11
CA ARG B 293 -4.71 47.49 21.77
C ARG B 293 -5.86 47.25 20.79
N ALA B 294 -5.72 47.80 19.55
CA ALA B 294 -6.68 47.63 18.47
C ALA B 294 -6.68 46.16 18.00
N SER B 295 -5.46 45.58 17.79
CA SER B 295 -5.23 44.22 17.38
C SER B 295 -5.98 43.21 18.23
N ARG B 296 -5.98 43.43 19.57
CA ARG B 296 -6.67 42.62 20.59
C ARG B 296 -8.12 42.40 20.25
N ILE B 297 -8.80 43.42 19.71
CA ILE B 297 -10.21 43.34 19.29
C ILE B 297 -10.32 42.96 17.80
N ALA B 298 -9.62 43.71 16.91
CA ALA B 298 -9.65 43.52 15.46
C ALA B 298 -9.40 42.07 15.00
N PHE B 299 -8.31 41.42 15.48
CA PHE B 299 -8.02 40.04 15.10
C PHE B 299 -9.21 39.09 15.37
N PRO B 300 -9.74 38.95 16.62
CA PRO B 300 -10.93 38.09 16.81
C PRO B 300 -12.19 38.54 16.03
N VAL B 301 -12.48 39.86 15.99
CA VAL B 301 -13.68 40.37 15.30
C VAL B 301 -13.66 40.05 13.80
N VAL B 302 -12.53 40.35 13.13
CA VAL B 302 -12.34 40.08 11.70
C VAL B 302 -12.35 38.57 11.45
N PHE B 303 -11.76 37.80 12.37
CA PHE B 303 -11.78 36.35 12.25
C PHE B 303 -13.22 35.79 12.26
N LEU B 304 -14.00 36.20 13.27
CA LEU B 304 -15.41 35.85 13.42
C LEU B 304 -16.24 36.29 12.20
N LEU B 305 -16.06 37.52 11.68
CA LEU B 305 -16.82 37.98 10.50
C LEU B 305 -16.46 37.23 9.21
N ALA B 306 -15.17 37.05 8.96
CA ALA B 306 -14.63 36.32 7.79
C ALA B 306 -15.21 34.90 7.71
N ASN B 307 -15.28 34.24 8.87
CA ASN B 307 -15.84 32.90 9.01
C ASN B 307 -17.33 32.87 8.70
N ILE B 308 -18.11 33.89 9.18
CA ILE B 308 -19.54 34.03 8.90
C ILE B 308 -19.71 34.18 7.38
N ILE B 309 -18.94 35.11 6.76
CA ILE B 309 -18.97 35.31 5.30
C ILE B 309 -18.66 33.99 4.57
N LEU B 310 -17.59 33.26 5.00
CA LEU B 310 -17.21 31.95 4.41
C LEU B 310 -18.32 30.93 4.47
N ALA B 311 -18.85 30.67 5.69
CA ALA B 311 -19.93 29.73 5.95
C ALA B 311 -21.15 30.10 5.13
N PHE B 312 -21.43 31.41 5.04
CA PHE B 312 -22.53 31.90 4.23
C PHE B 312 -22.31 31.53 2.77
N LEU B 313 -21.10 31.75 2.23
CA LEU B 313 -20.77 31.41 0.85
C LEU B 313 -20.86 29.93 0.56
N PHE B 314 -20.44 29.07 1.48
CA PHE B 314 -20.46 27.63 1.23
C PHE B 314 -21.78 26.93 1.51
N PHE B 315 -22.54 27.38 2.50
CA PHE B 315 -23.76 26.63 2.84
C PHE B 315 -25.09 27.37 2.59
N VAL C 5 -28.01 -33.71 -10.08
CA VAL C 5 -27.81 -33.11 -8.76
C VAL C 5 -28.79 -31.94 -8.53
N SER C 6 -29.70 -32.19 -7.58
CA SER C 6 -30.78 -31.31 -7.11
C SER C 6 -30.90 -31.52 -5.58
N PRO C 7 -31.64 -30.71 -4.79
CA PRO C 7 -31.65 -30.93 -3.33
C PRO C 7 -32.31 -32.24 -2.86
N PRO C 8 -31.88 -32.84 -1.72
CA PRO C 8 -32.53 -34.07 -1.25
C PRO C 8 -34.02 -33.85 -0.97
N PRO C 9 -34.89 -34.79 -1.41
CA PRO C 9 -36.33 -34.59 -1.19
C PRO C 9 -36.78 -34.84 0.25
N PRO C 10 -37.78 -34.06 0.76
CA PRO C 10 -38.21 -34.26 2.14
C PRO C 10 -39.10 -35.49 2.34
N ILE C 11 -38.90 -36.19 3.48
CA ILE C 11 -39.71 -37.36 3.86
C ILE C 11 -41.15 -36.91 4.14
N ALA C 12 -41.31 -35.75 4.82
CA ALA C 12 -42.60 -35.12 5.12
C ALA C 12 -42.65 -33.78 4.37
N ASP C 13 -42.53 -32.67 5.10
CA ASP C 13 -42.49 -31.30 4.59
C ASP C 13 -41.49 -30.48 5.44
N GLU C 14 -40.62 -31.20 6.19
CA GLU C 14 -39.62 -30.63 7.07
C GLU C 14 -38.48 -29.91 6.28
N PRO C 15 -37.90 -28.82 6.82
CA PRO C 15 -36.78 -28.19 6.11
C PRO C 15 -35.51 -29.03 6.24
N LEU C 16 -34.55 -28.84 5.31
CA LEU C 16 -33.27 -29.55 5.36
C LEU C 16 -32.31 -28.84 6.33
N THR C 17 -31.85 -29.55 7.37
CA THR C 17 -30.95 -29.01 8.37
C THR C 17 -29.48 -29.28 7.99
N VAL C 18 -28.73 -28.17 7.79
CA VAL C 18 -27.31 -28.23 7.49
C VAL C 18 -26.56 -27.91 8.78
N ASN C 19 -25.92 -28.92 9.38
CA ASN C 19 -25.10 -28.74 10.58
C ASN C 19 -23.76 -28.16 10.16
N THR C 20 -23.37 -27.09 10.84
CA THR C 20 -22.18 -26.32 10.52
C THR C 20 -21.19 -26.25 11.66
N GLY C 21 -19.94 -25.96 11.31
CA GLY C 21 -18.81 -25.80 12.22
C GLY C 21 -17.66 -25.04 11.59
N ILE C 22 -17.10 -24.08 12.34
CA ILE C 22 -15.93 -23.29 11.90
C ILE C 22 -14.83 -23.57 12.91
N TYR C 23 -13.66 -23.98 12.43
CA TYR C 23 -12.49 -24.23 13.25
C TYR C 23 -11.38 -23.29 12.74
N LEU C 24 -11.05 -22.21 13.51
CA LEU C 24 -10.02 -21.23 13.16
C LEU C 24 -8.62 -21.82 13.21
N ILE C 25 -7.86 -21.61 12.12
CA ILE C 25 -6.48 -22.07 12.00
C ILE C 25 -5.55 -20.86 12.17
N GLU C 26 -5.78 -19.82 11.34
CA GLU C 26 -5.06 -18.56 11.40
C GLU C 26 -6.05 -17.41 11.52
N CYS C 27 -5.77 -16.50 12.43
CA CYS C 27 -6.47 -15.26 12.63
C CYS C 27 -5.41 -14.22 12.57
N TYR C 28 -5.55 -13.29 11.64
CA TYR C 28 -4.52 -12.26 11.39
C TYR C 28 -5.10 -10.93 10.85
N SER C 29 -4.20 -10.00 10.51
CA SER C 29 -4.44 -8.68 9.92
C SER C 29 -5.75 -7.99 10.37
N LEU C 30 -5.89 -7.77 11.69
CA LEU C 30 -6.99 -6.97 12.24
C LEU C 30 -6.66 -5.47 12.02
N ASP C 31 -7.26 -4.87 10.98
CA ASP C 31 -7.16 -3.48 10.59
C ASP C 31 -8.23 -2.66 11.35
N ASP C 32 -7.81 -1.82 12.31
CA ASP C 32 -8.71 -0.98 13.09
C ASP C 32 -9.41 0.10 12.23
N LYS C 33 -8.63 0.75 11.32
CA LYS C 33 -9.12 1.78 10.43
C LYS C 33 -10.18 1.22 9.49
N ALA C 34 -9.91 0.02 8.92
CA ALA C 34 -10.80 -0.65 7.97
C ALA C 34 -11.92 -1.46 8.62
N GLU C 35 -11.76 -1.78 9.93
CA GLU C 35 -12.64 -2.61 10.73
C GLU C 35 -12.82 -3.96 10.05
N THR C 36 -11.69 -4.54 9.63
CA THR C 36 -11.60 -5.85 8.97
C THR C 36 -10.53 -6.72 9.62
N PHE C 37 -10.65 -8.04 9.42
CA PHE C 37 -9.71 -9.05 9.87
C PHE C 37 -9.69 -10.19 8.86
N LYS C 38 -8.55 -10.84 8.72
CA LYS C 38 -8.40 -11.94 7.79
C LYS C 38 -8.51 -13.23 8.59
N VAL C 39 -9.07 -14.28 7.99
CA VAL C 39 -9.29 -15.54 8.67
C VAL C 39 -8.96 -16.71 7.75
N ASN C 40 -8.33 -17.77 8.29
CA ASN C 40 -8.04 -19.03 7.60
C ASN C 40 -8.61 -20.12 8.50
N ALA C 41 -9.67 -20.81 8.05
CA ALA C 41 -10.37 -21.77 8.90
C ALA C 41 -10.92 -22.97 8.17
N PHE C 42 -11.37 -23.97 8.96
CA PHE C 42 -12.07 -25.15 8.42
C PHE C 42 -13.55 -24.84 8.50
N LEU C 43 -14.28 -25.19 7.44
CA LEU C 43 -15.74 -25.08 7.42
C LEU C 43 -16.22 -26.50 7.24
N SER C 44 -17.01 -26.97 8.21
CA SER C 44 -17.55 -28.32 8.17
C SER C 44 -19.06 -28.26 7.99
N LEU C 45 -19.59 -29.03 7.03
CA LEU C 45 -21.02 -29.10 6.76
C LEU C 45 -21.51 -30.54 6.81
N SER C 46 -22.76 -30.74 7.27
CA SER C 46 -23.35 -32.07 7.40
C SER C 46 -24.88 -32.03 7.24
N TRP C 47 -25.41 -32.87 6.37
CA TRP C 47 -26.82 -32.98 6.09
C TRP C 47 -27.13 -34.42 5.64
N LYS C 48 -28.41 -34.84 5.73
CA LYS C 48 -28.85 -36.18 5.28
C LYS C 48 -29.41 -36.11 3.86
N ASP C 49 -28.84 -36.92 2.97
CA ASP C 49 -29.28 -37.07 1.58
C ASP C 49 -29.66 -38.55 1.40
N ARG C 50 -30.96 -38.87 1.62
CA ARG C 50 -31.47 -40.26 1.55
C ARG C 50 -31.15 -40.98 0.23
N ARG C 51 -31.06 -40.25 -0.91
CA ARG C 51 -30.65 -40.75 -2.23
C ARG C 51 -29.24 -41.37 -2.22
N LEU C 52 -28.37 -40.91 -1.29
CA LEU C 52 -26.98 -41.36 -1.14
C LEU C 52 -26.84 -42.49 -0.12
N ALA C 53 -27.98 -42.93 0.46
CA ALA C 53 -28.02 -44.03 1.42
C ALA C 53 -27.59 -45.34 0.77
N PHE C 54 -27.04 -46.25 1.58
CA PHE C 54 -26.57 -47.55 1.15
C PHE C 54 -26.61 -48.56 2.29
N ASP C 55 -26.48 -49.86 1.97
CA ASP C 55 -26.50 -50.92 2.98
C ASP C 55 -25.07 -51.12 3.51
N PRO C 56 -24.85 -51.03 4.86
CA PRO C 56 -23.47 -51.23 5.37
C PRO C 56 -23.00 -52.69 5.26
N VAL C 57 -23.94 -53.67 5.31
CA VAL C 57 -23.63 -55.11 5.21
C VAL C 57 -23.40 -55.53 3.73
N ARG C 58 -24.27 -55.05 2.78
CA ARG C 58 -24.18 -55.35 1.34
C ARG C 58 -23.05 -54.64 0.61
N SER C 59 -22.73 -53.39 0.99
CA SER C 59 -21.71 -52.59 0.31
C SER C 59 -20.28 -52.90 0.76
N GLY C 60 -20.13 -53.57 1.90
CA GLY C 60 -18.81 -53.90 2.44
C GLY C 60 -18.22 -52.70 3.14
N VAL C 61 -18.09 -51.55 2.41
CA VAL C 61 -17.64 -50.24 2.91
C VAL C 61 -18.73 -49.65 3.83
N ARG C 62 -18.28 -48.95 4.88
CA ARG C 62 -19.15 -48.29 5.85
C ARG C 62 -19.23 -46.81 5.54
N VAL C 63 -18.27 -46.33 4.73
CA VAL C 63 -18.16 -44.94 4.30
C VAL C 63 -17.78 -44.88 2.80
N LYS C 64 -18.44 -43.99 2.03
CA LYS C 64 -18.16 -43.71 0.62
C LYS C 64 -17.64 -42.24 0.48
N THR C 65 -16.59 -42.02 -0.34
CA THR C 65 -16.02 -40.70 -0.61
C THR C 65 -16.43 -40.24 -2.02
N TYR C 66 -17.04 -39.04 -2.14
CA TYR C 66 -17.48 -38.46 -3.43
C TYR C 66 -16.73 -37.18 -3.71
N GLU C 67 -16.68 -36.78 -5.01
CA GLU C 67 -16.10 -35.52 -5.47
C GLU C 67 -17.23 -34.47 -5.44
N PRO C 68 -16.94 -33.16 -5.20
CA PRO C 68 -18.03 -32.17 -5.11
C PRO C 68 -19.11 -32.22 -6.21
N GLU C 69 -18.68 -32.40 -7.46
CA GLU C 69 -19.53 -32.48 -8.66
C GLU C 69 -20.51 -33.67 -8.65
N ALA C 70 -20.04 -34.83 -8.16
CA ALA C 70 -20.80 -36.07 -8.04
C ALA C 70 -22.08 -35.95 -7.21
N ILE C 71 -22.09 -35.10 -6.15
CA ILE C 71 -23.26 -34.98 -5.26
C ILE C 71 -23.77 -33.52 -5.11
N TRP C 72 -24.98 -33.39 -4.53
CA TRP C 72 -25.59 -32.10 -4.25
C TRP C 72 -24.94 -31.55 -3.00
N ILE C 73 -24.46 -30.29 -3.09
CA ILE C 73 -23.84 -29.58 -1.98
C ILE C 73 -24.55 -28.22 -1.78
N PRO C 74 -24.95 -27.90 -0.53
CA PRO C 74 -25.65 -26.62 -0.29
C PRO C 74 -24.76 -25.40 -0.52
N GLU C 75 -25.32 -24.36 -1.18
CA GLU C 75 -24.65 -23.09 -1.46
C GLU C 75 -24.64 -22.27 -0.20
N ILE C 76 -23.51 -22.39 0.56
CA ILE C 76 -23.25 -21.70 1.82
C ILE C 76 -22.36 -20.48 1.55
N ARG C 77 -22.71 -19.33 2.11
CA ARG C 77 -21.95 -18.08 1.96
C ARG C 77 -21.77 -17.40 3.30
N PHE C 78 -20.87 -16.40 3.33
CA PHE C 78 -20.63 -15.56 4.50
C PHE C 78 -21.28 -14.24 4.21
N VAL C 79 -21.95 -13.67 5.19
CA VAL C 79 -22.62 -12.39 4.99
C VAL C 79 -21.59 -11.22 4.93
N ASN C 80 -20.81 -11.06 6.01
CA ASN C 80 -19.88 -9.96 6.20
C ASN C 80 -18.47 -10.19 5.65
N VAL C 81 -18.37 -10.49 4.37
CA VAL C 81 -17.09 -10.66 3.68
C VAL C 81 -16.93 -9.59 2.61
N GLU C 82 -15.65 -9.32 2.26
CA GLU C 82 -15.27 -8.38 1.22
C GLU C 82 -15.62 -9.03 -0.12
N ASN C 83 -15.00 -10.17 -0.37
CA ASN C 83 -15.16 -11.00 -1.53
C ASN C 83 -15.51 -12.40 -1.05
N ALA C 84 -16.01 -13.24 -1.96
CA ALA C 84 -16.35 -14.61 -1.61
C ALA C 84 -15.07 -15.33 -1.19
N ARG C 85 -15.19 -16.15 -0.11
CA ARG C 85 -14.12 -16.95 0.46
C ARG C 85 -13.41 -17.79 -0.61
N ASP C 86 -12.10 -17.91 -0.45
CA ASP C 86 -11.26 -18.72 -1.28
C ASP C 86 -11.29 -20.06 -0.54
N ALA C 87 -12.04 -21.02 -1.12
CA ALA C 87 -12.24 -22.36 -0.57
C ALA C 87 -11.60 -23.47 -1.38
N ASP C 88 -11.24 -24.54 -0.68
CA ASP C 88 -10.65 -25.74 -1.20
C ASP C 88 -11.17 -26.91 -0.34
N VAL C 89 -11.98 -27.80 -0.96
CA VAL C 89 -12.59 -28.97 -0.32
C VAL C 89 -11.49 -29.93 0.13
N VAL C 90 -11.59 -30.36 1.42
CA VAL C 90 -10.66 -31.29 2.06
C VAL C 90 -11.21 -32.72 1.93
N ASP C 91 -12.51 -32.91 2.26
CA ASP C 91 -13.15 -34.23 2.25
C ASP C 91 -14.66 -34.16 2.22
N ILE C 92 -15.26 -35.16 1.55
CA ILE C 92 -16.70 -35.42 1.44
C ILE C 92 -16.86 -36.94 1.72
N SER C 93 -17.51 -37.29 2.86
CA SER C 93 -17.72 -38.65 3.35
C SER C 93 -19.22 -39.00 3.64
N VAL C 94 -19.78 -40.01 2.98
CA VAL C 94 -21.17 -40.41 3.18
C VAL C 94 -21.27 -41.71 4.02
N SER C 95 -22.14 -41.70 5.03
CA SER C 95 -22.43 -42.83 5.93
C SER C 95 -23.58 -43.68 5.31
N PRO C 96 -23.82 -44.95 5.76
CA PRO C 96 -24.91 -45.75 5.17
C PRO C 96 -26.27 -45.08 5.17
N ASP C 97 -26.65 -44.41 6.28
CA ASP C 97 -27.95 -43.72 6.39
C ASP C 97 -28.11 -42.54 5.42
N GLY C 98 -27.03 -42.19 4.73
CA GLY C 98 -27.00 -41.10 3.77
C GLY C 98 -26.60 -39.76 4.37
N THR C 99 -25.91 -39.77 5.54
CA THR C 99 -25.45 -38.52 6.16
C THR C 99 -24.13 -38.14 5.56
N VAL C 100 -24.11 -36.97 4.89
CA VAL C 100 -22.93 -36.43 4.21
C VAL C 100 -22.12 -35.59 5.19
N GLN C 101 -20.78 -35.79 5.17
CA GLN C 101 -19.83 -35.05 5.99
C GLN C 101 -18.82 -34.35 5.10
N TYR C 102 -19.05 -33.04 4.92
CA TYR C 102 -18.28 -32.11 4.10
C TYR C 102 -17.27 -31.34 4.94
N LEU C 103 -16.09 -31.10 4.38
CA LEU C 103 -15.04 -30.31 5.01
C LEU C 103 -14.23 -29.55 3.95
N GLU C 104 -14.05 -28.25 4.18
CA GLU C 104 -13.27 -27.37 3.32
C GLU C 104 -12.41 -26.51 4.17
N ARG C 105 -11.30 -26.02 3.60
CA ARG C 105 -10.48 -25.04 4.26
C ARG C 105 -10.60 -23.76 3.45
N PHE C 106 -11.00 -22.68 4.10
CA PHE C 106 -11.20 -21.40 3.42
C PHE C 106 -10.34 -20.29 4.03
N SER C 107 -10.29 -19.16 3.33
CA SER C 107 -9.67 -17.91 3.74
C SER C 107 -10.56 -16.77 3.25
N ALA C 108 -10.87 -15.83 4.15
CA ALA C 108 -11.71 -14.67 3.83
C ALA C 108 -11.32 -13.44 4.67
N ARG C 109 -11.58 -12.24 4.11
CA ARG C 109 -11.41 -10.93 4.77
C ARG C 109 -12.82 -10.54 5.20
N VAL C 110 -13.03 -10.56 6.50
CA VAL C 110 -14.28 -10.34 7.21
C VAL C 110 -14.43 -8.88 7.63
N LEU C 111 -15.59 -8.25 7.35
CA LEU C 111 -15.88 -6.89 7.75
C LEU C 111 -16.72 -6.99 8.99
N SER C 112 -16.13 -6.71 10.15
CA SER C 112 -16.88 -6.69 11.39
C SER C 112 -16.52 -5.41 12.14
N PRO C 113 -17.54 -4.52 12.38
CA PRO C 113 -17.26 -3.23 13.06
C PRO C 113 -16.77 -3.33 14.51
N LEU C 114 -16.01 -2.32 14.91
CA LEU C 114 -15.38 -2.19 16.20
C LEU C 114 -15.87 -0.96 16.97
N ASP C 115 -15.90 -1.07 18.32
CA ASP C 115 -16.29 -0.01 19.26
C ASP C 115 -15.04 0.61 19.93
N PHE C 116 -14.61 1.75 19.39
CA PHE C 116 -13.39 2.40 19.86
C PHE C 116 -13.50 3.27 21.13
N ARG C 117 -14.72 3.43 21.70
CA ARG C 117 -15.00 4.25 22.88
C ARG C 117 -13.98 4.10 24.02
N ARG C 118 -13.60 2.87 24.38
CA ARG C 118 -12.67 2.62 25.49
C ARG C 118 -11.19 2.47 25.06
N TYR C 119 -10.89 2.74 23.78
CA TYR C 119 -9.54 2.58 23.21
C TYR C 119 -8.45 3.33 23.99
N PRO C 120 -7.28 2.69 24.28
CA PRO C 120 -6.89 1.32 23.91
C PRO C 120 -7.21 0.23 24.96
N PHE C 121 -8.20 0.45 25.86
CA PHE C 121 -8.60 -0.52 26.92
C PHE C 121 -9.94 -1.19 26.53
N ASP C 122 -10.14 -1.34 25.23
CA ASP C 122 -11.34 -1.87 24.65
C ASP C 122 -11.28 -3.36 24.33
N SER C 123 -12.48 -3.94 24.27
CA SER C 123 -12.72 -5.34 23.89
C SER C 123 -13.71 -5.34 22.74
N GLN C 124 -13.63 -6.38 21.90
CA GLN C 124 -14.48 -6.50 20.72
C GLN C 124 -15.06 -7.88 20.61
N THR C 125 -16.22 -7.95 19.92
CA THR C 125 -16.89 -9.20 19.53
C THR C 125 -16.88 -9.19 18.00
N LEU C 126 -15.94 -9.92 17.42
CA LEU C 126 -15.86 -10.06 15.96
C LEU C 126 -16.97 -11.08 15.52
N HIS C 127 -17.61 -10.83 14.37
CA HIS C 127 -18.63 -11.76 13.89
C HIS C 127 -18.28 -12.37 12.55
N ILE C 128 -18.71 -13.61 12.37
CA ILE C 128 -18.61 -14.35 11.11
C ILE C 128 -20.01 -14.90 10.92
N TYR C 129 -20.74 -14.33 9.97
CA TYR C 129 -22.11 -14.77 9.72
C TYR C 129 -22.19 -15.72 8.58
N LEU C 130 -22.58 -16.97 8.88
CA LEU C 130 -22.84 -18.03 7.90
C LEU C 130 -24.28 -17.92 7.44
N ILE C 131 -24.53 -18.05 6.12
CA ILE C 131 -25.89 -17.94 5.57
C ILE C 131 -26.15 -19.01 4.48
N VAL C 132 -27.42 -19.43 4.35
CA VAL C 132 -27.91 -20.36 3.34
C VAL C 132 -29.21 -19.83 2.77
N ARG C 133 -29.34 -19.82 1.43
CA ARG C 133 -30.58 -19.38 0.82
C ARG C 133 -31.37 -20.65 0.35
N SER C 134 -32.63 -20.77 0.85
CA SER C 134 -33.55 -21.86 0.54
C SER C 134 -33.87 -21.93 -0.95
N VAL C 135 -34.02 -23.14 -1.46
CA VAL C 135 -34.36 -23.41 -2.86
C VAL C 135 -35.89 -23.55 -3.05
N ASP C 136 -36.34 -23.52 -4.31
CA ASP C 136 -37.76 -23.64 -4.65
C ASP C 136 -38.36 -24.98 -4.21
N THR C 137 -37.57 -26.05 -4.37
CA THR C 137 -37.94 -27.43 -4.04
C THR C 137 -38.10 -27.58 -2.51
N ARG C 138 -37.12 -27.11 -1.70
CA ARG C 138 -37.26 -27.17 -0.24
C ARG C 138 -36.39 -26.13 0.50
N ASN C 139 -36.83 -25.83 1.72
CA ASN C 139 -36.26 -24.87 2.64
C ASN C 139 -35.08 -25.42 3.40
N ILE C 140 -33.98 -24.63 3.46
CA ILE C 140 -32.74 -25.02 4.11
C ILE C 140 -32.49 -24.18 5.36
N VAL C 141 -32.26 -24.89 6.48
CA VAL C 141 -32.01 -24.31 7.79
C VAL C 141 -30.62 -24.72 8.32
N LEU C 142 -29.90 -23.76 8.91
CA LEU C 142 -28.56 -23.97 9.46
C LEU C 142 -28.62 -24.35 10.95
N ALA C 143 -27.66 -25.17 11.37
CA ALA C 143 -27.53 -25.64 12.74
C ALA C 143 -26.08 -25.61 13.14
N VAL C 144 -25.81 -25.58 14.45
CA VAL C 144 -24.46 -25.55 14.98
C VAL C 144 -24.11 -26.88 15.61
N ASP C 145 -23.06 -27.54 15.10
CA ASP C 145 -22.50 -28.76 15.65
C ASP C 145 -21.34 -28.26 16.53
N LEU C 146 -21.60 -28.08 17.86
CA LEU C 146 -20.64 -27.53 18.83
C LEU C 146 -19.32 -28.31 18.89
N GLU C 147 -19.39 -29.57 18.53
CA GLU C 147 -18.28 -30.52 18.49
C GLU C 147 -17.27 -30.15 17.40
N LYS C 148 -17.71 -29.34 16.40
CA LYS C 148 -16.93 -28.96 15.23
C LYS C 148 -16.67 -27.44 15.12
N VAL C 149 -16.92 -26.73 16.23
CA VAL C 149 -16.66 -25.30 16.39
C VAL C 149 -15.47 -25.17 17.38
N GLY C 150 -14.43 -24.46 16.97
CA GLY C 150 -13.23 -24.26 17.76
C GLY C 150 -12.20 -23.43 17.06
N LYS C 151 -10.95 -23.47 17.58
CA LYS C 151 -9.76 -22.73 17.10
C LYS C 151 -8.49 -23.39 17.68
N ASN C 152 -7.34 -23.31 16.98
CA ASN C 152 -6.19 -23.95 17.60
C ASN C 152 -5.47 -23.00 18.52
N ASP C 153 -4.60 -23.58 19.39
CA ASP C 153 -3.80 -22.89 20.40
C ASP C 153 -2.88 -21.82 19.77
N ASP C 154 -2.24 -22.18 18.63
CA ASP C 154 -1.38 -21.34 17.78
C ASP C 154 -2.04 -20.01 17.32
N VAL C 155 -3.41 -19.96 17.22
CA VAL C 155 -4.17 -18.77 16.77
C VAL C 155 -3.75 -17.56 17.61
N PHE C 156 -3.02 -16.67 16.94
CA PHE C 156 -2.44 -15.45 17.49
C PHE C 156 -2.87 -14.25 16.66
N LEU C 157 -3.46 -13.27 17.32
CA LEU C 157 -3.86 -12.04 16.68
C LEU C 157 -2.98 -10.99 17.37
N THR C 158 -2.00 -10.42 16.62
CA THR C 158 -1.01 -9.44 17.08
C THR C 158 -1.70 -8.27 17.77
N GLY C 159 -1.29 -8.01 19.03
CA GLY C 159 -1.81 -6.93 19.84
C GLY C 159 -3.19 -7.15 20.42
N TRP C 160 -3.66 -8.39 20.40
CA TRP C 160 -4.96 -8.80 20.93
C TRP C 160 -4.85 -10.08 21.71
N ASP C 161 -5.77 -10.26 22.67
CA ASP C 161 -5.92 -11.48 23.46
C ASP C 161 -7.21 -12.13 22.97
N ILE C 162 -7.12 -13.40 22.52
CA ILE C 162 -8.32 -14.11 22.03
C ILE C 162 -8.98 -14.77 23.22
N GLU C 163 -10.18 -14.32 23.57
CA GLU C 163 -10.95 -14.80 24.72
C GLU C 163 -11.76 -16.05 24.46
N SER C 164 -12.61 -16.01 23.39
CA SER C 164 -13.55 -17.05 23.04
C SER C 164 -13.86 -17.05 21.54
N PHE C 165 -14.37 -18.19 21.07
CA PHE C 165 -14.92 -18.39 19.73
C PHE C 165 -16.08 -19.36 19.92
N THR C 166 -17.30 -18.81 19.88
CA THR C 166 -18.54 -19.54 20.06
C THR C 166 -19.55 -19.16 18.98
N ALA C 167 -20.56 -20.02 18.79
CA ALA C 167 -21.65 -19.79 17.86
C ALA C 167 -22.97 -19.63 18.59
N VAL C 168 -23.79 -18.68 18.13
CA VAL C 168 -25.15 -18.46 18.60
C VAL C 168 -25.94 -19.52 17.85
N VAL C 169 -26.19 -20.64 18.56
CA VAL C 169 -26.82 -21.90 18.15
C VAL C 169 -28.18 -21.76 17.43
N LYS C 170 -29.01 -20.77 17.82
CA LYS C 170 -30.31 -20.51 17.22
C LYS C 170 -30.10 -19.62 15.98
N PRO C 171 -30.35 -20.13 14.74
CA PRO C 171 -30.16 -19.29 13.55
C PRO C 171 -31.21 -18.19 13.43
N ALA C 172 -30.88 -17.13 12.68
CA ALA C 172 -31.79 -16.04 12.38
C ALA C 172 -32.43 -16.39 11.02
N ASN C 173 -33.68 -16.93 11.06
CA ASN C 173 -34.43 -17.33 9.86
C ASN C 173 -35.35 -16.20 9.43
N PHE C 174 -35.18 -15.74 8.20
CA PHE C 174 -35.90 -14.57 7.69
C PHE C 174 -36.13 -14.65 6.19
N ALA C 175 -37.10 -13.85 5.71
CA ALA C 175 -37.39 -13.83 4.28
C ALA C 175 -36.65 -12.69 3.61
N LEU C 176 -36.02 -13.00 2.47
CA LEU C 176 -35.32 -12.03 1.65
C LEU C 176 -35.54 -12.40 0.20
N GLU C 177 -36.21 -11.48 -0.56
CA GLU C 177 -36.53 -11.58 -1.98
C GLU C 177 -37.26 -12.87 -2.28
N ASP C 178 -38.41 -13.04 -1.58
CA ASP C 178 -39.38 -14.13 -1.73
C ASP C 178 -38.83 -15.53 -1.41
N ARG C 179 -37.62 -15.64 -0.83
CA ARG C 179 -37.01 -16.90 -0.37
C ARG C 179 -36.50 -16.78 1.08
N LEU C 180 -36.44 -17.91 1.75
CA LEU C 180 -35.99 -18.01 3.12
C LEU C 180 -34.48 -18.07 3.21
N GLU C 181 -33.93 -17.42 4.25
CA GLU C 181 -32.53 -17.37 4.56
C GLU C 181 -32.33 -17.74 6.01
N SER C 182 -31.35 -18.62 6.28
CA SER C 182 -30.99 -19.09 7.62
C SER C 182 -29.58 -18.59 7.93
N LYS C 183 -29.45 -17.70 8.93
CA LYS C 183 -28.19 -17.04 9.29
C LYS C 183 -27.63 -17.51 10.62
N LEU C 184 -26.31 -17.74 10.71
CA LEU C 184 -25.66 -18.14 11.96
C LEU C 184 -24.59 -17.16 12.40
N ASP C 185 -24.56 -16.87 13.72
CA ASP C 185 -23.62 -15.92 14.30
C ASP C 185 -22.48 -16.60 15.02
N TYR C 186 -21.28 -16.56 14.39
CA TYR C 186 -20.04 -17.07 14.99
C TYR C 186 -19.35 -15.84 15.55
N GLN C 187 -19.25 -15.79 16.90
CA GLN C 187 -18.68 -14.67 17.64
C GLN C 187 -17.30 -14.96 18.21
N LEU C 188 -16.30 -14.19 17.73
CA LEU C 188 -14.91 -14.27 18.19
C LEU C 188 -14.63 -13.11 19.16
N ARG C 189 -14.54 -13.42 20.46
CA ARG C 189 -14.31 -12.45 21.52
C ARG C 189 -12.84 -12.19 21.80
N ILE C 190 -12.45 -10.93 21.66
CA ILE C 190 -11.05 -10.49 21.80
C ILE C 190 -10.93 -9.24 22.68
N SER C 191 -9.79 -9.07 23.34
CA SER C 191 -9.51 -7.86 24.13
C SER C 191 -8.11 -7.33 23.82
N ARG C 192 -8.02 -6.02 23.59
CA ARG C 192 -6.78 -5.35 23.21
C ARG C 192 -5.69 -5.41 24.27
N GLN C 193 -4.44 -5.66 23.81
CA GLN C 193 -3.24 -5.68 24.63
C GLN C 193 -2.78 -4.21 24.68
N TYR C 194 -3.30 -3.54 25.71
CA TYR C 194 -3.07 -2.13 25.98
C TYR C 194 -1.64 -1.75 26.46
N PHE C 195 -0.79 -2.74 26.90
CA PHE C 195 0.57 -2.54 27.42
C PHE C 195 1.38 -1.47 26.66
N SER C 196 1.70 -1.72 25.36
CA SER C 196 2.50 -0.90 24.46
C SER C 196 2.15 0.57 24.52
N TYR C 197 0.86 0.89 24.54
CA TYR C 197 0.36 2.28 24.60
C TYR C 197 0.91 3.13 25.73
N ILE C 198 1.16 2.53 26.90
CA ILE C 198 1.70 3.19 28.09
C ILE C 198 3.14 3.77 27.81
N PRO C 199 4.20 2.96 27.50
CA PRO C 199 5.51 3.57 27.19
C PRO C 199 5.63 4.30 25.83
N ASN C 200 4.78 3.98 24.87
CA ASN C 200 4.87 4.55 23.52
C ASN C 200 4.11 5.84 23.30
N ILE C 201 2.96 6.02 23.99
CA ILE C 201 2.06 7.16 23.79
C ILE C 201 1.68 7.87 25.09
N ILE C 202 1.08 7.15 26.06
CA ILE C 202 0.59 7.74 27.31
C ILE C 202 1.68 8.44 28.11
N LEU C 203 2.72 7.72 28.57
CA LEU C 203 3.77 8.34 29.38
C LEU C 203 4.54 9.42 28.62
N PRO C 204 5.02 9.22 27.35
CA PRO C 204 5.63 10.35 26.63
C PRO C 204 4.76 11.62 26.68
N MET C 205 3.47 11.47 26.40
CA MET C 205 2.50 12.56 26.42
C MET C 205 2.37 13.25 27.76
N LEU C 206 2.40 12.49 28.88
CA LEU C 206 2.31 13.06 30.24
C LEU C 206 3.59 13.77 30.61
N PHE C 207 4.76 13.21 30.24
CA PHE C 207 6.07 13.82 30.46
C PHE C 207 6.20 15.19 29.81
N ILE C 208 5.76 15.35 28.54
CA ILE C 208 5.83 16.65 27.86
C ILE C 208 4.91 17.66 28.58
N LEU C 209 3.70 17.22 28.99
CA LEU C 209 2.74 18.07 29.73
C LEU C 209 3.35 18.57 31.04
N PHE C 210 3.98 17.66 31.81
CA PHE C 210 4.66 17.98 33.06
C PHE C 210 5.84 18.92 32.83
N ILE C 211 6.60 18.75 31.70
CA ILE C 211 7.69 19.66 31.31
C ILE C 211 7.11 21.07 31.10
N SER C 212 5.94 21.20 30.46
CA SER C 212 5.29 22.50 30.27
C SER C 212 4.98 23.18 31.60
N TRP C 213 4.67 22.39 32.67
CA TRP C 213 4.31 22.90 34.00
C TRP C 213 5.48 23.48 34.79
N THR C 214 6.73 23.26 34.33
CA THR C 214 7.90 23.85 34.95
C THR C 214 7.90 25.37 34.74
N ALA C 215 7.06 25.89 33.81
CA ALA C 215 6.91 27.34 33.56
C ALA C 215 6.30 28.03 34.77
N PHE C 216 5.66 27.25 35.66
CA PHE C 216 5.06 27.79 36.90
C PHE C 216 6.11 28.07 37.99
N TRP C 217 7.36 27.69 37.75
CA TRP C 217 8.49 27.94 38.64
C TRP C 217 9.53 28.83 37.91
N SER C 218 9.05 29.59 36.89
CA SER C 218 9.86 30.49 36.08
C SER C 218 9.18 31.86 35.92
N THR C 219 10.01 32.92 36.00
CA THR C 219 9.66 34.35 35.85
C THR C 219 10.03 34.85 34.46
N SER C 220 10.79 34.03 33.69
CA SER C 220 11.24 34.32 32.32
C SER C 220 10.17 34.06 31.26
N TYR C 221 9.47 35.12 30.78
CA TYR C 221 8.44 35.02 29.74
C TYR C 221 8.96 34.34 28.48
N GLU C 222 10.16 34.74 28.04
CA GLU C 222 10.74 34.20 26.81
C GLU C 222 10.95 32.67 26.93
N ALA C 223 11.48 32.20 28.09
CA ALA C 223 11.65 30.76 28.35
C ALA C 223 10.30 30.00 28.45
N ASN C 224 9.32 30.59 29.15
CA ASN C 224 7.99 30.02 29.35
C ASN C 224 7.28 29.83 28.05
N VAL C 225 7.38 30.81 27.14
CA VAL C 225 6.79 30.77 25.80
C VAL C 225 7.39 29.58 25.06
N THR C 226 8.72 29.43 25.08
CA THR C 226 9.47 28.35 24.45
C THR C 226 9.04 26.98 25.00
N LEU C 227 8.88 26.89 26.33
CA LEU C 227 8.47 25.67 27.02
C LEU C 227 7.09 25.22 26.62
N VAL C 228 6.09 26.12 26.71
CA VAL C 228 4.69 25.79 26.48
C VAL C 228 4.35 25.63 25.00
N VAL C 229 5.06 26.33 24.13
CA VAL C 229 4.80 26.25 22.70
C VAL C 229 5.43 24.99 22.11
N SER C 230 6.60 24.61 22.64
CA SER C 230 7.33 23.46 22.16
C SER C 230 6.69 22.17 22.56
N THR C 231 6.27 22.07 23.84
CA THR C 231 5.56 20.90 24.37
C THR C 231 4.24 20.76 23.62
N LEU C 232 3.55 21.89 23.28
CA LEU C 232 2.33 21.87 22.51
C LEU C 232 2.56 21.23 21.15
N ILE C 233 3.68 21.57 20.49
CA ILE C 233 4.04 20.99 19.19
C ILE C 233 4.25 19.47 19.31
N ALA C 234 4.97 19.05 20.37
CA ALA C 234 5.21 17.63 20.67
C ALA C 234 3.89 16.89 20.90
N HIS C 235 2.88 17.55 21.51
CA HIS C 235 1.54 16.99 21.73
C HIS C 235 0.81 16.82 20.46
N ILE C 236 0.91 17.82 19.55
CA ILE C 236 0.27 17.75 18.23
C ILE C 236 0.78 16.51 17.51
N ALA C 237 2.10 16.22 17.60
CA ALA C 237 2.77 15.07 16.98
C ALA C 237 2.14 13.74 17.45
N PHE C 238 1.89 13.61 18.77
CA PHE C 238 1.25 12.42 19.35
C PHE C 238 -0.20 12.31 18.91
N ASN C 239 -0.93 13.45 18.92
CA ASN C 239 -2.34 13.50 18.45
C ASN C 239 -2.45 12.99 16.99
N ILE C 240 -1.61 13.55 16.07
CA ILE C 240 -1.61 13.10 14.68
C ILE C 240 -1.30 11.60 14.57
N LEU C 241 -0.26 11.13 15.28
CA LEU C 241 0.13 9.70 15.31
C LEU C 241 -1.04 8.84 15.68
N VAL C 242 -1.71 9.20 16.81
CA VAL C 242 -2.88 8.47 17.32
C VAL C 242 -4.01 8.47 16.28
N GLU C 243 -4.34 9.63 15.71
CA GLU C 243 -5.47 9.68 14.79
C GLU C 243 -5.17 8.98 13.46
N THR C 244 -3.87 8.73 13.11
CA THR C 244 -3.54 7.91 11.93
C THR C 244 -3.78 6.41 12.18
N ASN C 245 -3.66 5.92 13.42
CA ASN C 245 -3.89 4.50 13.81
C ASN C 245 -5.38 4.18 14.04
N LEU C 246 -6.27 5.17 13.95
CA LEU C 246 -7.69 4.97 14.27
C LEU C 246 -8.63 5.48 13.21
N PRO C 247 -9.84 4.90 13.06
CA PRO C 247 -10.82 5.50 12.15
C PRO C 247 -11.56 6.70 12.78
N LYS C 248 -12.17 7.52 11.95
CA LYS C 248 -12.98 8.67 12.32
C LYS C 248 -14.35 8.15 12.85
N THR C 249 -14.52 8.25 14.17
CA THR C 249 -15.73 7.82 14.86
C THR C 249 -16.76 8.95 15.09
N PRO C 250 -18.07 8.67 14.99
CA PRO C 250 -19.05 9.74 15.28
C PRO C 250 -19.28 9.95 16.79
N TYR C 251 -18.36 9.44 17.61
CA TYR C 251 -18.37 9.47 19.08
C TYR C 251 -16.97 9.75 19.56
N MET C 252 -16.82 10.08 20.85
CA MET C 252 -15.48 10.35 21.40
C MET C 252 -14.88 9.05 21.92
N THR C 253 -13.59 8.86 21.73
CA THR C 253 -12.87 7.72 22.28
C THR C 253 -12.14 8.19 23.54
N TYR C 254 -11.70 7.24 24.36
CA TYR C 254 -11.05 7.55 25.62
C TYR C 254 -9.76 8.36 25.45
N THR C 255 -8.86 7.84 24.61
CA THR C 255 -7.58 8.44 24.20
C THR C 255 -7.83 9.78 23.53
N GLY C 256 -8.87 9.83 22.70
CA GLY C 256 -9.30 11.04 22.02
C GLY C 256 -9.66 12.18 22.95
N ALA C 257 -10.43 11.88 24.02
CA ALA C 257 -10.89 12.83 25.06
C ALA C 257 -9.72 13.37 25.90
N ILE C 258 -8.79 12.48 26.31
CA ILE C 258 -7.58 12.80 27.06
C ILE C 258 -6.75 13.71 26.21
N ILE C 259 -6.44 13.29 24.95
CA ILE C 259 -5.67 14.13 24.02
C ILE C 259 -6.31 15.49 23.85
N PHE C 260 -7.62 15.57 23.61
CA PHE C 260 -8.31 16.86 23.43
C PHE C 260 -8.22 17.80 24.66
N MET C 261 -8.46 17.22 25.86
CA MET C 261 -8.42 17.91 27.14
C MET C 261 -7.05 18.55 27.41
N ILE C 262 -5.95 17.82 27.07
CA ILE C 262 -4.59 18.32 27.23
C ILE C 262 -4.38 19.61 26.41
N TYR C 263 -5.06 19.77 25.24
CA TYR C 263 -4.97 21.03 24.47
C TYR C 263 -5.45 22.19 25.36
N LEU C 264 -6.58 21.99 26.07
CA LEU C 264 -7.15 23.00 26.95
C LEU C 264 -6.17 23.41 28.05
N PHE C 265 -5.47 22.42 28.65
CA PHE C 265 -4.43 22.65 29.66
C PHE C 265 -3.29 23.49 29.09
N TYR C 266 -2.88 23.24 27.81
CA TYR C 266 -1.83 24.02 27.12
C TYR C 266 -2.30 25.44 26.87
N PHE C 267 -3.56 25.58 26.46
CA PHE C 267 -4.17 26.87 26.22
C PHE C 267 -4.20 27.71 27.51
N VAL C 268 -4.70 27.15 28.61
CA VAL C 268 -4.74 27.84 29.90
C VAL C 268 -3.33 28.18 30.42
N ALA C 269 -2.34 27.27 30.28
CA ALA C 269 -0.96 27.59 30.67
C ALA C 269 -0.39 28.75 29.83
N VAL C 270 -0.77 28.87 28.55
CA VAL C 270 -0.35 30.03 27.76
C VAL C 270 -0.99 31.30 28.37
N ILE C 271 -2.32 31.27 28.70
CA ILE C 271 -2.99 32.39 29.38
C ILE C 271 -2.24 32.73 30.67
N GLU C 272 -1.92 31.74 31.51
CA GLU C 272 -1.21 31.97 32.76
C GLU C 272 0.13 32.67 32.57
N VAL C 273 0.97 32.12 31.68
CA VAL C 273 2.28 32.66 31.33
C VAL C 273 2.20 34.13 30.83
N THR C 274 1.14 34.44 30.04
CA THR C 274 0.83 35.76 29.47
C THR C 274 0.43 36.72 30.61
N VAL C 275 -0.50 36.28 31.47
CA VAL C 275 -1.01 37.04 32.62
C VAL C 275 0.14 37.42 33.59
N GLN C 276 0.98 36.43 33.95
CA GLN C 276 2.16 36.63 34.79
C GLN C 276 3.10 37.70 34.23
N HIS C 277 3.39 37.67 32.91
CA HIS C 277 4.27 38.64 32.24
C HIS C 277 3.67 40.04 32.23
N TYR C 278 2.39 40.16 31.81
CA TYR C 278 1.64 41.42 31.74
C TYR C 278 1.70 42.16 33.06
N LEU C 279 1.38 41.44 34.18
CA LEU C 279 1.39 41.99 35.55
C LEU C 279 2.77 42.46 35.92
N LYS C 280 3.80 41.62 35.76
CA LYS C 280 5.22 41.93 35.98
C LYS C 280 5.60 43.24 35.22
N VAL C 281 5.22 43.36 33.95
CA VAL C 281 5.47 44.57 33.13
C VAL C 281 4.65 45.79 33.67
N GLU C 282 3.43 45.58 34.21
CA GLU C 282 2.52 46.58 34.75
C GLU C 282 2.95 46.95 36.17
N SER C 283 4.15 46.43 36.55
CA SER C 283 4.82 46.60 37.84
C SER C 283 3.98 46.12 39.01
N GLN C 284 3.34 44.94 38.85
CA GLN C 284 2.63 44.30 39.96
C GLN C 284 3.01 42.81 40.02
N PRO C 285 4.30 42.52 40.38
CA PRO C 285 4.75 41.12 40.46
C PRO C 285 4.19 40.38 41.67
N ALA C 286 3.55 41.08 42.60
CA ALA C 286 2.94 40.45 43.75
C ALA C 286 1.70 39.64 43.33
N ARG C 287 0.88 40.18 42.37
CA ARG C 287 -0.33 39.51 41.86
C ARG C 287 0.09 38.34 41.00
N ALA C 288 1.05 38.58 40.11
CA ALA C 288 1.62 37.60 39.21
C ALA C 288 2.14 36.43 40.02
N ALA C 289 2.85 36.72 41.12
CA ALA C 289 3.43 35.72 42.03
C ALA C 289 2.40 34.83 42.68
N SER C 290 1.23 35.40 43.04
CA SER C 290 0.19 34.64 43.72
C SER C 290 -0.58 33.75 42.76
N ILE C 291 -0.71 34.19 41.49
CA ILE C 291 -1.37 33.44 40.41
C ILE C 291 -0.48 32.23 40.06
N THR C 292 0.83 32.45 39.86
CA THR C 292 1.83 31.43 39.54
C THR C 292 1.89 30.38 40.66
N ARG C 293 1.82 30.81 41.91
CA ARG C 293 1.82 29.91 43.08
C ARG C 293 0.58 29.01 43.11
N ALA C 294 -0.59 29.58 42.75
CA ALA C 294 -1.86 28.86 42.66
C ALA C 294 -1.79 27.84 41.50
N SER C 295 -1.27 28.26 40.33
CA SER C 295 -1.11 27.45 39.13
C SER C 295 -0.35 26.16 39.42
N ARG C 296 0.72 26.24 40.24
CA ARG C 296 1.56 25.13 40.68
C ARG C 296 0.76 23.99 41.23
N ILE C 297 -0.32 24.29 42.00
CA ILE C 297 -1.21 23.29 42.59
C ILE C 297 -2.40 23.02 41.65
N ALA C 298 -3.12 24.09 41.24
CA ALA C 298 -4.32 24.02 40.41
C ALA C 298 -4.15 23.16 39.12
N PHE C 299 -3.10 23.40 38.30
CA PHE C 299 -2.86 22.63 37.09
C PHE C 299 -2.79 21.12 37.37
N PRO C 300 -1.90 20.57 38.24
CA PRO C 300 -1.94 19.13 38.51
C PRO C 300 -3.27 18.63 39.14
N VAL C 301 -3.84 19.39 40.11
CA VAL C 301 -5.07 18.98 40.79
C VAL C 301 -6.26 18.84 39.81
N VAL C 302 -6.47 19.88 38.98
CA VAL C 302 -7.55 19.90 37.98
C VAL C 302 -7.29 18.84 36.94
N PHE C 303 -6.01 18.62 36.57
CA PHE C 303 -5.66 17.56 35.61
C PHE C 303 -6.06 16.19 36.14
N LEU C 304 -5.63 15.86 37.37
CA LEU C 304 -5.94 14.63 38.07
C LEU C 304 -7.46 14.45 38.24
N LEU C 305 -8.22 15.48 38.65
CA LEU C 305 -9.69 15.36 38.77
C LEU C 305 -10.41 15.14 37.46
N ALA C 306 -10.10 15.95 36.44
CA ALA C 306 -10.65 15.87 35.07
C ALA C 306 -10.48 14.45 34.50
N ASN C 307 -9.29 13.85 34.72
CA ASN C 307 -8.98 12.50 34.29
C ASN C 307 -9.82 11.46 35.00
N ILE C 308 -10.05 11.61 36.32
CA ILE C 308 -10.90 10.72 37.13
C ILE C 308 -12.31 10.80 36.54
N ILE C 309 -12.84 12.03 36.35
CA ILE C 309 -14.17 12.27 35.78
C ILE C 309 -14.27 11.59 34.40
N LEU C 310 -13.24 11.79 33.52
CA LEU C 310 -13.18 11.14 32.19
C LEU C 310 -13.25 9.61 32.28
N ALA C 311 -12.34 8.98 33.07
CA ALA C 311 -12.30 7.53 33.28
C ALA C 311 -13.61 7.03 33.85
N PHE C 312 -14.24 7.78 34.77
CA PHE C 312 -15.55 7.36 35.29
C PHE C 312 -16.53 7.33 34.16
N LEU C 313 -16.57 8.37 33.32
CA LEU C 313 -17.50 8.42 32.18
C LEU C 313 -17.31 7.32 31.17
N PHE C 314 -16.06 6.94 30.89
CA PHE C 314 -15.80 5.90 29.92
C PHE C 314 -15.88 4.48 30.48
N PHE C 315 -15.64 4.28 31.79
CA PHE C 315 -15.62 2.96 32.42
C PHE C 315 -16.38 2.93 33.75
N VAL D 5 -9.36 -43.02 -8.77
CA VAL D 5 -8.27 -42.55 -7.92
C VAL D 5 -8.77 -42.42 -6.47
N SER D 6 -8.22 -43.28 -5.61
CA SER D 6 -8.49 -43.43 -4.18
C SER D 6 -7.14 -43.76 -3.50
N PRO D 7 -6.97 -43.71 -2.15
CA PRO D 7 -5.65 -43.97 -1.58
C PRO D 7 -5.11 -45.40 -1.77
N PRO D 8 -3.77 -45.61 -1.86
CA PRO D 8 -3.26 -46.97 -2.03
C PRO D 8 -3.64 -47.87 -0.84
N PRO D 9 -4.09 -49.12 -1.09
CA PRO D 9 -4.52 -49.98 0.01
C PRO D 9 -3.35 -50.54 0.83
N PRO D 10 -3.53 -50.71 2.16
CA PRO D 10 -2.43 -51.25 2.99
C PRO D 10 -2.23 -52.74 2.86
N ILE D 11 -0.96 -53.17 2.83
CA ILE D 11 -0.58 -54.58 2.78
C ILE D 11 -1.03 -55.28 4.07
N ALA D 12 -0.84 -54.60 5.23
CA ALA D 12 -1.26 -55.06 6.55
C ALA D 12 -2.34 -54.08 7.07
N ASP D 13 -1.97 -53.23 8.04
CA ASP D 13 -2.79 -52.18 8.63
C ASP D 13 -1.88 -50.98 8.97
N GLU D 14 -0.70 -50.93 8.32
CA GLU D 14 0.29 -49.88 8.48
C GLU D 14 -0.20 -48.54 7.87
N PRO D 15 0.19 -47.38 8.45
CA PRO D 15 -0.21 -46.11 7.83
C PRO D 15 0.62 -45.84 6.58
N LEU D 16 0.12 -44.99 5.67
CA LEU D 16 0.86 -44.63 4.46
C LEU D 16 1.87 -43.50 4.79
N THR D 17 3.17 -43.76 4.58
CA THR D 17 4.22 -42.77 4.84
C THR D 17 4.51 -41.95 3.58
N VAL D 18 4.34 -40.62 3.71
CA VAL D 18 4.66 -39.67 2.64
C VAL D 18 5.97 -38.98 3.03
N ASN D 19 7.04 -39.29 2.32
CA ASN D 19 8.35 -38.67 2.52
C ASN D 19 8.33 -37.30 1.88
N THR D 20 8.75 -36.29 2.64
CA THR D 20 8.69 -34.90 2.23
C THR D 20 10.06 -34.24 2.24
N GLY D 21 10.16 -33.16 1.49
CA GLY D 21 11.34 -32.33 1.37
C GLY D 21 11.00 -30.94 0.83
N ILE D 22 11.55 -29.89 1.49
CA ILE D 22 11.39 -28.51 1.06
C ILE D 22 12.79 -28.00 0.73
N TYR D 23 12.97 -27.47 -0.49
CA TYR D 23 14.22 -26.89 -0.95
C TYR D 23 13.91 -25.42 -1.28
N LEU D 24 14.36 -24.46 -0.41
CA LEU D 24 14.13 -23.03 -0.60
C LEU D 24 14.91 -22.49 -1.79
N ILE D 25 14.20 -21.76 -2.66
CA ILE D 25 14.77 -21.11 -3.84
C ILE D 25 14.87 -19.63 -3.51
N GLU D 26 13.76 -19.02 -3.09
N GLU D 26 13.80 -19.09 -2.96
CA GLU D 26 13.71 -17.60 -2.72
CA GLU D 26 13.76 -17.71 -2.53
C GLU D 26 12.99 -17.36 -1.40
C GLU D 26 13.12 -17.57 -1.21
N CYS D 27 13.63 -16.59 -0.50
CA CYS D 27 13.12 -16.19 0.78
C CYS D 27 13.15 -14.71 0.76
N TYR D 28 11.99 -14.08 0.95
CA TYR D 28 11.87 -12.62 0.83
C TYR D 28 10.74 -12.04 1.72
N SER D 29 10.51 -10.72 1.57
CA SER D 29 9.48 -9.91 2.23
C SER D 29 9.10 -10.35 3.68
N LEU D 30 10.13 -10.35 4.58
CA LEU D 30 9.93 -10.58 6.00
C LEU D 30 9.40 -9.25 6.62
N ASP D 31 8.08 -9.17 6.81
CA ASP D 31 7.37 -8.05 7.41
C ASP D 31 7.35 -8.23 8.96
N ASP D 32 8.08 -7.39 9.70
CA ASP D 32 8.14 -7.41 11.16
C ASP D 32 6.79 -7.07 11.82
N LYS D 33 6.11 -6.02 11.30
CA LYS D 33 4.81 -5.58 11.78
C LYS D 33 3.76 -6.67 11.59
N ALA D 34 3.77 -7.34 10.40
CA ALA D 34 2.81 -8.41 10.05
C ALA D 34 3.19 -9.79 10.57
N GLU D 35 4.49 -9.96 10.95
CA GLU D 35 5.09 -11.23 11.38
C GLU D 35 4.85 -12.31 10.32
N THR D 36 5.12 -11.93 9.05
CA THR D 36 4.99 -12.78 7.86
C THR D 36 6.25 -12.71 7.02
N PHE D 37 6.42 -13.72 6.16
CA PHE D 37 7.51 -13.82 5.18
C PHE D 37 6.99 -14.57 3.95
N LYS D 38 7.53 -14.26 2.79
CA LYS D 38 7.14 -14.91 1.56
C LYS D 38 8.19 -15.97 1.23
N VAL D 39 7.75 -17.08 0.67
CA VAL D 39 8.64 -18.20 0.35
C VAL D 39 8.34 -18.70 -1.09
N ASN D 40 9.40 -19.20 -1.74
CA ASN D 40 9.35 -19.78 -3.06
C ASN D 40 10.29 -20.97 -2.96
N ALA D 41 9.73 -22.19 -3.08
CA ALA D 41 10.49 -23.40 -2.85
C ALA D 41 10.02 -24.62 -3.62
N PHE D 42 10.83 -25.70 -3.58
CA PHE D 42 10.46 -26.98 -4.16
C PHE D 42 9.84 -27.79 -3.04
N LEU D 43 8.76 -28.48 -3.34
CA LEU D 43 8.15 -29.42 -2.41
C LEU D 43 8.25 -30.75 -3.10
N SER D 44 8.93 -31.69 -2.45
CA SER D 44 9.11 -33.02 -2.99
C SER D 44 8.34 -34.02 -2.12
N LEU D 45 7.53 -34.88 -2.76
CA LEU D 45 6.75 -35.91 -2.06
C LEU D 45 7.06 -37.26 -2.64
N SER D 46 7.03 -38.30 -1.79
CA SER D 46 7.31 -39.70 -2.17
C SER D 46 6.57 -40.69 -1.31
N TRP D 47 5.84 -41.61 -1.94
CA TRP D 47 5.05 -42.64 -1.27
C TRP D 47 4.97 -43.86 -2.17
N LYS D 48 4.61 -45.04 -1.61
CA LYS D 48 4.45 -46.27 -2.39
C LYS D 48 2.97 -46.50 -2.75
N ASP D 49 2.70 -46.67 -4.04
CA ASP D 49 1.36 -47.01 -4.57
C ASP D 49 1.52 -48.31 -5.36
N ARG D 50 1.32 -49.47 -4.68
CA ARG D 50 1.46 -50.81 -5.26
C ARG D 50 0.67 -51.00 -6.56
N ARG D 51 -0.51 -50.36 -6.67
CA ARG D 51 -1.38 -50.37 -7.86
C ARG D 51 -0.68 -49.83 -9.13
N LEU D 52 0.36 -49.00 -8.98
CA LEU D 52 1.11 -48.36 -10.07
C LEU D 52 2.39 -49.11 -10.49
N ALA D 53 2.69 -50.21 -9.75
CA ALA D 53 3.84 -51.09 -9.98
C ALA D 53 3.80 -51.74 -11.36
N PHE D 54 4.99 -52.05 -11.92
CA PHE D 54 5.13 -52.66 -13.24
C PHE D 54 6.43 -53.48 -13.37
N ASP D 55 6.49 -54.37 -14.38
CA ASP D 55 7.67 -55.17 -14.69
C ASP D 55 8.46 -54.36 -15.73
N PRO D 56 9.74 -53.99 -15.44
CA PRO D 56 10.49 -53.16 -16.40
C PRO D 56 10.83 -53.85 -17.73
N VAL D 57 10.90 -55.21 -17.70
CA VAL D 57 11.18 -56.11 -18.81
C VAL D 57 10.13 -55.98 -19.94
N ARG D 58 8.85 -56.35 -19.66
CA ARG D 58 7.73 -56.31 -20.62
C ARG D 58 7.30 -54.90 -21.00
N SER D 59 7.44 -53.96 -20.04
CA SER D 59 7.08 -52.55 -20.20
C SER D 59 8.08 -51.79 -21.07
N GLY D 60 9.36 -52.18 -21.00
CA GLY D 60 10.43 -51.57 -21.77
C GLY D 60 11.07 -50.38 -21.09
N VAL D 61 10.32 -49.74 -20.18
CA VAL D 61 10.74 -48.58 -19.40
C VAL D 61 10.94 -48.93 -17.93
N ARG D 62 11.88 -48.24 -17.30
CA ARG D 62 12.22 -48.39 -15.87
C ARG D 62 11.55 -47.28 -15.05
N VAL D 63 11.07 -46.23 -15.74
CA VAL D 63 10.39 -45.09 -15.14
C VAL D 63 9.16 -44.70 -15.97
N LYS D 64 8.02 -44.52 -15.29
CA LYS D 64 6.78 -44.07 -15.91
C LYS D 64 6.43 -42.66 -15.40
N THR D 65 6.05 -41.77 -16.30
CA THR D 65 5.68 -40.40 -15.95
C THR D 65 4.16 -40.24 -16.11
N TYR D 66 3.46 -39.80 -15.04
CA TYR D 66 2.00 -39.59 -15.04
C TYR D 66 1.66 -38.14 -14.81
N GLU D 67 0.44 -37.75 -15.22
CA GLU D 67 -0.14 -36.42 -15.02
C GLU D 67 -0.85 -36.45 -13.66
N PRO D 68 -0.93 -35.31 -12.89
CA PRO D 68 -1.56 -35.35 -11.56
C PRO D 68 -2.93 -36.07 -11.46
N GLU D 69 -3.81 -35.84 -12.45
CA GLU D 69 -5.16 -36.41 -12.56
C GLU D 69 -5.16 -37.93 -12.71
N ALA D 70 -4.21 -38.47 -13.48
CA ALA D 70 -4.03 -39.90 -13.74
C ALA D 70 -3.83 -40.76 -12.49
N ILE D 71 -3.16 -40.23 -11.45
CA ILE D 71 -2.89 -41.00 -10.23
C ILE D 71 -3.37 -40.33 -8.93
N TRP D 72 -3.38 -41.10 -7.83
CA TRP D 72 -3.74 -40.59 -6.50
C TRP D 72 -2.56 -39.80 -5.96
N ILE D 73 -2.83 -38.58 -5.52
CA ILE D 73 -1.84 -37.70 -4.92
C ILE D 73 -2.35 -37.24 -3.55
N PRO D 74 -1.49 -37.34 -2.49
CA PRO D 74 -1.94 -36.93 -1.14
C PRO D 74 -2.20 -35.43 -1.06
N GLU D 75 -3.33 -35.04 -0.41
CA GLU D 75 -3.71 -33.64 -0.20
C GLU D 75 -2.86 -33.13 0.94
N ILE D 76 -1.73 -32.47 0.57
CA ILE D 76 -0.75 -31.87 1.45
C ILE D 76 -1.03 -30.37 1.54
N ARG D 77 -1.04 -29.82 2.75
CA ARG D 77 -1.27 -28.39 2.97
C ARG D 77 -0.24 -27.86 3.95
N PHE D 78 -0.18 -26.52 4.05
CA PHE D 78 0.65 -25.81 5.00
C PHE D 78 -0.28 -25.28 6.06
N VAL D 79 0.12 -25.38 7.32
CA VAL D 79 -0.72 -24.90 8.40
C VAL D 79 -0.73 -23.35 8.46
N ASN D 80 0.45 -22.76 8.65
CA ASN D 80 0.65 -21.33 8.88
C ASN D 80 0.82 -20.48 7.62
N VAL D 81 -0.16 -20.56 6.71
CA VAL D 81 -0.22 -19.75 5.51
C VAL D 81 -1.42 -18.81 5.53
N GLU D 82 -1.31 -17.72 4.75
CA GLU D 82 -2.37 -16.72 4.58
C GLU D 82 -3.47 -17.36 3.73
N ASN D 83 -3.08 -17.77 2.51
CA ASN D 83 -3.90 -18.44 1.54
C ASN D 83 -3.14 -19.70 1.13
N ALA D 84 -3.85 -20.63 0.49
CA ALA D 84 -3.22 -21.86 0.01
C ALA D 84 -2.11 -21.51 -1.00
N ARG D 85 -0.98 -22.24 -0.92
CA ARG D 85 0.19 -22.08 -1.78
C ARG D 85 -0.18 -22.13 -3.25
N ASP D 86 0.51 -21.32 -4.06
CA ASP D 86 0.35 -21.35 -5.50
C ASP D 86 1.42 -22.31 -5.93
N ALA D 87 0.99 -23.51 -6.40
CA ALA D 87 1.89 -24.59 -6.79
C ALA D 87 1.76 -24.94 -8.27
N ASP D 88 2.86 -25.42 -8.85
CA ASP D 88 2.99 -25.86 -10.23
C ASP D 88 3.79 -27.14 -10.15
N VAL D 89 3.19 -28.28 -10.56
CA VAL D 89 3.83 -29.58 -10.57
C VAL D 89 4.95 -29.55 -11.62
N VAL D 90 6.16 -29.97 -11.20
CA VAL D 90 7.37 -30.04 -12.03
C VAL D 90 7.46 -31.46 -12.64
N ASP D 91 7.32 -32.51 -11.81
CA ASP D 91 7.44 -33.88 -12.25
C ASP D 91 6.80 -34.90 -11.31
N ILE D 92 6.25 -35.98 -11.89
CA ILE D 92 5.68 -37.16 -11.24
C ILE D 92 6.30 -38.37 -11.96
N SER D 93 7.17 -39.12 -11.23
CA SER D 93 7.92 -40.27 -11.73
C SER D 93 7.71 -41.55 -10.90
N VAL D 94 7.21 -42.63 -11.55
CA VAL D 94 6.95 -43.94 -10.92
C VAL D 94 8.03 -44.96 -11.29
N SER D 95 8.53 -45.67 -10.26
CA SER D 95 9.54 -46.72 -10.34
C SER D 95 8.78 -48.07 -10.48
N PRO D 96 9.46 -49.18 -10.88
CA PRO D 96 8.74 -50.46 -11.04
C PRO D 96 7.97 -50.95 -9.82
N ASP D 97 8.46 -50.68 -8.58
CA ASP D 97 7.78 -51.10 -7.34
C ASP D 97 6.63 -50.16 -6.90
N GLY D 98 6.25 -49.25 -7.79
CA GLY D 98 5.17 -48.32 -7.56
C GLY D 98 5.51 -47.12 -6.71
N THR D 99 6.83 -46.89 -6.41
CA THR D 99 7.27 -45.73 -5.63
C THR D 99 7.15 -44.47 -6.48
N VAL D 100 6.26 -43.57 -6.05
CA VAL D 100 5.94 -42.31 -6.72
C VAL D 100 6.85 -41.19 -6.23
N GLN D 101 7.50 -40.46 -7.17
CA GLN D 101 8.37 -39.31 -6.89
C GLN D 101 7.77 -38.04 -7.50
N TYR D 102 7.09 -37.27 -6.63
CA TYR D 102 6.41 -36.02 -6.92
C TYR D 102 7.31 -34.81 -6.62
N LEU D 103 7.23 -33.79 -7.48
CA LEU D 103 7.94 -32.53 -7.31
C LEU D 103 7.09 -31.37 -7.85
N GLU D 104 6.98 -30.32 -7.03
CA GLU D 104 6.26 -29.10 -7.37
C GLU D 104 7.06 -27.94 -6.93
N ARG D 105 6.84 -26.79 -7.57
CA ARG D 105 7.45 -25.55 -7.11
C ARG D 105 6.30 -24.68 -6.63
N PHE D 106 6.37 -24.20 -5.41
CA PHE D 106 5.31 -23.40 -4.83
C PHE D 106 5.82 -22.05 -4.35
N SER D 107 4.88 -21.17 -4.00
CA SER D 107 5.09 -19.87 -3.40
C SER D 107 3.95 -19.60 -2.42
N ALA D 108 4.29 -19.24 -1.18
CA ALA D 108 3.32 -18.96 -0.12
C ALA D 108 3.77 -17.85 0.83
N ARG D 109 2.80 -17.13 1.44
CA ARG D 109 3.02 -16.11 2.47
C ARG D 109 2.72 -16.81 3.78
N VAL D 110 3.77 -17.01 4.57
CA VAL D 110 3.81 -17.76 5.83
C VAL D 110 3.66 -16.82 7.03
N LEU D 111 2.78 -17.18 7.99
CA LEU D 111 2.57 -16.43 9.23
C LEU D 111 3.34 -17.15 10.29
N SER D 112 4.46 -16.58 10.70
CA SER D 112 5.27 -17.15 11.77
C SER D 112 5.64 -16.00 12.72
N PRO D 113 5.20 -16.10 14.01
CA PRO D 113 5.46 -15.01 14.97
C PRO D 113 6.93 -14.81 15.36
N LEU D 114 7.24 -13.57 15.75
CA LEU D 114 8.58 -13.12 16.08
C LEU D 114 8.68 -12.59 17.51
N ASP D 115 9.87 -12.76 18.13
CA ASP D 115 10.18 -12.30 19.48
C ASP D 115 11.07 -11.05 19.46
N PHE D 116 10.43 -9.88 19.59
CA PHE D 116 11.12 -8.61 19.50
C PHE D 116 11.87 -8.13 20.76
N ARG D 117 11.80 -8.89 21.89
CA ARG D 117 12.45 -8.55 23.16
C ARG D 117 13.90 -8.00 23.04
N ARG D 118 14.74 -8.64 22.21
CA ARG D 118 16.16 -8.23 22.04
C ARG D 118 16.38 -7.33 20.81
N TYR D 119 15.30 -6.85 20.15
CA TYR D 119 15.38 -6.01 18.97
C TYR D 119 16.26 -4.77 19.15
N PRO D 120 17.15 -4.43 18.18
CA PRO D 120 17.41 -5.11 16.92
C PRO D 120 18.55 -6.17 16.94
N PHE D 121 18.88 -6.76 18.13
CA PHE D 121 19.94 -7.79 18.27
C PHE D 121 19.30 -9.16 18.47
N ASP D 122 18.15 -9.33 17.86
CA ASP D 122 17.33 -10.52 17.96
C ASP D 122 17.54 -11.53 16.86
N SER D 123 17.23 -12.78 17.20
CA SER D 123 17.27 -13.92 16.29
C SER D 123 15.87 -14.55 16.31
N GLN D 124 15.49 -15.22 15.21
CA GLN D 124 14.18 -15.83 15.07
C GLN D 124 14.27 -17.22 14.51
N THR D 125 13.25 -18.04 14.81
CA THR D 125 13.04 -19.36 14.22
C THR D 125 11.73 -19.26 13.47
N LEU D 126 11.84 -19.12 12.15
CA LEU D 126 10.68 -19.12 11.28
C LEU D 126 10.19 -20.57 11.08
N HIS D 127 8.86 -20.78 11.05
CA HIS D 127 8.34 -22.14 10.85
C HIS D 127 7.50 -22.28 9.62
N ILE D 128 7.58 -23.45 9.00
CA ILE D 128 6.77 -23.84 7.85
C ILE D 128 6.24 -25.19 8.26
N TYR D 129 4.94 -25.25 8.57
CA TYR D 129 4.33 -26.51 8.99
C TYR D 129 3.61 -27.20 7.89
N LEU D 130 4.12 -28.37 7.49
CA LEU D 130 3.53 -29.27 6.49
C LEU D 130 2.52 -30.16 7.20
N ILE D 131 1.34 -30.38 6.61
CA ILE D 131 0.30 -31.22 7.23
C ILE D 131 -0.42 -32.12 6.18
N VAL D 132 -0.88 -33.31 6.61
CA VAL D 132 -1.66 -34.25 5.83
C VAL D 132 -2.79 -34.75 6.69
N ARG D 133 -4.00 -34.75 6.13
CA ARG D 133 -5.17 -35.25 6.85
C ARG D 133 -5.47 -36.67 6.39
N SER D 134 -5.49 -37.62 7.35
CA SER D 134 -5.79 -39.03 7.10
C SER D 134 -7.20 -39.22 6.54
N VAL D 135 -7.34 -40.18 5.64
CA VAL D 135 -8.62 -40.53 5.03
C VAL D 135 -9.29 -41.67 5.81
N ASP D 136 -10.57 -41.91 5.51
CA ASP D 136 -11.36 -42.97 6.16
C ASP D 136 -10.80 -44.37 5.88
N THR D 137 -10.34 -44.57 4.65
CA THR D 137 -9.77 -45.82 4.14
C THR D 137 -8.44 -46.12 4.88
N ARG D 138 -7.51 -45.15 4.96
CA ARG D 138 -6.26 -45.36 5.71
C ARG D 138 -5.60 -44.06 6.19
N ASN D 139 -4.78 -44.21 7.23
CA ASN D 139 -4.04 -43.16 7.92
C ASN D 139 -2.76 -42.79 7.21
N ILE D 140 -2.57 -41.47 7.04
CA ILE D 140 -1.40 -40.93 6.35
C ILE D 140 -0.49 -40.20 7.32
N VAL D 141 0.77 -40.60 7.30
CA VAL D 141 1.80 -40.08 8.14
C VAL D 141 2.87 -39.44 7.24
N LEU D 142 3.49 -38.34 7.73
CA LEU D 142 4.54 -37.60 7.04
C LEU D 142 5.93 -37.99 7.57
N ALA D 143 6.92 -37.95 6.69
CA ALA D 143 8.31 -38.27 7.00
C ALA D 143 9.20 -37.22 6.33
N VAL D 144 10.44 -37.09 6.84
CA VAL D 144 11.41 -36.14 6.31
C VAL D 144 12.52 -36.92 5.59
N ASP D 145 12.68 -36.63 4.29
CA ASP D 145 13.78 -37.16 3.47
C ASP D 145 14.84 -36.04 3.54
N LEU D 146 15.82 -36.17 4.47
CA LEU D 146 16.86 -35.15 4.71
C LEU D 146 17.69 -34.83 3.46
N GLU D 147 17.76 -35.78 2.53
CA GLU D 147 18.45 -35.68 1.26
C GLU D 147 17.78 -34.65 0.34
N LYS D 148 16.50 -34.32 0.61
CA LYS D 148 15.68 -33.44 -0.21
C LYS D 148 15.21 -32.16 0.51
N VAL D 149 15.84 -31.86 1.66
CA VAL D 149 15.63 -30.67 2.49
C VAL D 149 16.90 -29.81 2.38
N GLY D 150 16.72 -28.57 1.96
CA GLY D 150 17.82 -27.64 1.77
C GLY D 150 17.36 -26.28 1.30
N LYS D 151 18.31 -25.49 0.77
CA LYS D 151 18.12 -24.13 0.27
C LYS D 151 19.32 -23.76 -0.61
N ASN D 152 19.14 -22.88 -1.62
CA ASN D 152 20.33 -22.54 -2.38
C ASN D 152 21.10 -21.41 -1.75
N ASP D 153 22.36 -21.25 -2.19
CA ASP D 153 23.32 -20.23 -1.73
C ASP D 153 22.78 -18.80 -1.95
N ASP D 154 22.16 -18.56 -3.13
CA ASP D 154 21.48 -17.32 -3.55
C ASP D 154 20.40 -16.82 -2.55
N VAL D 155 19.78 -17.74 -1.72
CA VAL D 155 18.72 -17.39 -0.75
C VAL D 155 19.22 -16.26 0.17
N PHE D 156 18.63 -15.08 -0.03
CA PHE D 156 18.94 -13.83 0.65
C PHE D 156 17.68 -13.22 1.23
N LEU D 157 17.72 -12.94 2.52
CA LEU D 157 16.61 -12.28 3.20
C LEU D 157 17.20 -10.94 3.64
N THR D 158 16.72 -9.84 3.02
CA THR D 158 17.17 -8.44 3.23
C THR D 158 17.16 -8.11 4.72
N GLY D 159 18.31 -7.68 5.24
CA GLY D 159 18.47 -7.30 6.64
C GLY D 159 18.51 -8.43 7.66
N TRP D 160 18.71 -9.65 7.17
CA TRP D 160 18.79 -10.86 7.97
C TRP D 160 19.91 -11.77 7.50
N ASP D 161 20.42 -12.58 8.42
CA ASP D 161 21.42 -13.59 8.15
C ASP D 161 20.72 -14.94 8.28
N ILE D 162 20.79 -15.77 7.23
CA ILE D 162 20.15 -17.11 7.26
C ILE D 162 21.14 -18.09 7.86
N GLU D 163 20.81 -18.60 9.04
CA GLU D 163 21.64 -19.54 9.80
C GLU D 163 21.50 -20.99 9.39
N SER D 164 20.25 -21.50 9.39
CA SER D 164 19.91 -22.88 9.10
C SER D 164 18.52 -23.03 8.51
N PHE D 165 18.27 -24.20 7.91
CA PHE D 165 16.97 -24.65 7.43
C PHE D 165 16.97 -26.14 7.64
N THR D 166 16.28 -26.59 8.69
CA THR D 166 16.17 -28.00 9.06
C THR D 166 14.73 -28.37 9.36
N ALA D 167 14.45 -29.68 9.35
CA ALA D 167 13.14 -30.22 9.69
C ALA D 167 13.21 -31.06 10.96
N VAL D 168 12.16 -30.94 11.79
CA VAL D 168 11.97 -31.76 12.99
C VAL D 168 11.35 -33.04 12.41
N VAL D 169 12.24 -34.06 12.23
CA VAL D 169 12.04 -35.36 11.59
C VAL D 169 10.82 -36.19 12.10
N LYS D 170 10.51 -36.11 13.40
CA LYS D 170 9.39 -36.84 14.01
C LYS D 170 8.11 -35.97 13.85
N PRO D 171 7.08 -36.41 13.05
CA PRO D 171 5.86 -35.57 12.89
C PRO D 171 5.00 -35.54 14.14
N ALA D 172 4.18 -34.51 14.29
CA ALA D 172 3.29 -34.45 15.43
C ALA D 172 1.93 -35.01 14.98
N ASN D 173 1.62 -36.26 15.35
CA ASN D 173 0.33 -36.90 15.03
C ASN D 173 -0.70 -36.45 16.08
N PHE D 174 -1.92 -36.06 15.67
CA PHE D 174 -3.01 -35.58 16.53
C PHE D 174 -4.35 -35.68 15.84
N ALA D 175 -5.42 -35.66 16.63
CA ALA D 175 -6.77 -35.72 16.07
C ALA D 175 -7.36 -34.34 15.96
N LEU D 176 -7.92 -34.05 14.79
CA LEU D 176 -8.63 -32.81 14.51
C LEU D 176 -9.85 -33.13 13.68
N GLU D 177 -11.04 -32.87 14.26
CA GLU D 177 -12.37 -33.10 13.71
C GLU D 177 -12.55 -34.57 13.27
N ASP D 178 -12.34 -35.48 14.23
CA ASP D 178 -12.48 -36.93 14.11
C ASP D 178 -11.57 -37.60 13.06
N ARG D 179 -10.50 -36.92 12.64
CA ARG D 179 -9.50 -37.44 11.72
C ARG D 179 -8.07 -37.11 12.17
N LEU D 180 -7.19 -38.02 11.89
CA LEU D 180 -5.79 -37.92 12.24
C LEU D 180 -5.06 -36.97 11.28
N GLU D 181 -4.22 -36.11 11.85
CA GLU D 181 -3.42 -35.14 11.11
C GLU D 181 -1.94 -35.33 11.44
N SER D 182 -1.07 -35.43 10.41
CA SER D 182 0.38 -35.62 10.54
C SER D 182 1.11 -34.31 10.13
N LYS D 183 1.65 -33.60 11.15
CA LYS D 183 2.27 -32.26 11.04
C LYS D 183 3.83 -32.26 11.14
N LEU D 184 4.51 -31.64 10.15
CA LEU D 184 5.97 -31.52 10.14
C LEU D 184 6.44 -30.08 10.34
N ASP D 185 7.50 -29.93 11.15
CA ASP D 185 8.07 -28.62 11.46
C ASP D 185 9.35 -28.36 10.72
N TYR D 186 9.27 -27.46 9.70
CA TYR D 186 10.43 -26.99 8.95
C TYR D 186 10.80 -25.66 9.58
N GLN D 187 11.98 -25.63 10.22
CA GLN D 187 12.49 -24.46 10.94
C GLN D 187 13.62 -23.73 10.21
N LEU D 188 13.35 -22.47 9.84
CA LEU D 188 14.32 -21.59 9.20
C LEU D 188 14.89 -20.59 10.25
N ARG D 189 16.14 -20.82 10.65
CA ARG D 189 16.83 -20.00 11.68
C ARG D 189 17.54 -18.82 11.07
N ILE D 190 17.16 -17.62 11.54
CA ILE D 190 17.68 -16.35 11.03
C ILE D 190 18.09 -15.42 12.18
N SER D 191 19.06 -14.52 11.92
CA SER D 191 19.48 -13.50 12.90
C SER D 191 19.60 -12.15 12.22
N ARG D 192 19.04 -11.12 12.88
CA ARG D 192 18.97 -9.77 12.36
C ARG D 192 20.32 -9.12 12.18
N GLN D 193 20.48 -8.39 11.05
CA GLN D 193 21.66 -7.61 10.70
C GLN D 193 21.42 -6.27 11.36
N TYR D 194 21.90 -6.19 12.62
CA TYR D 194 21.76 -5.05 13.50
C TYR D 194 22.61 -3.81 13.11
N PHE D 195 23.63 -3.94 12.21
CA PHE D 195 24.55 -2.88 11.76
C PHE D 195 23.89 -1.52 11.57
N SER D 196 22.97 -1.41 10.59
CA SER D 196 22.24 -0.21 10.17
C SER D 196 21.71 0.63 11.32
N TYR D 197 21.12 -0.04 12.31
CA TYR D 197 20.54 0.60 13.50
C TYR D 197 21.47 1.51 14.27
N ILE D 198 22.78 1.18 14.33
CA ILE D 198 23.81 1.95 15.02
C ILE D 198 23.96 3.37 14.39
N PRO D 199 24.37 3.55 13.08
CA PRO D 199 24.47 4.92 12.55
C PRO D 199 23.12 5.61 12.23
N ASN D 200 22.04 4.82 12.07
CA ASN D 200 20.73 5.36 11.67
C ASN D 200 19.84 5.85 12.79
N ILE D 201 19.86 5.11 13.93
CA ILE D 201 18.98 5.32 15.09
C ILE D 201 19.75 5.51 16.40
N ILE D 202 20.57 4.51 16.82
CA ILE D 202 21.26 4.52 18.12
C ILE D 202 22.16 5.72 18.28
N LEU D 203 23.22 5.89 17.46
CA LEU D 203 24.12 7.03 17.61
C LEU D 203 23.43 8.38 17.41
N PRO D 204 22.59 8.63 16.36
CA PRO D 204 21.85 9.91 16.31
C PRO D 204 21.15 10.25 17.62
N MET D 205 20.46 9.27 18.22
CA MET D 205 19.73 9.37 19.49
C MET D 205 20.62 9.71 20.68
N LEU D 206 21.84 9.11 20.74
CA LEU D 206 22.81 9.39 21.80
C LEU D 206 23.41 10.78 21.67
N PHE D 207 23.71 11.20 20.41
CA PHE D 207 24.25 12.53 20.12
C PHE D 207 23.33 13.65 20.55
N ILE D 208 22.00 13.55 20.25
CA ILE D 208 21.03 14.58 20.69
C ILE D 208 20.98 14.62 22.24
N LEU D 209 20.98 13.43 22.92
CA LEU D 209 20.97 13.33 24.39
C LEU D 209 22.20 14.06 24.98
N PHE D 210 23.39 13.79 24.43
CA PHE D 210 24.63 14.43 24.85
C PHE D 210 24.60 15.94 24.61
N ILE D 211 24.00 16.38 23.49
CA ILE D 211 23.80 17.82 23.21
C ILE D 211 22.95 18.45 24.33
N SER D 212 21.89 17.77 24.79
CA SER D 212 21.04 18.26 25.89
C SER D 212 21.87 18.46 27.18
N TRP D 213 22.92 17.64 27.39
CA TRP D 213 23.76 17.69 28.60
C TRP D 213 24.71 18.89 28.64
N THR D 214 24.88 19.61 27.52
CA THR D 214 25.69 20.83 27.49
C THR D 214 25.04 21.93 28.34
N ALA D 215 23.73 21.78 28.70
CA ALA D 215 23.01 22.72 29.56
C ALA D 215 23.60 22.72 30.97
N PHE D 216 24.36 21.66 31.33
CA PHE D 216 25.01 21.56 32.64
C PHE D 216 26.28 22.43 32.73
N TRP D 217 26.69 23.07 31.60
CA TRP D 217 27.83 23.99 31.53
C TRP D 217 27.33 25.37 31.11
N SER D 218 26.03 25.64 31.36
CA SER D 218 25.35 26.89 31.04
C SER D 218 24.51 27.39 32.21
N THR D 219 24.56 28.71 32.41
CA THR D 219 23.85 29.46 33.43
C THR D 219 22.61 30.17 32.81
N SER D 220 22.52 30.16 31.45
CA SER D 220 21.43 30.75 30.69
C SER D 220 20.16 29.86 30.63
N TYR D 221 19.14 30.16 31.46
CA TYR D 221 17.87 29.43 31.49
C TYR D 221 17.20 29.37 30.11
N GLU D 222 17.13 30.50 29.42
CA GLU D 222 16.52 30.61 28.10
C GLU D 222 17.20 29.65 27.10
N ALA D 223 18.56 29.62 27.09
CA ALA D 223 19.32 28.70 26.23
C ALA D 223 19.10 27.22 26.60
N ASN D 224 19.13 26.92 27.91
CA ASN D 224 18.94 25.55 28.48
C ASN D 224 17.58 25.00 28.12
N VAL D 225 16.54 25.85 28.20
CA VAL D 225 15.17 25.49 27.85
C VAL D 225 15.14 25.08 26.37
N THR D 226 15.75 25.88 25.49
CA THR D 226 15.85 25.66 24.05
C THR D 226 16.56 24.34 23.77
N LEU D 227 17.69 24.10 24.47
CA LEU D 227 18.50 22.90 24.32
C LEU D 227 17.75 21.64 24.67
N VAL D 228 17.15 21.60 25.88
CA VAL D 228 16.52 20.39 26.39
C VAL D 228 15.13 20.13 25.75
N VAL D 229 14.45 21.16 25.31
CA VAL D 229 13.13 21.00 24.72
C VAL D 229 13.26 20.56 23.26
N SER D 230 14.31 21.07 22.59
CA SER D 230 14.53 20.77 21.19
C SER D 230 15.06 19.38 20.97
N THR D 231 16.04 18.95 21.81
CA THR D 231 16.58 17.59 21.77
C THR D 231 15.47 16.60 22.11
N LEU D 232 14.57 16.96 23.07
CA LEU D 232 13.41 16.13 23.41
C LEU D 232 12.52 15.90 22.20
N ILE D 233 12.30 16.96 21.39
CA ILE D 233 11.49 16.86 20.19
C ILE D 233 12.14 15.91 19.18
N ALA D 234 13.46 16.05 19.01
CA ALA D 234 14.23 15.16 18.11
C ALA D 234 14.17 13.72 18.59
N HIS D 235 14.13 13.47 19.91
CA HIS D 235 13.98 12.11 20.46
C HIS D 235 12.58 11.56 20.11
N ILE D 236 11.52 12.39 20.29
CA ILE D 236 10.15 12.01 19.95
C ILE D 236 10.10 11.52 18.49
N ALA D 237 10.80 12.23 17.56
CA ALA D 237 10.92 11.89 16.12
C ALA D 237 11.49 10.49 15.92
N PHE D 238 12.57 10.15 16.66
CA PHE D 238 13.18 8.81 16.58
C PHE D 238 12.27 7.75 17.17
N ASN D 239 11.61 8.05 18.32
CA ASN D 239 10.64 7.15 18.96
C ASN D 239 9.51 6.79 17.97
N ILE D 240 8.87 7.82 17.34
CA ILE D 240 7.82 7.57 16.38
C ILE D 240 8.31 6.71 15.23
N LEU D 241 9.50 7.05 14.67
CA LEU D 241 10.14 6.31 13.55
C LEU D 241 10.29 4.84 13.89
N VAL D 242 10.87 4.58 15.08
CA VAL D 242 11.08 3.22 15.58
C VAL D 242 9.74 2.48 15.73
N GLU D 243 8.73 3.14 16.35
CA GLU D 243 7.50 2.43 16.63
C GLU D 243 6.69 2.20 15.36
N THR D 244 6.98 2.94 14.25
CA THR D 244 6.35 2.65 12.94
C THR D 244 6.92 1.38 12.30
N ASN D 245 8.20 1.04 12.53
CA ASN D 245 8.90 -0.15 11.98
C ASN D 245 8.62 -1.44 12.79
N LEU D 246 7.89 -1.33 13.92
CA LEU D 246 7.66 -2.47 14.82
C LEU D 246 6.21 -2.70 15.14
N PRO D 247 5.81 -3.96 15.47
CA PRO D 247 4.42 -4.15 15.94
C PRO D 247 4.29 -3.81 17.44
N LYS D 248 3.06 -3.62 17.90
CA LYS D 248 2.72 -3.35 19.28
C LYS D 248 2.80 -4.71 20.06
N THR D 249 3.87 -4.84 20.86
CA THR D 249 4.13 -6.00 21.69
C THR D 249 3.58 -5.88 23.12
N PRO D 250 3.05 -6.98 23.72
CA PRO D 250 2.57 -6.90 25.11
C PRO D 250 3.71 -6.94 26.14
N TYR D 251 4.95 -6.76 25.67
CA TYR D 251 6.18 -6.79 26.44
C TYR D 251 7.06 -5.64 26.01
N MET D 252 8.11 -5.37 26.77
CA MET D 252 9.06 -4.32 26.43
C MET D 252 10.15 -4.90 25.54
N THR D 253 10.57 -4.12 24.54
CA THR D 253 11.67 -4.50 23.67
C THR D 253 12.90 -3.76 24.16
N TYR D 254 14.08 -4.19 23.72
CA TYR D 254 15.32 -3.58 24.15
C TYR D 254 15.43 -2.10 23.78
N THR D 255 15.24 -1.80 22.50
CA THR D 255 15.24 -0.48 21.91
C THR D 255 14.11 0.36 22.55
N GLY D 256 12.97 -0.27 22.79
CA GLY D 256 11.84 0.39 23.42
C GLY D 256 12.16 0.89 24.80
N ALA D 257 12.87 0.05 25.60
CA ALA D 257 13.28 0.31 26.99
C ALA D 257 14.20 1.50 27.02
N ILE D 258 15.31 1.44 26.23
CA ILE D 258 16.29 2.52 26.04
C ILE D 258 15.58 3.80 25.67
N ILE D 259 14.79 3.80 24.57
CA ILE D 259 13.99 4.94 24.12
C ILE D 259 13.13 5.52 25.26
N PHE D 260 12.46 4.66 26.06
CA PHE D 260 11.62 5.13 27.17
C PHE D 260 12.41 5.79 28.32
N MET D 261 13.51 5.17 28.72
CA MET D 261 14.42 5.61 29.75
C MET D 261 14.99 7.00 29.45
N ILE D 262 15.35 7.27 28.15
CA ILE D 262 15.88 8.55 27.73
C ILE D 262 14.86 9.64 27.97
N TYR D 263 13.53 9.31 27.92
CA TYR D 263 12.48 10.28 28.26
C TYR D 263 12.68 10.80 29.68
N LEU D 264 12.93 9.87 30.63
CA LEU D 264 13.13 10.16 32.03
C LEU D 264 14.34 11.07 32.26
N PHE D 265 15.45 10.81 31.52
CA PHE D 265 16.65 11.65 31.54
C PHE D 265 16.33 13.06 31.10
N TYR D 266 15.50 13.24 30.05
CA TYR D 266 15.07 14.57 29.56
C TYR D 266 14.22 15.29 30.61
N PHE D 267 13.34 14.53 31.26
CA PHE D 267 12.45 15.04 32.30
C PHE D 267 13.26 15.57 33.46
N VAL D 268 14.21 14.76 34.00
CA VAL D 268 15.08 15.15 35.09
C VAL D 268 15.98 16.35 34.71
N ALA D 269 16.53 16.40 33.47
CA ALA D 269 17.32 17.55 33.03
C ALA D 269 16.44 18.83 32.99
N VAL D 270 15.15 18.73 32.64
CA VAL D 270 14.27 19.89 32.71
C VAL D 270 14.13 20.33 34.20
N ILE D 271 13.91 19.37 35.13
CA ILE D 271 13.86 19.67 36.57
C ILE D 271 15.16 20.38 36.98
N GLU D 272 16.34 19.84 36.59
CA GLU D 272 17.62 20.42 36.97
C GLU D 272 17.76 21.87 36.48
N VAL D 273 17.50 22.09 35.22
CA VAL D 273 17.54 23.40 34.56
C VAL D 273 16.61 24.42 35.29
N THR D 274 15.41 23.95 35.73
CA THR D 274 14.39 24.72 36.44
C THR D 274 14.91 25.10 37.83
N VAL D 275 15.43 24.10 38.56
CA VAL D 275 15.96 24.23 39.91
C VAL D 275 17.12 25.25 39.93
N GLN D 276 18.11 25.08 39.01
CA GLN D 276 19.23 25.98 38.85
C GLN D 276 18.78 27.44 38.63
N HIS D 277 17.77 27.69 37.78
CA HIS D 277 17.24 29.03 37.51
C HIS D 277 16.57 29.65 38.73
N TYR D 278 15.68 28.88 39.36
CA TYR D 278 14.91 29.29 40.54
C TYR D 278 15.86 29.81 41.64
N LEU D 279 16.92 29.02 41.96
CA LEU D 279 17.93 29.32 42.98
C LEU D 279 18.67 30.59 42.61
N LYS D 280 19.19 30.67 41.40
CA LYS D 280 19.85 31.86 40.84
C LYS D 280 18.97 33.13 41.04
N VAL D 281 17.68 33.05 40.67
CA VAL D 281 16.74 34.14 40.86
C VAL D 281 16.48 34.45 42.38
N GLU D 282 16.48 33.42 43.26
CA GLU D 282 16.27 33.48 44.71
C GLU D 282 17.55 33.95 45.40
N SER D 283 18.51 34.37 44.57
CA SER D 283 19.83 34.88 44.95
C SER D 283 20.66 33.88 45.75
N GLN D 284 20.63 32.60 45.32
CA GLN D 284 21.51 31.59 45.90
C GLN D 284 22.18 30.79 44.75
N PRO D 285 23.11 31.46 43.99
CA PRO D 285 23.80 30.77 42.90
C PRO D 285 24.84 29.76 43.37
N ALA D 286 25.18 29.78 44.63
CA ALA D 286 26.13 28.83 45.17
C ALA D 286 25.53 27.43 45.22
N ARG D 287 24.21 27.30 45.59
CA ARG D 287 23.50 26.01 45.66
C ARG D 287 23.29 25.50 44.23
N ALA D 288 22.81 26.39 43.35
CA ALA D 288 22.57 26.13 41.95
C ALA D 288 23.84 25.61 41.31
N ALA D 289 24.97 26.24 41.60
CA ALA D 289 26.29 25.87 41.09
C ALA D 289 26.73 24.49 41.51
N SER D 290 26.41 24.07 42.73
CA SER D 290 26.83 22.76 43.23
C SER D 290 25.97 21.64 42.68
N ILE D 291 24.69 21.93 42.39
CA ILE D 291 23.74 21.01 41.78
C ILE D 291 24.16 20.75 40.32
N THR D 292 24.44 21.83 39.58
CA THR D 292 24.86 21.81 38.17
C THR D 292 26.19 21.04 38.02
N ARG D 293 27.13 21.24 38.97
CA ARG D 293 28.42 20.55 38.98
C ARG D 293 28.26 19.04 39.18
N ALA D 294 27.29 18.65 40.06
CA ALA D 294 26.97 17.24 40.34
C ALA D 294 26.32 16.61 39.09
N SER D 295 25.37 17.33 38.45
CA SER D 295 24.65 16.92 37.25
C SER D 295 25.59 16.51 36.13
N ARG D 296 26.70 17.28 35.96
CA ARG D 296 27.75 17.05 34.96
C ARG D 296 28.30 15.64 35.02
N ILE D 297 28.45 15.08 36.24
CA ILE D 297 28.91 13.70 36.44
C ILE D 297 27.71 12.73 36.55
N ALA D 298 26.73 13.03 37.43
CA ALA D 298 25.56 12.18 37.70
C ALA D 298 24.79 11.74 36.44
N PHE D 299 24.43 12.69 35.53
CA PHE D 299 23.71 12.36 34.29
C PHE D 299 24.45 11.30 33.46
N PRO D 300 25.72 11.49 33.02
CA PRO D 300 26.41 10.41 32.29
C PRO D 300 26.59 9.10 33.10
N VAL D 301 26.95 9.20 34.40
CA VAL D 301 27.19 8.00 35.24
C VAL D 301 25.93 7.13 35.36
N VAL D 302 24.80 7.76 35.72
CA VAL D 302 23.50 7.09 35.86
C VAL D 302 23.06 6.56 34.52
N PHE D 303 23.31 7.31 33.43
CA PHE D 303 22.96 6.84 32.09
C PHE D 303 23.70 5.54 31.75
N LEU D 304 25.04 5.55 31.91
CA LEU D 304 25.92 4.40 31.70
C LEU D 304 25.52 3.22 32.57
N LEU D 305 25.23 3.42 33.88
CA LEU D 305 24.81 2.31 34.76
C LEU D 305 23.45 1.72 34.39
N ALA D 306 22.44 2.57 34.16
CA ALA D 306 21.07 2.20 33.76
C ALA D 306 21.09 1.32 32.51
N ASN D 307 21.95 1.70 31.55
CA ASN D 307 22.14 0.95 30.31
C ASN D 307 22.76 -0.43 30.56
N ILE D 308 23.75 -0.52 31.48
CA ILE D 308 24.38 -1.79 31.86
C ILE D 308 23.29 -2.67 32.47
N ILE D 309 22.51 -2.13 33.44
CA ILE D 309 21.41 -2.85 34.08
C ILE D 309 20.42 -3.36 33.02
N LEU D 310 20.01 -2.46 32.06
CA LEU D 310 19.09 -2.81 30.98
C LEU D 310 19.60 -3.95 30.11
N ALA D 311 20.83 -3.80 29.56
CA ALA D 311 21.51 -4.79 28.70
C ALA D 311 21.63 -6.10 29.45
N PHE D 312 21.94 -6.03 30.73
CA PHE D 312 22.03 -7.21 31.55
C PHE D 312 20.67 -7.94 31.59
N LEU D 313 19.58 -7.18 31.85
CA LEU D 313 18.22 -7.75 31.90
C LEU D 313 17.79 -8.35 30.59
N PHE D 314 18.14 -7.74 29.45
CA PHE D 314 17.73 -8.26 28.16
C PHE D 314 18.64 -9.32 27.53
N PHE D 315 19.95 -9.43 27.94
CA PHE D 315 20.85 -10.40 27.28
C PHE D 315 21.61 -11.33 28.20
N VAL E 5 2.16 -36.82 -25.63
CA VAL E 5 3.20 -35.79 -25.52
C VAL E 5 4.20 -36.14 -24.39
N SER E 6 5.43 -36.45 -24.82
CA SER E 6 6.59 -36.84 -24.03
C SER E 6 7.83 -36.16 -24.67
N PRO E 7 9.03 -36.11 -24.04
CA PRO E 7 10.15 -35.41 -24.69
C PRO E 7 10.67 -36.04 -25.98
N PRO E 8 11.22 -35.24 -26.95
CA PRO E 8 11.74 -35.86 -28.18
C PRO E 8 12.86 -36.83 -27.89
N PRO E 9 12.86 -38.03 -28.53
CA PRO E 9 13.90 -39.02 -28.23
C PRO E 9 15.26 -38.68 -28.84
N PRO E 10 16.37 -39.00 -28.13
CA PRO E 10 17.70 -38.69 -28.67
C PRO E 10 18.15 -39.67 -29.76
N ILE E 11 18.82 -39.12 -30.79
CA ILE E 11 19.39 -39.92 -31.89
C ILE E 11 20.52 -40.81 -31.34
N ALA E 12 21.36 -40.26 -30.44
CA ALA E 12 22.44 -40.95 -29.76
C ALA E 12 22.09 -41.00 -28.25
N ASP E 13 22.79 -40.19 -27.45
CA ASP E 13 22.59 -40.02 -26.01
C ASP E 13 22.87 -38.54 -25.67
N GLU E 14 22.84 -37.67 -26.70
CA GLU E 14 23.08 -36.23 -26.59
C GLU E 14 21.92 -35.52 -25.84
N PRO E 15 22.23 -34.46 -25.06
CA PRO E 15 21.13 -33.76 -24.37
C PRO E 15 20.34 -32.90 -25.35
N LEU E 16 19.10 -32.57 -25.00
CA LEU E 16 18.25 -31.71 -25.83
C LEU E 16 18.60 -30.24 -25.58
N THR E 17 19.03 -29.51 -26.63
CA THR E 17 19.37 -28.09 -26.54
C THR E 17 18.14 -27.19 -26.83
N VAL E 18 17.73 -26.41 -25.81
CA VAL E 18 16.64 -25.45 -25.94
C VAL E 18 17.27 -24.06 -26.10
N ASN E 19 17.18 -23.50 -27.30
CA ASN E 19 17.69 -22.17 -27.59
C ASN E 19 16.67 -21.15 -27.07
N THR E 20 17.19 -20.18 -26.31
CA THR E 20 16.38 -19.19 -25.63
C THR E 20 16.71 -17.78 -26.05
N GLY E 21 15.76 -16.90 -25.81
CA GLY E 21 15.83 -15.46 -26.05
C GLY E 21 14.81 -14.67 -25.24
N ILE E 22 15.24 -13.56 -24.62
CA ILE E 22 14.38 -12.64 -23.89
C ILE E 22 14.47 -11.28 -24.58
N TYR E 23 13.33 -10.71 -24.98
CA TYR E 23 13.25 -9.39 -25.62
C TYR E 23 12.37 -8.53 -24.73
N LEU E 24 12.99 -7.58 -23.95
CA LEU E 24 12.28 -6.69 -23.03
C LEU E 24 11.39 -5.70 -23.76
N ILE E 25 10.14 -5.62 -23.32
CA ILE E 25 9.15 -4.69 -23.86
C ILE E 25 8.96 -3.55 -22.84
N GLU E 26 8.66 -3.93 -21.58
CA GLU E 26 8.48 -2.99 -20.47
C GLU E 26 9.36 -3.39 -19.29
N CYS E 27 10.05 -2.40 -18.76
CA CYS E 27 10.84 -2.51 -17.54
C CYS E 27 10.36 -1.43 -16.65
N TYR E 28 9.87 -1.81 -15.48
CA TYR E 28 9.24 -0.86 -14.54
C TYR E 28 9.39 -1.26 -13.06
N SER E 29 8.75 -0.49 -12.17
CA SER E 29 8.65 -0.65 -10.72
C SER E 29 9.90 -1.28 -10.04
N LEU E 30 11.10 -0.62 -10.23
CA LEU E 30 12.32 -0.99 -9.54
C LEU E 30 12.22 -0.43 -8.11
N ASP E 31 11.88 -1.31 -7.15
CA ASP E 31 11.76 -1.05 -5.73
C ASP E 31 13.13 -1.27 -5.05
N ASP E 32 13.78 -0.19 -4.59
CA ASP E 32 15.09 -0.26 -3.91
C ASP E 32 15.02 -0.98 -2.57
N LYS E 33 13.97 -0.65 -1.77
CA LYS E 33 13.74 -1.26 -0.47
C LYS E 33 13.51 -2.77 -0.59
N ALA E 34 12.68 -3.18 -1.59
CA ALA E 34 12.33 -4.57 -1.86
C ALA E 34 13.35 -5.33 -2.67
N GLU E 35 14.24 -4.60 -3.38
CA GLU E 35 15.25 -5.12 -4.31
C GLU E 35 14.58 -6.01 -5.36
N THR E 36 13.47 -5.48 -5.91
CA THR E 36 12.68 -6.11 -6.97
C THR E 36 12.41 -5.13 -8.12
N PHE E 37 12.08 -5.69 -9.28
CA PHE E 37 11.70 -4.97 -10.48
C PHE E 37 10.67 -5.81 -11.26
N LYS E 38 9.78 -5.14 -11.96
CA LYS E 38 8.76 -5.82 -12.74
C LYS E 38 9.24 -5.80 -14.19
N VAL E 39 8.84 -6.79 -14.96
CA VAL E 39 9.26 -6.91 -16.34
C VAL E 39 8.09 -7.40 -17.17
N ASN E 40 8.14 -7.11 -18.48
CA ASN E 40 7.19 -7.53 -19.50
C ASN E 40 8.03 -7.77 -20.73
N ALA E 41 8.12 -9.03 -21.14
CA ALA E 41 9.03 -9.38 -22.22
C ALA E 41 8.57 -10.54 -23.09
N PHE E 42 9.25 -10.73 -24.22
CA PHE E 42 9.03 -11.89 -25.09
C PHE E 42 10.01 -12.96 -24.64
N LEU E 43 9.55 -14.20 -24.55
CA LEU E 43 10.39 -15.36 -24.27
C LEU E 43 10.27 -16.22 -25.49
N SER E 44 11.40 -16.46 -26.15
CA SER E 44 11.44 -17.26 -27.34
C SER E 44 12.20 -18.55 -27.06
N LEU E 45 11.61 -19.69 -27.45
CA LEU E 45 12.22 -21.01 -27.26
C LEU E 45 12.28 -21.73 -28.58
N SER E 46 13.34 -22.55 -28.79
CA SER E 46 13.56 -23.33 -30.01
C SER E 46 14.34 -24.62 -29.73
N TRP E 47 13.82 -25.73 -30.23
CA TRP E 47 14.41 -27.06 -30.08
C TRP E 47 13.98 -27.93 -31.26
N LYS E 48 14.74 -29.04 -31.52
CA LYS E 48 14.39 -29.96 -32.60
C LYS E 48 13.61 -31.17 -32.06
N ASP E 49 12.39 -31.37 -32.59
CA ASP E 49 11.53 -32.51 -32.27
C ASP E 49 11.36 -33.31 -33.58
N ARG E 50 12.24 -34.33 -33.78
CA ARG E 50 12.23 -35.17 -34.99
C ARG E 50 10.84 -35.77 -35.33
N ARG E 51 10.02 -36.08 -34.31
CA ARG E 51 8.63 -36.59 -34.43
C ARG E 51 7.70 -35.63 -35.19
N LEU E 52 8.00 -34.31 -35.19
CA LEU E 52 7.20 -33.27 -35.85
C LEU E 52 7.65 -32.94 -37.29
N ALA E 53 8.74 -33.63 -37.76
CA ALA E 53 9.32 -33.46 -39.10
C ALA E 53 8.32 -33.84 -40.20
N PHE E 54 8.42 -33.17 -41.36
CA PHE E 54 7.53 -33.37 -42.51
C PHE E 54 8.22 -33.03 -43.83
N ASP E 55 7.60 -33.45 -44.96
CA ASP E 55 8.08 -33.20 -46.32
C ASP E 55 7.49 -31.86 -46.81
N PRO E 56 8.32 -30.84 -47.14
CA PRO E 56 7.75 -29.56 -47.61
C PRO E 56 7.33 -29.63 -49.09
N VAL E 57 7.86 -30.62 -49.83
CA VAL E 57 7.55 -30.87 -51.24
C VAL E 57 6.09 -31.35 -51.34
N ARG E 58 5.74 -32.45 -50.63
CA ARG E 58 4.39 -33.04 -50.61
C ARG E 58 3.39 -32.24 -49.78
N SER E 59 3.76 -31.80 -48.57
CA SER E 59 2.87 -31.05 -47.68
C SER E 59 2.46 -29.67 -48.24
N GLY E 60 3.16 -29.18 -49.27
CA GLY E 60 2.89 -27.88 -49.89
C GLY E 60 3.28 -26.71 -49.01
N VAL E 61 3.20 -26.91 -47.66
CA VAL E 61 3.55 -25.99 -46.58
C VAL E 61 5.00 -26.09 -46.18
N ARG E 62 5.59 -24.93 -45.91
CA ARG E 62 6.96 -24.76 -45.45
C ARG E 62 6.94 -24.78 -43.90
N VAL E 63 5.80 -24.35 -43.31
CA VAL E 63 5.61 -24.23 -41.86
C VAL E 63 4.27 -24.79 -41.37
N LYS E 64 4.27 -25.46 -40.21
CA LYS E 64 3.08 -25.98 -39.56
C LYS E 64 2.94 -25.30 -38.18
N THR E 65 1.74 -24.84 -37.87
CA THR E 65 1.40 -24.16 -36.61
C THR E 65 0.62 -25.12 -35.70
N TYR E 66 1.07 -25.32 -34.45
CA TYR E 66 0.43 -26.19 -33.45
C TYR E 66 0.01 -25.38 -32.23
N GLU E 67 -0.97 -25.90 -31.48
CA GLU E 67 -1.45 -25.33 -30.22
C GLU E 67 -0.57 -25.93 -29.11
N PRO E 68 -0.33 -25.23 -27.97
CA PRO E 68 0.57 -25.78 -26.92
C PRO E 68 0.31 -27.24 -26.52
N GLU E 69 -0.97 -27.64 -26.38
CA GLU E 69 -1.44 -28.98 -26.00
C GLU E 69 -1.07 -30.06 -27.01
N ALA E 70 -1.14 -29.73 -28.31
CA ALA E 70 -0.83 -30.61 -29.42
C ALA E 70 0.60 -31.17 -29.40
N ILE E 71 1.58 -30.38 -28.92
CA ILE E 71 3.00 -30.81 -28.93
C ILE E 71 3.68 -30.74 -27.54
N TRP E 72 4.87 -31.37 -27.44
CA TRP E 72 5.68 -31.35 -26.25
C TRP E 72 6.38 -30.00 -26.16
N ILE E 73 6.25 -29.34 -25.01
CA ILE E 73 6.89 -28.06 -24.75
C ILE E 73 7.73 -28.17 -23.45
N PRO E 74 9.01 -27.73 -23.48
CA PRO E 74 9.84 -27.82 -22.26
C PRO E 74 9.36 -26.91 -21.14
N GLU E 75 9.38 -27.44 -19.90
CA GLU E 75 8.97 -26.70 -18.70
C GLU E 75 10.14 -25.82 -18.30
N ILE E 76 10.08 -24.56 -18.76
CA ILE E 76 11.04 -23.47 -18.53
C ILE E 76 10.51 -22.58 -17.40
N ARG E 77 11.35 -22.26 -16.43
CA ARG E 77 11.00 -21.40 -15.30
C ARG E 77 12.06 -20.37 -15.07
N PHE E 78 11.75 -19.38 -14.23
CA PHE E 78 12.68 -18.35 -13.81
C PHE E 78 13.07 -18.67 -12.38
N VAL E 79 14.35 -18.51 -12.06
CA VAL E 79 14.82 -18.80 -10.71
C VAL E 79 14.38 -17.69 -9.73
N ASN E 80 14.81 -16.45 -9.99
CA ASN E 80 14.62 -15.31 -9.11
C ASN E 80 13.31 -14.53 -9.32
N VAL E 81 12.19 -15.22 -9.23
CA VAL E 81 10.86 -14.61 -9.32
C VAL E 81 10.10 -14.75 -8.00
N GLU E 82 9.13 -13.85 -7.78
CA GLU E 82 8.25 -13.87 -6.62
C GLU E 82 7.28 -15.05 -6.80
N ASN E 83 6.53 -15.00 -7.91
CA ASN E 83 5.58 -16.00 -8.32
C ASN E 83 5.93 -16.40 -9.74
N ALA E 84 5.39 -17.51 -10.22
CA ALA E 84 5.62 -17.94 -11.60
C ALA E 84 5.06 -16.87 -12.55
N ARG E 85 5.79 -16.61 -13.64
CA ARG E 85 5.44 -15.65 -14.68
C ARG E 85 4.03 -15.84 -15.22
N ASP E 86 3.39 -14.72 -15.51
CA ASP E 86 2.07 -14.69 -16.10
C ASP E 86 2.40 -14.66 -17.60
N ALA E 87 2.16 -15.78 -18.30
CA ALA E 87 2.46 -15.89 -19.71
C ALA E 87 1.23 -16.12 -20.59
N ASP E 88 1.38 -15.81 -21.87
CA ASP E 88 0.40 -15.96 -22.92
C ASP E 88 1.18 -16.24 -24.23
N VAL E 89 1.02 -17.49 -24.77
CA VAL E 89 1.71 -17.96 -25.96
C VAL E 89 1.27 -17.10 -27.15
N VAL E 90 2.25 -16.62 -27.93
CA VAL E 90 2.04 -15.78 -29.12
C VAL E 90 2.00 -16.70 -30.35
N ASP E 91 2.99 -17.60 -30.49
CA ASP E 91 3.09 -18.48 -31.65
C ASP E 91 3.98 -19.70 -31.41
N ILE E 92 3.61 -20.81 -32.07
CA ILE E 92 4.32 -22.09 -32.13
C ILE E 92 4.36 -22.48 -33.63
N SER E 93 5.56 -22.48 -34.23
CA SER E 93 5.82 -22.75 -35.65
C SER E 93 6.87 -23.86 -35.87
N VAL E 94 6.50 -24.93 -36.61
CA VAL E 94 7.39 -26.07 -36.90
C VAL E 94 7.90 -26.03 -38.37
N SER E 95 9.21 -26.30 -38.53
CA SER E 95 9.87 -26.34 -39.82
C SER E 95 9.94 -27.81 -40.31
N PRO E 96 10.15 -28.06 -41.64
CA PRO E 96 10.21 -29.44 -42.13
C PRO E 96 11.10 -30.37 -41.33
N ASP E 97 12.27 -29.89 -40.85
CA ASP E 97 13.21 -30.72 -40.07
C ASP E 97 12.73 -31.03 -38.63
N GLY E 98 11.59 -30.45 -38.25
CA GLY E 98 11.02 -30.60 -36.93
C GLY E 98 11.52 -29.54 -35.97
N THR E 99 12.09 -28.43 -36.48
CA THR E 99 12.55 -27.37 -35.57
C THR E 99 11.35 -26.54 -35.14
N VAL E 100 11.08 -26.56 -33.82
CA VAL E 100 9.98 -25.85 -33.17
C VAL E 100 10.43 -24.45 -32.81
N GLN E 101 9.60 -23.44 -33.14
CA GLN E 101 9.83 -22.02 -32.80
C GLN E 101 8.66 -21.51 -31.99
N TYR E 102 8.89 -21.46 -30.65
CA TYR E 102 7.97 -21.03 -29.62
C TYR E 102 8.17 -19.56 -29.28
N LEU E 103 7.08 -18.85 -29.02
CA LEU E 103 7.10 -17.45 -28.58
C LEU E 103 5.94 -17.18 -27.63
N GLU E 104 6.26 -16.55 -26.50
CA GLU E 104 5.29 -16.15 -25.50
C GLU E 104 5.62 -14.79 -25.03
N ARG E 105 4.61 -14.07 -24.54
CA ARG E 105 4.85 -12.79 -23.90
C ARG E 105 4.50 -12.97 -22.42
N PHE E 106 5.45 -12.69 -21.54
CA PHE E 106 5.24 -12.87 -20.12
C PHE E 106 5.43 -11.56 -19.35
N SER E 107 5.05 -11.59 -18.06
CA SER E 107 5.25 -10.54 -17.07
C SER E 107 5.60 -11.21 -15.73
N ALA E 108 6.68 -10.75 -15.09
CA ALA E 108 7.12 -11.30 -13.81
C ALA E 108 7.77 -10.23 -12.89
N ARG E 109 7.70 -10.45 -11.57
CA ARG E 109 8.34 -9.60 -10.56
C ARG E 109 9.59 -10.37 -10.15
N VAL E 110 10.75 -9.84 -10.54
CA VAL E 110 12.07 -10.41 -10.39
C VAL E 110 12.76 -9.89 -9.11
N LEU E 111 13.33 -10.79 -8.30
CA LEU E 111 14.07 -10.46 -7.10
C LEU E 111 15.53 -10.50 -7.47
N SER E 112 16.15 -9.35 -7.61
CA SER E 112 17.57 -9.28 -7.89
C SER E 112 18.17 -8.24 -6.90
N PRO E 113 19.13 -8.68 -6.04
CA PRO E 113 19.73 -7.74 -5.06
C PRO E 113 20.57 -6.60 -5.65
N LEU E 114 20.60 -5.50 -4.87
CA LEU E 114 21.26 -4.26 -5.23
C LEU E 114 22.36 -3.88 -4.23
N ASP E 115 23.46 -3.26 -4.75
CA ASP E 115 24.61 -2.79 -3.98
C ASP E 115 24.55 -1.28 -3.75
N PHE E 116 24.12 -0.88 -2.54
CA PHE E 116 23.91 0.52 -2.27
C PHE E 116 25.13 1.33 -1.82
N ARG E 117 26.29 0.66 -1.64
CA ARG E 117 27.53 1.29 -1.20
C ARG E 117 27.81 2.68 -1.80
N ARG E 118 27.65 2.84 -3.13
CA ARG E 118 27.92 4.11 -3.83
C ARG E 118 26.67 5.00 -4.03
N TYR E 119 25.54 4.67 -3.38
CA TYR E 119 24.26 5.40 -3.50
C TYR E 119 24.39 6.89 -3.16
N PRO E 120 23.81 7.81 -3.98
CA PRO E 120 23.02 7.56 -5.19
C PRO E 120 23.82 7.59 -6.52
N PHE E 121 25.15 7.33 -6.50
CA PHE E 121 26.03 7.32 -7.71
C PHE E 121 26.39 5.88 -8.08
N ASP E 122 25.45 4.98 -7.80
CA ASP E 122 25.60 3.55 -7.98
C ASP E 122 25.02 3.03 -9.28
N SER E 123 25.57 1.88 -9.68
CA SER E 123 25.16 1.13 -10.84
C SER E 123 24.82 -0.27 -10.38
N GLN E 124 23.94 -0.96 -11.12
CA GLN E 124 23.48 -2.29 -10.79
C GLN E 124 23.48 -3.20 -12.00
N THR E 125 23.61 -4.51 -11.74
CA THR E 125 23.47 -5.57 -12.72
C THR E 125 22.28 -6.37 -12.25
N LEU E 126 21.13 -6.13 -12.86
CA LEU E 126 19.93 -6.90 -12.58
C LEU E 126 20.05 -8.27 -13.27
N HIS E 127 19.56 -9.35 -12.63
CA HIS E 127 19.62 -10.67 -13.25
C HIS E 127 18.26 -11.27 -13.46
N ILE E 128 18.15 -12.04 -14.54
CA ILE E 128 16.96 -12.83 -14.88
C ILE E 128 17.53 -14.20 -15.18
N TYR E 129 17.31 -15.15 -14.27
CA TYR E 129 17.83 -16.49 -14.46
C TYR E 129 16.81 -17.44 -15.01
N LEU E 130 17.05 -17.93 -16.23
CA LEU E 130 16.23 -18.91 -16.92
C LEU E 130 16.72 -20.29 -16.51
N ILE E 131 15.80 -21.22 -16.22
CA ILE E 131 16.18 -22.58 -15.80
C ILE E 131 15.30 -23.66 -16.45
N VAL E 132 15.87 -24.86 -16.64
CA VAL E 132 15.18 -26.04 -17.16
C VAL E 132 15.58 -27.25 -16.32
N ARG E 133 14.61 -28.06 -15.89
CA ARG E 133 14.93 -29.26 -15.15
C ARG E 133 14.82 -30.46 -16.11
N SER E 134 15.94 -31.24 -16.23
CA SER E 134 16.01 -32.44 -17.06
C SER E 134 15.00 -33.51 -16.63
N VAL E 135 14.45 -34.21 -17.62
CA VAL E 135 13.49 -35.29 -17.38
C VAL E 135 14.21 -36.66 -17.28
N ASP E 136 13.47 -37.69 -16.81
CA ASP E 136 14.01 -39.04 -16.66
C ASP E 136 14.46 -39.65 -17.99
N THR E 137 13.67 -39.39 -19.04
CA THR E 137 13.89 -39.89 -20.41
C THR E 137 15.15 -39.24 -21.00
N ARG E 138 15.30 -37.89 -20.94
CA ARG E 138 16.53 -37.25 -21.42
C ARG E 138 16.82 -35.89 -20.75
N ASN E 139 18.11 -35.52 -20.80
CA ASN E 139 18.69 -34.32 -20.23
C ASN E 139 18.51 -33.12 -21.13
N ILE E 140 18.06 -31.99 -20.53
CA ILE E 140 17.80 -30.75 -21.24
C ILE E 140 18.81 -29.68 -20.84
N VAL E 141 19.47 -29.10 -21.86
CA VAL E 141 20.47 -28.03 -21.72
C VAL E 141 19.98 -26.77 -22.46
N LEU E 142 20.11 -25.58 -21.82
CA LEU E 142 19.72 -24.28 -22.36
C LEU E 142 20.84 -23.62 -23.16
N ALA E 143 20.46 -22.84 -24.17
CA ALA E 143 21.38 -22.12 -25.04
C ALA E 143 20.83 -20.73 -25.28
N VAL E 144 21.72 -19.81 -25.70
CA VAL E 144 21.36 -18.42 -26.00
C VAL E 144 21.41 -18.19 -27.52
N ASP E 145 20.27 -17.80 -28.11
CA ASP E 145 20.15 -17.39 -29.49
C ASP E 145 20.25 -15.87 -29.43
N LEU E 146 21.48 -15.31 -29.64
CA LEU E 146 21.76 -13.86 -29.52
C LEU E 146 20.88 -12.99 -30.45
N GLU E 147 20.41 -13.57 -31.52
CA GLU E 147 19.52 -12.96 -32.51
C GLU E 147 18.11 -12.66 -31.90
N LYS E 148 17.79 -13.33 -30.79
CA LYS E 148 16.48 -13.22 -30.15
C LYS E 148 16.53 -12.65 -28.72
N VAL E 149 17.69 -12.04 -28.37
CA VAL E 149 17.93 -11.36 -27.11
C VAL E 149 18.05 -9.86 -27.43
N GLY E 150 17.27 -9.04 -26.73
CA GLY E 150 17.24 -7.60 -26.92
C GLY E 150 16.24 -6.90 -26.04
N LYS E 151 15.92 -5.64 -26.38
CA LYS E 151 14.97 -4.75 -25.68
C LYS E 151 14.56 -3.60 -26.61
N ASN E 152 13.34 -3.04 -26.44
CA ASN E 152 13.03 -1.94 -27.35
C ASN E 152 13.51 -0.62 -26.82
N ASP E 153 13.57 0.38 -27.72
CA ASP E 153 14.02 1.76 -27.47
C ASP E 153 13.19 2.43 -26.36
N ASP E 154 11.85 2.24 -26.40
CA ASP E 154 10.83 2.69 -25.44
C ASP E 154 11.12 2.26 -23.97
N VAL E 155 11.84 1.12 -23.75
CA VAL E 155 12.16 0.59 -22.40
C VAL E 155 12.78 1.70 -21.55
N PHE E 156 11.99 2.16 -20.57
CA PHE E 156 12.30 3.24 -19.65
C PHE E 156 12.10 2.77 -18.22
N LEU E 157 13.15 2.91 -17.41
CA LEU E 157 13.08 2.60 -16.00
C LEU E 157 13.30 3.95 -15.32
N THR E 158 12.23 4.47 -14.66
CA THR E 158 12.18 5.78 -13.97
C THR E 158 13.35 5.92 -13.00
N GLY E 159 14.14 7.00 -13.18
CA GLY E 159 15.29 7.31 -12.34
C GLY E 159 16.52 6.45 -12.57
N TRP E 160 16.56 5.73 -13.69
CA TRP E 160 17.66 4.87 -14.09
C TRP E 160 17.98 5.02 -15.55
N ASP E 161 19.23 4.72 -15.90
CA ASP E 161 19.72 4.71 -17.27
C ASP E 161 19.99 3.24 -17.61
N ILE E 162 19.37 2.73 -18.70
CA ILE E 162 19.55 1.33 -19.10
C ILE E 162 20.76 1.26 -20.01
N GLU E 163 21.81 0.59 -19.55
CA GLU E 163 23.07 0.45 -20.25
C GLU E 163 23.12 -0.69 -21.25
N SER E 164 22.79 -1.93 -20.84
CA SER E 164 22.91 -3.12 -21.65
C SER E 164 22.04 -4.28 -21.14
N PHE E 165 21.57 -5.11 -22.06
CA PHE E 165 20.83 -6.34 -21.75
C PHE E 165 21.49 -7.40 -22.56
N THR E 166 22.24 -8.27 -21.89
CA THR E 166 23.05 -9.34 -22.46
C THR E 166 22.83 -10.63 -21.70
N ALA E 167 23.12 -11.77 -22.36
CA ALA E 167 23.05 -13.09 -21.75
C ALA E 167 24.43 -13.74 -21.70
N VAL E 168 24.71 -14.40 -20.57
CA VAL E 168 25.94 -15.17 -20.35
C VAL E 168 25.62 -16.50 -21.03
N VAL E 169 26.13 -16.62 -22.26
CA VAL E 169 25.92 -17.68 -23.28
C VAL E 169 26.16 -19.11 -22.76
N LYS E 170 27.15 -19.30 -21.85
CA LYS E 170 27.47 -20.62 -21.29
C LYS E 170 26.56 -20.86 -20.09
N PRO E 171 25.62 -21.85 -20.18
CA PRO E 171 24.74 -22.10 -19.02
C PRO E 171 25.47 -22.73 -17.85
N ALA E 172 24.92 -22.55 -16.65
CA ALA E 172 25.44 -23.19 -15.46
C ALA E 172 24.64 -24.49 -15.32
N ASN E 173 25.29 -25.63 -15.60
CA ASN E 173 24.67 -26.96 -15.51
C ASN E 173 25.10 -27.59 -14.19
N PHE E 174 24.11 -28.06 -13.41
CA PHE E 174 24.33 -28.58 -12.07
C PHE E 174 23.28 -29.60 -11.65
N ALA E 175 23.59 -30.40 -10.63
CA ALA E 175 22.64 -31.39 -10.13
C ALA E 175 21.89 -30.83 -8.94
N LEU E 176 20.57 -31.01 -8.95
CA LEU E 176 19.70 -30.61 -7.85
C LEU E 176 18.61 -31.66 -7.71
N GLU E 177 18.58 -32.33 -6.53
CA GLU E 177 17.63 -33.38 -6.16
C GLU E 177 17.61 -34.50 -7.20
N ASP E 178 18.79 -35.10 -7.39
CA ASP E 178 19.06 -36.25 -8.26
C ASP E 178 18.77 -36.02 -9.77
N ARG E 179 18.52 -34.76 -10.19
CA ARG E 179 18.28 -34.39 -11.59
C ARG E 179 19.10 -33.17 -11.99
N LEU E 180 19.39 -33.08 -13.28
CA LEU E 180 20.18 -32.02 -13.88
C LEU E 180 19.35 -30.75 -14.17
N GLU E 181 19.99 -29.61 -13.97
CA GLU E 181 19.42 -28.31 -14.27
C GLU E 181 20.39 -27.47 -15.03
N SER E 182 19.85 -26.72 -16.01
CA SER E 182 20.60 -25.86 -16.90
C SER E 182 20.10 -24.43 -16.68
N LYS E 183 20.97 -23.56 -16.17
CA LYS E 183 20.63 -22.18 -15.79
C LYS E 183 21.29 -21.14 -16.72
N LEU E 184 20.53 -20.11 -17.12
CA LEU E 184 21.06 -19.03 -17.94
C LEU E 184 20.97 -17.67 -17.25
N ASP E 185 22.03 -16.85 -17.40
CA ASP E 185 22.11 -15.54 -16.78
C ASP E 185 21.88 -14.42 -17.76
N TYR E 186 20.70 -13.79 -17.68
CA TYR E 186 20.35 -12.60 -18.47
C TYR E 186 20.61 -11.42 -17.56
N GLN E 187 21.60 -10.61 -17.92
CA GLN E 187 22.06 -9.46 -17.14
C GLN E 187 21.64 -8.13 -17.73
N LEU E 188 20.84 -7.41 -16.95
CA LEU E 188 20.38 -6.08 -17.30
C LEU E 188 21.22 -5.04 -16.54
N ARG E 189 22.07 -4.31 -17.26
CA ARG E 189 22.96 -3.29 -16.69
C ARG E 189 22.33 -1.91 -16.68
N ILE E 190 22.23 -1.33 -15.49
CA ILE E 190 21.58 -0.02 -15.28
C ILE E 190 22.45 0.86 -14.36
N SER E 191 22.33 2.20 -14.52
CA SER E 191 23.01 3.16 -13.66
C SER E 191 22.04 4.26 -13.23
N ARG E 192 22.05 4.57 -11.92
CA ARG E 192 21.16 5.53 -11.30
C ARG E 192 21.35 6.95 -11.79
N GLN E 193 20.21 7.63 -12.05
CA GLN E 193 20.14 9.04 -12.44
C GLN E 193 20.18 9.82 -11.10
N TYR E 194 21.43 10.14 -10.70
CA TYR E 194 21.77 10.83 -9.49
C TYR E 194 21.37 12.32 -9.43
N PHE E 195 21.05 12.98 -10.58
CA PHE E 195 20.69 14.42 -10.69
C PHE E 195 19.83 14.94 -9.53
N SER E 196 18.57 14.46 -9.43
CA SER E 196 17.55 14.82 -8.45
C SER E 196 18.07 14.98 -7.04
N TYR E 197 18.91 14.03 -6.60
CA TYR E 197 19.50 14.02 -5.27
C TYR E 197 20.23 15.29 -4.86
N ILE E 198 20.92 15.95 -5.81
CA ILE E 198 21.67 17.18 -5.60
C ILE E 198 20.72 18.35 -5.13
N PRO E 199 19.72 18.83 -5.93
CA PRO E 199 18.85 19.91 -5.40
C PRO E 199 17.81 19.47 -4.34
N ASN E 200 17.56 18.16 -4.23
CA ASN E 200 16.50 17.68 -3.35
C ASN E 200 16.92 17.33 -1.95
N ILE E 201 18.17 16.78 -1.83
CA ILE E 201 18.73 16.27 -0.59
C ILE E 201 20.10 16.84 -0.28
N ILE E 202 21.11 16.66 -1.18
CA ILE E 202 22.49 17.08 -0.93
C ILE E 202 22.62 18.57 -0.66
N LEU E 203 22.25 19.45 -1.59
CA LEU E 203 22.41 20.91 -1.36
C LEU E 203 21.55 21.41 -0.19
N PRO E 204 20.23 21.06 -0.06
CA PRO E 204 19.49 21.49 1.15
C PRO E 204 20.27 21.16 2.43
N MET E 205 20.79 19.93 2.54
CA MET E 205 21.56 19.44 3.68
C MET E 205 22.83 20.24 3.95
N LEU E 206 23.55 20.67 2.87
CA LEU E 206 24.77 21.47 3.01
C LEU E 206 24.46 22.89 3.43
N PHE E 207 23.36 23.48 2.89
CA PHE E 207 22.89 24.81 3.25
C PHE E 207 22.55 24.94 4.73
N ILE E 208 21.81 23.96 5.30
CA ILE E 208 21.49 23.99 6.74
C ILE E 208 22.78 23.89 7.58
N LEU E 209 23.73 23.01 7.18
CA LEU E 209 25.03 22.83 7.86
C LEU E 209 25.80 24.17 7.87
N PHE E 210 25.88 24.85 6.71
CA PHE E 210 26.54 26.15 6.57
C PHE E 210 25.85 27.22 7.40
N ILE E 211 24.49 27.20 7.49
CA ILE E 211 23.72 28.11 8.35
C ILE E 211 24.16 27.92 9.81
N SER E 212 24.33 26.66 10.26
CA SER E 212 24.81 26.37 11.61
C SER E 212 26.19 27.01 11.89
N TRP E 213 27.05 27.13 10.85
CA TRP E 213 28.41 27.67 10.99
C TRP E 213 28.46 29.19 11.19
N THR E 214 27.33 29.87 11.00
CA THR E 214 27.25 31.31 11.23
C THR E 214 27.36 31.60 12.72
N ALA E 215 27.20 30.58 13.59
CA ALA E 215 27.36 30.71 15.05
C ALA E 215 28.81 31.04 15.41
N PHE E 216 29.76 30.78 14.47
CA PHE E 216 31.18 31.08 14.68
C PHE E 216 31.47 32.57 14.50
N TRP E 217 30.47 33.38 14.08
CA TRP E 217 30.55 34.84 13.91
C TRP E 217 29.54 35.51 14.86
N SER E 218 29.18 34.80 15.94
CA SER E 218 28.24 35.25 16.96
C SER E 218 28.74 34.99 18.38
N THR E 219 28.52 35.97 19.26
CA THR E 219 28.87 35.95 20.70
C THR E 219 27.64 35.63 21.56
N SER E 220 26.41 35.64 20.91
CA SER E 220 25.14 35.35 21.53
C SER E 220 24.87 33.86 21.70
N TYR E 221 25.09 33.33 22.93
CA TYR E 221 24.84 31.92 23.27
C TYR E 221 23.41 31.50 22.96
N GLU E 222 22.44 32.33 23.33
CA GLU E 222 21.03 32.04 23.14
C GLU E 222 20.72 31.84 21.61
N ALA E 223 21.25 32.74 20.76
CA ALA E 223 21.10 32.67 19.30
C ALA E 223 21.83 31.44 18.72
N ASN E 224 23.07 31.18 19.15
CA ASN E 224 23.90 30.06 18.70
C ASN E 224 23.25 28.74 18.99
N VAL E 225 22.67 28.61 20.20
CA VAL E 225 21.94 27.41 20.62
C VAL E 225 20.78 27.17 19.64
N THR E 226 19.99 28.23 19.33
CA THR E 226 18.85 28.20 18.42
C THR E 226 19.29 27.77 17.02
N LEU E 227 20.41 28.34 16.56
CA LEU E 227 20.98 28.05 15.25
C LEU E 227 21.39 26.61 15.09
N VAL E 228 22.22 26.10 16.02
CA VAL E 228 22.78 24.76 15.91
C VAL E 228 21.76 23.64 16.26
N VAL E 229 20.78 23.95 17.08
CA VAL E 229 19.80 22.96 17.48
C VAL E 229 18.73 22.83 16.40
N SER E 230 18.41 23.95 15.75
CA SER E 230 17.37 23.97 14.72
C SER E 230 17.85 23.33 13.44
N THR E 231 19.08 23.65 13.02
CA THR E 231 19.70 23.05 11.83
C THR E 231 19.87 21.55 12.07
N LEU E 232 20.20 21.12 13.34
CA LEU E 232 20.29 19.72 13.68
C LEU E 232 18.96 19.01 13.46
N ILE E 233 17.85 19.65 13.85
CA ILE E 233 16.51 19.08 13.67
C ILE E 233 16.20 18.89 12.17
N ALA E 234 16.54 19.94 11.34
CA ALA E 234 16.35 19.90 9.88
C ALA E 234 17.19 18.79 9.27
N HIS E 235 18.40 18.52 9.82
CA HIS E 235 19.26 17.40 9.39
C HIS E 235 18.67 16.03 9.73
N ILE E 236 17.99 15.93 10.90
CA ILE E 236 17.34 14.68 11.29
C ILE E 236 16.25 14.37 10.26
N ALA E 237 15.49 15.41 9.81
CA ALA E 237 14.40 15.32 8.85
C ALA E 237 14.88 14.72 7.52
N PHE E 238 16.05 15.18 7.04
CA PHE E 238 16.64 14.65 5.79
C PHE E 238 17.12 13.22 5.98
N ASN E 239 17.77 12.93 7.12
CA ASN E 239 18.22 11.58 7.46
C ASN E 239 17.04 10.58 7.44
N ILE E 240 15.92 10.90 8.14
CA ILE E 240 14.74 10.05 8.14
C ILE E 240 14.21 9.83 6.73
N LEU E 241 14.07 10.93 5.93
CA LEU E 241 13.62 10.90 4.52
C LEU E 241 14.46 9.92 3.72
N VAL E 242 15.80 10.08 3.81
CA VAL E 242 16.75 9.21 3.10
C VAL E 242 16.58 7.74 3.53
N GLU E 243 16.51 7.48 4.85
CA GLU E 243 16.48 6.10 5.30
C GLU E 243 15.13 5.44 5.00
N THR E 244 14.05 6.24 4.71
CA THR E 244 12.76 5.67 4.25
C THR E 244 12.85 5.21 2.77
N ASN E 245 13.68 5.83 1.92
CA ASN E 245 13.85 5.48 0.51
C ASN E 245 14.84 4.31 0.29
N LEU E 246 15.48 3.82 1.37
CA LEU E 246 16.52 2.80 1.25
C LEU E 246 16.31 1.61 2.15
N PRO E 247 16.82 0.41 1.77
CA PRO E 247 16.75 -0.73 2.72
C PRO E 247 17.89 -0.64 3.76
N LYS E 248 17.73 -1.37 4.85
CA LYS E 248 18.70 -1.46 5.93
C LYS E 248 19.83 -2.41 5.45
N THR E 249 20.99 -1.80 5.15
CA THR E 249 22.17 -2.51 4.66
C THR E 249 23.14 -2.93 5.77
N PRO E 250 23.78 -4.12 5.67
CA PRO E 250 24.77 -4.51 6.70
C PRO E 250 26.14 -3.84 6.50
N TYR E 251 26.16 -2.77 5.68
CA TYR E 251 27.33 -1.97 5.32
C TYR E 251 26.92 -0.50 5.30
N MET E 252 27.92 0.40 5.22
CA MET E 252 27.66 1.83 5.13
C MET E 252 27.51 2.19 3.66
N THR E 253 26.56 3.08 3.37
CA THR E 253 26.38 3.63 2.03
C THR E 253 27.04 5.01 1.99
N TYR E 254 27.27 5.53 0.77
CA TYR E 254 27.93 6.82 0.59
C TYR E 254 27.19 7.96 1.28
N THR E 255 25.91 8.12 0.96
CA THR E 255 24.97 9.09 1.50
C THR E 255 24.81 8.90 3.03
N GLY E 256 24.78 7.65 3.47
CA GLY E 256 24.68 7.31 4.87
C GLY E 256 25.87 7.76 5.68
N ALA E 257 27.09 7.59 5.11
CA ALA E 257 28.34 8.00 5.74
C ALA E 257 28.35 9.52 5.93
N ILE E 258 28.06 10.27 4.84
CA ILE E 258 28.00 11.73 4.83
C ILE E 258 27.01 12.21 5.86
N ILE E 259 25.74 11.72 5.78
CA ILE E 259 24.69 12.06 6.74
C ILE E 259 25.16 11.80 8.21
N PHE E 260 25.81 10.64 8.47
CA PHE E 260 26.29 10.32 9.84
C PHE E 260 27.39 11.30 10.35
N MET E 261 28.38 11.58 9.49
CA MET E 261 29.50 12.46 9.75
C MET E 261 29.01 13.88 10.11
N ILE E 262 27.98 14.39 9.41
CA ILE E 262 27.41 15.72 9.67
C ILE E 262 26.85 15.78 11.09
N TYR E 263 26.35 14.66 11.67
CA TYR E 263 25.93 14.67 13.08
C TYR E 263 27.13 15.07 13.95
N LEU E 264 28.31 14.46 13.70
CA LEU E 264 29.52 14.72 14.49
C LEU E 264 29.91 16.20 14.42
N PHE E 265 29.83 16.83 13.21
CA PHE E 265 30.05 18.26 13.01
C PHE E 265 29.10 19.09 13.86
N TYR E 266 27.80 18.73 13.95
CA TYR E 266 26.80 19.41 14.78
C TYR E 266 27.12 19.27 16.26
N PHE E 267 27.56 18.05 16.65
CA PHE E 267 27.94 17.75 18.02
C PHE E 267 29.13 18.63 18.46
N VAL E 268 30.20 18.66 17.64
CA VAL E 268 31.36 19.49 17.92
C VAL E 268 31.01 21.01 17.92
N ALA E 269 30.16 21.48 16.99
CA ALA E 269 29.73 22.89 17.03
C ALA E 269 28.94 23.21 18.31
N VAL E 270 28.17 22.24 18.84
CA VAL E 270 27.49 22.48 20.12
C VAL E 270 28.59 22.63 21.24
N ILE E 271 29.61 21.73 21.27
CA ILE E 271 30.74 21.82 22.20
C ILE E 271 31.39 23.21 22.05
N GLU E 272 31.70 23.65 20.82
CA GLU E 272 32.34 24.95 20.57
C GLU E 272 31.52 26.10 21.12
N VAL E 273 30.25 26.17 20.77
CA VAL E 273 29.30 27.18 21.23
C VAL E 273 29.23 27.25 22.79
N THR E 274 29.29 26.07 23.44
CA THR E 274 29.24 25.86 24.90
C THR E 274 30.53 26.40 25.51
N VAL E 275 31.70 25.99 24.95
CA VAL E 275 33.04 26.38 25.39
C VAL E 275 33.20 27.92 25.31
N GLN E 276 32.85 28.52 24.17
CA GLN E 276 32.86 29.97 23.95
C GLN E 276 32.03 30.72 25.04
N HIS E 277 30.83 30.24 25.36
CA HIS E 277 29.97 30.86 26.38
C HIS E 277 30.55 30.75 27.78
N TYR E 278 30.97 29.54 28.17
CA TYR E 278 31.57 29.23 29.47
C TYR E 278 32.74 30.19 29.76
N LEU E 279 33.70 30.33 28.79
CA LEU E 279 34.87 31.23 28.89
C LEU E 279 34.45 32.65 29.06
N LYS E 280 33.56 33.15 28.19
CA LYS E 280 32.96 34.50 28.26
C LYS E 280 32.38 34.77 29.66
N VAL E 281 31.61 33.82 30.21
CA VAL E 281 31.03 33.93 31.55
C VAL E 281 32.13 33.90 32.65
N GLU E 282 33.23 33.11 32.46
CA GLU E 282 34.39 32.92 33.34
C GLU E 282 35.32 34.13 33.22
N SER E 283 34.85 35.17 32.50
CA SER E 283 35.52 36.43 32.19
C SER E 283 36.86 36.24 31.47
N GLN E 284 36.89 35.32 30.50
CA GLN E 284 38.06 35.18 29.62
C GLN E 284 37.61 35.13 28.14
N PRO E 285 37.11 36.28 27.61
CA PRO E 285 36.65 36.31 26.22
C PRO E 285 37.80 36.31 25.21
N ALA E 286 39.03 36.48 25.67
CA ALA E 286 40.16 36.43 24.77
C ALA E 286 40.40 34.99 24.28
N ARG E 287 40.23 33.97 25.17
CA ARG E 287 40.41 32.54 24.84
C ARG E 287 39.26 32.10 23.94
N ALA E 288 38.03 32.47 24.34
CA ALA E 288 36.81 32.20 23.62
C ALA E 288 36.94 32.74 22.21
N ALA E 289 37.43 33.97 22.06
CA ALA E 289 37.62 34.63 20.78
C ALA E 289 38.60 33.93 19.87
N SER E 290 39.66 33.34 20.42
CA SER E 290 40.68 32.66 19.60
C SER E 290 40.21 31.30 19.16
N ILE E 291 39.36 30.62 19.97
CA ILE E 291 38.76 29.33 19.65
C ILE E 291 37.75 29.51 18.52
N THR E 292 36.86 30.52 18.64
CA THR E 292 35.82 30.88 17.67
C THR E 292 36.48 31.25 16.33
N ARG E 293 37.59 31.98 16.36
CA ARG E 293 38.33 32.38 15.16
C ARG E 293 38.93 31.17 14.43
N ALA E 294 39.43 30.18 15.20
CA ALA E 294 39.98 28.92 14.68
C ALA E 294 38.85 28.08 14.05
N SER E 295 37.69 27.98 14.75
CA SER E 295 36.50 27.25 14.33
C SER E 295 36.03 27.69 12.94
N ARG E 296 36.08 29.01 12.66
CA ARG E 296 35.73 29.63 11.38
C ARG E 296 36.44 28.99 10.21
N ILE E 297 37.73 28.61 10.37
CA ILE E 297 38.53 27.93 9.36
C ILE E 297 38.42 26.40 9.52
N ALA E 298 38.69 25.89 10.73
CA ALA E 298 38.71 24.45 11.04
C ALA E 298 37.45 23.68 10.60
N PHE E 299 36.23 24.16 10.97
CA PHE E 299 34.99 23.50 10.58
C PHE E 299 34.87 23.30 9.06
N PRO E 300 34.93 24.35 8.19
CA PRO E 300 34.91 24.09 6.73
C PRO E 300 36.09 23.24 6.19
N VAL E 301 37.33 23.50 6.69
CA VAL E 301 38.52 22.77 6.21
C VAL E 301 38.42 21.25 6.49
N VAL E 302 38.09 20.90 7.75
CA VAL E 302 37.92 19.51 8.20
C VAL E 302 36.73 18.89 7.48
N PHE E 303 35.66 19.65 7.25
CA PHE E 303 34.51 19.14 6.52
C PHE E 303 34.91 18.75 5.09
N LEU E 304 35.56 19.67 4.37
CA LEU E 304 36.07 19.47 3.02
C LEU E 304 37.05 18.29 2.95
N LEU E 305 38.00 18.17 3.90
CA LEU E 305 38.95 17.03 3.89
C LEU E 305 38.31 15.69 4.15
N ALA E 306 37.45 15.60 5.19
CA ALA E 306 36.69 14.41 5.60
C ALA E 306 35.88 13.85 4.40
N ASN E 307 35.25 14.75 3.65
CA ASN E 307 34.49 14.41 2.46
C ASN E 307 35.37 13.85 1.35
N ILE E 308 36.57 14.44 1.13
CA ILE E 308 37.56 13.95 0.15
C ILE E 308 37.95 12.52 0.55
N ILE E 309 38.34 12.33 1.83
CA ILE E 309 38.69 11.01 2.37
C ILE E 309 37.54 10.01 2.14
N LEU E 310 36.27 10.42 2.47
CA LEU E 310 35.08 9.57 2.27
C LEU E 310 34.90 9.17 0.83
N ALA E 311 34.84 10.14 -0.10
CA ALA E 311 34.69 9.95 -1.55
C ALA E 311 35.80 9.06 -2.07
N PHE E 312 37.01 9.26 -1.56
CA PHE E 312 38.14 8.43 -1.93
C PHE E 312 37.86 6.98 -1.54
N LEU E 313 37.41 6.75 -0.29
CA LEU E 313 37.09 5.40 0.20
C LEU E 313 35.98 4.73 -0.56
N PHE E 314 34.94 5.47 -0.98
CA PHE E 314 33.82 4.88 -1.68
C PHE E 314 34.01 4.73 -3.20
N PHE E 315 34.83 5.57 -3.88
CA PHE E 315 34.93 5.46 -5.35
C PHE E 315 36.35 5.23 -5.92
C1 PLC F . 0.45 28.60 -18.52
C2 PLC F . 0.86 28.59 -17.05
C3 PLC F . 2.12 29.43 -16.63
C4 PLC F . 1.66 29.33 -22.37
C5 PLC F . 2.20 29.63 -23.81
C6 PLC F . 4.07 31.43 -23.33
C7 PLC F . 4.70 29.04 -23.67
C8 PLC F . 3.87 30.43 -25.55
C' PLC F . -0.86 30.08 -15.78
C1' PLC F . -0.94 30.04 -14.26
C2' PLC F . -1.82 31.15 -13.62
C3' PLC F . -1.73 31.03 -12.09
C4' PLC F . -0.50 31.78 -11.55
C5' PLC F . -0.11 31.35 -10.11
C6' PLC F . -0.42 32.44 -9.05
C7' PLC F . 0.46 32.36 -7.78
CB PLC F . 2.61 31.00 -14.85
C1B PLC F . 2.60 31.20 -13.35
C2B PLC F . 3.60 30.37 -12.57
C3B PLC F . 3.33 30.51 -11.07
C4B PLC F . 4.50 31.20 -10.36
C5B PLC F . 4.24 31.46 -8.87
C6B PLC F . 5.31 32.41 -8.29
C7B PLC F . 6.17 31.69 -7.27
O' PLC F . -1.18 30.98 -16.55
OB PLC F . 2.94 31.84 -15.69
O2 PLC F . -0.37 28.84 -16.28
O3 PLC F . 2.21 29.72 -15.23
O1P PLC F . 1.11 25.78 -20.68
O2P PLC F . -0.60 27.56 -21.06
O3P PLC F . 1.37 27.94 -19.36
O4P PLC F . 1.82 27.96 -22.01
N PLC F . 3.68 30.13 -24.05
P PLC F . 0.93 27.25 -20.77
C' PLC G . 7.74 41.33 1.22
C1' PLC G . 7.49 40.80 2.64
C2' PLC G . 8.12 41.64 3.81
C3' PLC G . 7.06 42.26 4.78
C4' PLC G . 7.76 43.12 5.89
C5' PLC G . 6.92 44.34 6.44
C6' PLC G . 7.54 45.00 7.72
C7' PLC G . 6.66 46.13 8.32
C8' PLC G . 7.39 47.00 9.39
C9' PLC G . 7.10 48.49 9.14
CA' PLC G . 7.69 49.48 10.18
CB' PLC G . 7.06 50.90 10.02
CB PLC G . 0.65 39.45 0.34
C1B PLC G . 1.43 40.76 0.26
C2B PLC G . 1.25 41.57 1.58
C3B PLC G . 1.98 42.93 1.58
C4B PLC G . 2.25 43.37 3.04
C5B PLC G . 3.11 44.66 3.16
C6B PLC G . 3.53 44.93 4.62
C7B PLC G . 2.71 46.06 5.27
C8B PLC G . 3.62 47.05 6.04
C9B PLC G . 2.83 48.14 6.83
CAA PLC G . 3.84 49.04 7.58
CBA PLC G . 3.22 50.31 8.18
C' PLC H . 2.82 36.84 -7.23
C1' PLC H . 3.09 35.94 -8.42
C2' PLC H . 2.10 36.27 -9.55
C3' PLC H . 2.38 35.40 -10.77
C4' PLC H . 1.22 35.51 -11.76
C5' PLC H . 1.57 34.83 -13.09
C6' PLC H . 0.40 34.97 -14.06
C7' PLC H . 0.83 34.56 -15.47
C8' PLC H . -0.35 34.26 -16.41
C9' PLC H . 0.13 33.81 -17.80
CA' PLC H . -1.05 33.61 -18.78
CB' PLC H . -0.66 32.77 -20.00
CL CL I . -2.48 -6.80 -23.75
CL CL J . 6.82 -11.32 -41.98
CL CL K . 12.08 -2.63 -40.23
NA NA L . -9.96 -17.87 -32.42
C1 LMT M . 2.10 12.36 1.41
C2 LMT M . 3.01 12.32 2.71
C3 LMT M . 3.26 13.75 3.34
C4 LMT M . 4.48 13.78 4.27
C5 LMT M . 4.82 15.20 4.82
C6 LMT M . 6.26 15.24 5.33
C7 LMT M . 6.59 16.57 6.00
C8 LMT M . 8.12 16.74 6.24
C9 LMT M . 8.45 17.44 7.60
C10 LMT M . 9.88 18.07 7.65
C11 LMT M . 9.99 19.07 8.82
C12 LMT M . 11.41 19.41 9.25
C' PLC N . 30.97 27.73 3.21
C1' PLC N . 31.08 28.11 4.68
C2' PLC N . 29.99 29.17 5.01
C3' PLC N . 29.91 29.67 6.48
C4' PLC N . 28.89 30.83 6.52
C5' PLC N . 29.36 32.00 7.41
C6' PLC N . 29.18 33.45 6.82
C7' PLC N . 29.44 34.50 7.95
C8' PLC N . 29.35 36.03 7.61
C9' PLC N . 30.10 36.82 8.71
CA' PLC N . 30.20 38.34 8.47
CB' PLC N . 31.24 39.09 9.37
CB PLC N . 30.28 26.25 -1.63
C1B PLC N . 30.12 27.75 -1.63
C2B PLC N . 29.61 28.29 -0.27
C3B PLC N . 29.46 29.82 -0.36
C4B PLC N . 29.20 30.46 1.02
C5B PLC N . 29.54 31.98 1.02
C6B PLC N . 29.38 32.57 2.45
C7B PLC N . 30.09 33.94 2.60
C8B PLC N . 29.09 35.11 2.48
C9B PLC N . 29.78 36.50 2.29
CAA PLC N . 29.91 37.29 3.62
CBA PLC N . 30.37 38.73 3.41
CL CL O . -7.66 -10.70 -29.06
OXT FUM P . 7.25 -4.49 -28.15
C FUM P . 6.76 -4.82 -29.21
O FUM P . 7.29 -4.33 -30.34
C4 FUM P . 5.65 -5.77 -29.48
C5 FUM P . 4.95 -6.36 -28.50
C6 FUM P . 3.88 -7.33 -28.85
O7 FUM P . 3.53 -7.75 -29.94
O8 FUM P . 3.28 -7.79 -27.75
OXT FUM Q . -21.85 3.43 -22.40
C FUM Q . -20.97 2.57 -21.93
O FUM Q . -19.94 2.97 -21.46
C4 FUM Q . -21.42 1.19 -22.08
C5 FUM Q . -20.65 0.19 -21.65
C6 FUM Q . -21.12 -1.21 -21.81
O7 FUM Q . -20.20 -2.05 -21.31
O8 FUM Q . -22.17 -1.64 -22.33
NA NA R . 13.71 30.83 21.59
C1 PLC S . -24.90 21.22 8.42
C2 PLC S . -23.51 21.69 8.93
C3 PLC S . -23.17 23.20 8.78
C4 PLC S . -27.57 22.44 4.14
C5 PLC S . -27.82 23.95 4.49
C6 PLC S . -29.22 26.11 4.32
C7 PLC S . -28.02 25.29 2.32
C8 PLC S . -30.04 24.12 3.15
C' PLC S . -23.88 21.68 11.52
C1' PLC S . -22.94 22.53 12.39
C2' PLC S . -22.23 21.67 13.45
C3' PLC S . -20.70 21.85 13.47
C4' PLC S . -20.22 22.99 14.37
C5' PLC S . -18.67 23.01 14.47
C6' PLC S . -18.16 24.28 15.21
C7' PLC S . -16.69 24.19 15.71
CB PLC S . -21.36 24.66 9.53
C1B PLC S . -19.86 24.77 9.67
C2B PLC S . -19.46 24.59 11.14
C3B PLC S . -18.50 25.69 11.66
C4B PLC S . -17.05 25.40 11.26
C5B PLC S . -16.03 26.06 12.19
C6B PLC S . -15.36 27.21 11.46
C7B PLC S . -14.16 27.70 12.27
O' PLC S . -25.05 21.38 11.79
OB PLC S . -22.17 25.52 9.84
O2 PLC S . -23.27 21.22 10.32
O3 PLC S . -21.76 23.44 8.97
O1P PLC S . -26.81 19.70 6.14
O2P PLC S . -27.60 21.83 7.16
O3P PLC S . -25.04 21.36 7.00
O4P PLC S . -26.41 21.94 4.81
N PLC S . -28.76 24.85 3.60
P PLC S . -26.48 21.13 6.28
C' PLC T . -10.09 34.31 21.92
C1' PLC T . -8.62 34.67 21.68
C2' PLC T . -8.04 35.32 22.95
C3' PLC T . -6.50 35.45 22.98
C4' PLC T . -5.91 35.06 24.38
C5' PLC T . -6.27 35.99 25.61
C6' PLC T . -5.02 36.65 26.32
C7' PLC T . -5.36 37.25 27.73
C8' PLC T . -4.15 37.78 28.53
C9' PLC T . -4.62 38.88 29.51
CA' PLC T . -3.44 39.65 30.19
CB' PLC T . -3.87 40.58 31.37
CB PLC T . -11.61 31.29 22.99
C1B PLC T . -11.69 31.48 24.49
C2B PLC T . -10.70 32.58 24.94
C3B PLC T . -10.86 32.92 26.44
C4B PLC T . -9.76 33.91 26.89
C5B PLC T . -9.59 33.86 28.42
C6B PLC T . -8.54 34.87 28.94
C7B PLC T . -8.61 34.99 30.49
C8B PLC T . -7.92 36.28 30.93
C9B PLC T . -8.31 36.75 32.35
CAA PLC T . -7.86 38.21 32.49
CBA PLC T . -7.55 38.63 33.92
C' PLC U . -17.01 28.61 18.03
C1' PLC U . -17.61 28.61 16.63
C2' PLC U . -18.83 27.65 16.57
C3' PLC U . -19.68 27.87 15.31
C4' PLC U . -20.96 26.99 15.35
C5' PLC U . -21.80 27.06 14.05
C6' PLC U . -23.07 26.19 14.17
C7' PLC U . -23.92 26.19 12.87
C8' PLC U . -25.19 25.32 12.99
C9' PLC U . -25.88 25.02 11.65
CA' PLC U . -27.32 24.50 11.86
CB' PLC U . -27.99 23.98 10.57
CL CL V . -19.38 -5.44 -14.49
NA NA W . -25.60 -18.24 -20.88
C1 LMT X . -1.40 9.80 6.84
C2 LMT X . -0.02 10.57 7.18
C3 LMT X . -0.17 11.92 7.99
C4 LMT X . 1.18 12.68 8.18
C5 LMT X . 1.03 14.25 8.35
C6 LMT X . 2.37 14.95 8.78
C7 LMT X . 2.32 16.52 8.77
C8 LMT X . 3.69 17.09 9.25
C9 LMT X . 3.97 18.56 8.85
C10 LMT X . 5.32 19.09 9.36
C11 LMT X . 5.14 20.61 9.71
C12 LMT X . 6.45 21.36 10.08
CL CL Y . -24.24 -11.53 -16.59
C1 PLC Z . -10.48 -1.09 31.43
C2 PLC Z . -9.24 -0.51 32.17
C3 PLC Z . -9.43 0.89 32.77
C4 PLC Z . -14.40 -1.89 32.89
C5 PLC Z . -15.03 -1.87 34.33
C6 PLC Z . -16.97 -2.14 35.99
C7 PLC Z . -17.31 -0.71 34.01
C8 PLC Z . -17.19 -3.20 33.79
C' PLC Z . -7.43 -1.89 33.18
C1' PLC Z . -6.38 -1.05 33.93
C2' PLC Z . -5.23 -0.56 33.03
C3' PLC Z . -4.41 0.48 33.79
C4' PLC Z . -3.45 1.24 32.87
C5' PLC Z . -3.02 2.57 33.50
C6' PLC Z . -1.98 3.29 32.62
C7' PLC Z . -1.29 4.47 33.33
CB PLC Z . -8.05 2.85 32.86
C1B PLC Z . -7.30 3.78 31.99
C2B PLC Z . -6.01 4.28 32.62
C3B PLC Z . -5.71 5.59 31.95
C4B PLC Z . -4.32 6.06 32.28
C5B PLC Z . -4.30 7.57 32.61
C6B PLC Z . -4.16 8.43 31.36
C7B PLC Z . -3.91 9.86 31.77
O' PLC Z . -7.27 -2.99 32.65
OB PLC Z . -8.17 2.90 34.06
O2 PLC Z . -8.74 -1.34 33.23
O3 PLC Z . -8.65 1.87 32.11
O1P PLC Z . -12.72 -4.13 31.64
O2P PLC Z . -11.44 -3.76 33.73
O3P PLC Z . -10.72 -2.50 31.58
O4P PLC Z . -12.99 -1.82 32.93
N PLC Z . -16.60 -1.98 34.52
P PLC Z . -12.01 -3.07 32.42
C' PLC AA . 4.16 17.98 37.90
C1' PLC AA . 5.58 18.47 37.61
C2' PLC AA . 5.69 20.00 37.86
C3' PLC AA . 7.12 20.53 37.60
C4' PLC AA . 8.09 20.51 38.85
C5' PLC AA . 9.01 21.77 38.94
C6' PLC AA . 10.01 21.75 40.15
C7' PLC AA . 10.75 23.10 40.26
C8' PLC AA . 11.74 23.21 41.43
C9' PLC AA . 11.85 24.67 41.96
CA' PLC AA . 12.94 24.89 43.05
CB' PLC AA . 12.47 24.55 44.47
CB PLC AA . 6.32 12.08 37.83
C1B PLC AA . 6.46 12.82 39.14
C2B PLC AA . 7.42 14.02 38.99
C3B PLC AA . 7.90 14.61 40.32
C4B PLC AA . 8.72 15.89 40.06
C5B PLC AA . 9.31 16.43 41.38
C6B PLC AA . 10.47 17.42 41.18
C7B PLC AA . 11.45 17.34 42.42
C8B PLC AA . 12.24 18.67 42.62
C9B PLC AA . 12.91 18.86 44.00
CAA PLC AA . 13.21 20.37 44.15
CBA PLC AA . 14.13 20.76 45.32
C' PLC BA . -1.27 9.15 36.08
C1' PLC BA . -2.20 8.00 35.65
C2' PLC BA . -2.44 6.94 36.77
C3' PLC BA . -3.57 5.98 36.32
C4' PLC BA . -3.71 4.69 37.16
C5' PLC BA . -4.95 3.91 36.65
C6' PLC BA . -5.22 2.61 37.42
C7' PLC BA . -6.58 2.01 36.94
C8' PLC BA . -6.86 0.61 37.53
C9' PLC BA . -8.24 0.08 37.08
CA' PLC BA . -8.42 -1.40 37.49
CB' PLC BA . -9.70 -2.01 36.91
CL CL CA . -18.43 -16.51 1.11
NA NA DA . -22.57 -30.02 -6.01
C1 LMT EA . 2.15 5.80 10.20
C2 LMT EA . 3.08 7.06 10.13
C3 LMT EA . 2.66 8.10 11.20
C4 LMT EA . 3.53 9.39 11.24
C5 LMT EA . 2.97 10.40 12.29
C6 LMT EA . 3.85 11.67 12.54
C7 LMT EA . 3.02 13.00 12.69
C8 LMT EA . 3.83 14.10 13.37
C9 LMT EA . 3.25 15.49 13.07
C10 LMT EA . 4.20 16.63 13.49
C11 LMT EA . 3.44 17.90 13.95
C12 LMT EA . 4.34 19.06 14.46
OXT FUM FA . -27.42 -10.20 3.16
C FUM FA . -28.10 -11.19 3.21
O FUM FA . -29.25 -11.17 3.93
C4 FUM FA . -27.87 -12.49 2.55
C5 FUM FA . -26.77 -12.72 1.82
C6 FUM FA . -26.51 -14.03 1.17
O7 FUM FA . -27.22 -15.05 1.14
O8 FUM FA . -25.33 -14.03 0.52
CL CL GA . -20.26 -24.51 -0.64
C1 LMT HA . 4.13 10.46 7.17
C2 LMT HA . 5.31 11.48 7.47
C3 LMT HA . 5.03 12.28 8.72
C4 LMT HA . 6.05 13.44 8.88
C5 LMT HA . 5.93 14.15 10.21
C6 LMT HA . 6.94 15.33 10.20
C7 LMT HA . 7.06 16.12 11.54
C8 LMT HA . 7.93 17.37 11.44
C9 LMT HA . 7.93 18.15 12.82
C10 LMT HA . 8.83 19.43 12.86
C11 LMT HA . 9.32 19.62 14.30
C12 LMT HA . 10.02 20.96 14.54
C1 PLC IA . 23.87 -10.04 21.99
C2 PLC IA . 24.17 -8.81 21.11
C3 PLC IA . 23.70 -7.45 21.67
C4 PLC IA . 23.33 -13.25 24.94
C5 PLC IA . 24.56 -14.06 25.43
C6 PLC IA . 24.81 -13.69 28.00
C7 PLC IA . 23.37 -15.57 27.16
C8 PLC IA . 25.85 -15.63 26.94
C' PLC IA . 26.05 -7.79 19.77
C1' PLC IA . 27.17 -6.87 20.24
C2' PLC IA . 27.54 -5.78 19.20
C3' PLC IA . 26.57 -4.60 19.23
C4' PLC IA . 27.26 -3.35 19.84
C5' PLC IA . 26.46 -2.07 19.56
C6' PLC IA . 27.01 -0.89 20.39
C7' PLC IA . 26.38 0.51 20.12
CB PLC IA . 24.47 -5.75 23.29
C1B PLC IA . 23.81 -4.66 22.42
C2B PLC IA . 24.54 -3.31 22.51
C3B PLC IA . 23.55 -2.15 22.58
C4B PLC IA . 24.20 -0.80 22.87
C5B PLC IA . 23.16 0.31 23.23
C6B PLC IA . 23.86 1.65 23.59
C7B PLC IA . 23.01 2.55 24.50
O' PLC IA . 25.55 -7.79 18.66
OB PLC IA . 25.07 -5.56 24.34
O2 PLC IA . 25.59 -8.72 20.75
O3 PLC IA . 24.36 -7.08 22.86
O1P PLC IA . 22.39 -13.53 21.91
O2P PLC IA . 24.85 -13.47 21.80
O3P PLC IA . 23.52 -11.29 21.36
O4P PLC IA . 23.71 -12.36 23.90
N PLC IA . 24.62 -14.71 26.86
P PLC IA . 23.56 -12.68 22.23
C' PLC JA . 28.27 4.14 25.40
C1' PLC JA . 27.91 3.26 24.22
C2' PLC JA . 28.91 2.08 24.09
C3' PLC JA . 28.22 0.72 24.30
C4' PLC JA . 29.13 -0.44 23.83
C5' PLC JA . 28.44 -1.79 24.05
C6' PLC JA . 29.15 -2.95 23.33
C7' PLC JA . 28.63 -4.30 23.87
C8' PLC JA . 29.30 -5.53 23.20
C9' PLC JA . 28.64 -6.87 23.65
CA' PLC JA . 29.44 -8.08 23.12
CB' PLC JA . 28.61 -9.36 23.21
CL CL KA . -1.21 -24.74 1.41
NA NA LA . -4.95 -37.15 -7.98
C1 LMT MA . 7.55 5.31 7.39
C2 LMT MA . 8.39 6.13 8.46
C3 LMT MA . 7.99 7.66 8.55
C4 LMT MA . 8.51 8.28 9.88
C5 LMT MA . 7.82 9.61 10.29
C6 LMT MA . 8.61 10.21 11.47
C7 LMT MA . 8.07 11.58 11.95
C8 LMT MA . 8.37 11.85 13.47
C9 LMT MA . 7.86 13.28 13.86
C10 LMT MA . 8.00 13.70 15.34
C11 LMT MA . 8.62 15.14 15.48
C12 LMT MA . 8.08 15.96 16.69
OXT FUM NA . -4.87 -26.36 11.64
C FUM NA . -4.62 -27.54 11.49
O FUM NA . -4.31 -28.28 12.56
C4 FUM NA . -4.66 -28.34 10.25
C5 FUM NA . -4.88 -27.75 9.07
C6 FUM NA . -4.92 -28.55 7.82
O7 FUM NA . -4.86 -29.79 7.67
O8 FUM NA . -5.08 -27.77 6.74
CL CL OA . -0.82 -31.67 -3.22
C' PLC PA . 28.81 13.67 27.46
C1' PLC PA . 28.03 14.95 27.11
C2' PLC PA . 28.61 16.22 27.80
C3' PLC PA . 28.68 17.43 26.85
C4' PLC PA . 30.09 18.17 26.86
C5' PLC PA . 30.02 19.65 27.37
C6' PLC PA . 31.13 20.66 26.93
C7' PLC PA . 31.89 21.23 28.13
C8' PLC PA . 32.23 22.71 28.01
C9' PLC PA . 33.31 23.02 29.06
CA' PLC PA . 33.88 24.46 29.09
CB' PLC PA . 35.18 24.53 29.92
CB PLC PA . 30.78 10.69 23.78
C1B PLC PA . 31.74 11.53 24.58
C2B PLC PA . 32.16 12.80 23.81
C3B PLC PA . 33.14 13.65 24.67
C4B PLC PA . 33.03 15.17 24.36
C5B PLC PA . 33.85 16.01 25.37
C6B PLC PA . 34.19 17.44 24.81
C7B PLC PA . 35.57 17.94 25.34
C8B PLC PA . 35.84 19.43 25.09
C9B PLC PA . 37.05 19.93 25.92
CAA PLC PA . 36.75 21.23 26.71
CBA PLC PA . 38.01 21.85 27.30
C1 PLC QA . 31.23 8.32 -9.39
C2 PLC QA . 30.71 9.70 -8.96
C3 PLC QA . 31.51 10.32 -7.80
C4 PLC QA . 33.58 5.33 -11.16
C5 PLC QA . 34.68 5.08 -10.09
C6 PLC QA . 36.94 4.96 -11.41
C7 PLC QA . 36.75 3.96 -9.18
C8 PLC QA . 35.61 2.88 -11.08
C' PLC QA . 29.71 11.32 -10.60
C1' PLC QA . 29.08 12.41 -9.71
C2' PLC QA . 29.34 13.83 -10.22
C3' PLC QA . 28.35 14.80 -9.58
C4' PLC QA . 28.95 15.53 -8.39
C5' PLC QA . 27.85 16.05 -7.45
C6' PLC QA . 28.45 17.06 -6.44
C7' PLC QA . 27.45 17.60 -5.40
CB PLC QA . 31.18 11.91 -6.05
C1B PLC QA . 30.15 12.39 -5.06
C2B PLC QA . 29.96 13.91 -5.14
C3B PLC QA . 28.95 14.37 -4.09
C4B PLC QA . 29.65 14.87 -2.83
C5B PLC QA . 28.67 15.61 -1.95
C6B PLC QA . 29.36 16.11 -0.69
C7B PLC QA . 28.30 16.67 0.26
O' PLC QA . 29.36 10.99 -11.73
OB PLC QA . 32.31 12.32 -6.17
O2 PLC QA . 30.82 10.66 -10.03
O3 PLC QA . 30.66 10.91 -6.83
O1P PLC QA . 30.25 5.80 -12.15
O2P PLC QA . 31.96 7.58 -12.45
O3P PLC QA . 30.47 7.61 -10.35
O4P PLC QA . 32.38 5.78 -10.56
N PLC QA . 35.97 4.25 -10.46
P PLC QA . 31.23 6.64 -11.40
C' PLC RA . 31.19 20.77 -0.70
C1' PLC RA . 30.39 20.11 -1.79
C2' PLC RA . 31.07 20.31 -3.17
C3' PLC RA . 30.77 19.16 -4.17
C4' PLC RA . 31.73 19.17 -5.39
C5' PLC RA . 32.10 17.73 -5.80
C6' PLC RA . 32.34 17.55 -7.32
C7' PLC RA . 32.59 16.07 -7.66
C8' PLC RA . 33.16 15.83 -9.09
C9' PLC RA . 33.11 14.33 -9.54
CA' PLC RA . 33.77 14.12 -10.93
CB' PLC RA . 33.74 12.65 -11.40
CL CL SA . 8.56 -18.53 -14.00
NA NA TA . 2.38 -29.24 -24.38
C1 LMT UA . 7.30 9.08 2.32
C2 LMT UA . 8.45 9.58 3.27
C3 LMT UA . 8.01 10.67 4.29
C4 LMT UA . 9.25 11.15 5.07
C5 LMT UA . 8.93 12.21 6.15
C6 LMT UA . 10.17 12.51 7.03
C7 LMT UA . 9.82 13.46 8.22
C8 LMT UA . 10.97 13.56 9.25
C9 LMT UA . 10.50 14.36 10.52
C10 LMT UA . 11.64 14.58 11.53
C11 LMT UA . 11.36 15.83 12.39
C12 LMT UA . 12.45 16.08 13.44
CL CL VA . 6.88 -23.12 -20.64
OXT FUM WA . 12.77 -23.96 -10.84
C FUM WA . 13.81 -24.66 -10.94
O FUM WA . 13.89 -25.68 -11.87
C4 FUM WA . 15.10 -24.57 -10.20
C5 FUM WA . 15.36 -23.71 -9.20
C6 FUM WA . 16.71 -23.74 -8.55
O7 FUM WA . 17.66 -24.46 -8.82
O8 FUM WA . 16.88 -22.84 -7.55
#